data_2P0F
# 
_entry.id   2P0F 
# 
_audit_conform.dict_name       mmcif_pdbx.dic 
_audit_conform.dict_version    5.377 
_audit_conform.dict_location   http://mmcif.pdb.org/dictionaries/ascii/mmcif_pdbx.dic 
# 
loop_
_database_2.database_id 
_database_2.database_code 
_database_2.pdbx_database_accession 
_database_2.pdbx_DOI 
PDB   2P0F         pdb_00002p0f 10.2210/pdb2p0f/pdb 
RCSB  RCSB041810   ?            ?                   
WWPDB D_1000041810 ?            ?                   
# 
loop_
_pdbx_database_related.db_name 
_pdbx_database_related.db_id 
_pdbx_database_related.details 
_pdbx_database_related.content_type 
PDB 2P0D . unspecified 
PDB 2P0H . unspecified 
# 
_pdbx_database_status.entry_id                        2P0F 
_pdbx_database_status.deposit_site                    RCSB 
_pdbx_database_status.process_site                    RCSB 
_pdbx_database_status.recvd_initial_deposition_date   2007-02-28 
_pdbx_database_status.status_code                     REL 
_pdbx_database_status.status_code_sf                  REL 
_pdbx_database_status.status_code_mr                  ? 
_pdbx_database_status.SG_entry                        ? 
_pdbx_database_status.pdb_format_compatible           Y 
_pdbx_database_status.status_code_cs                  ? 
_pdbx_database_status.methods_development_category    ? 
_pdbx_database_status.status_code_nmr_data            ? 
# 
loop_
_audit_author.name 
_audit_author.pdbx_ordinal 
'Ceccarelli, D.F.J.' 1 
'Blasutig, I.'       2 
'Goudreault, M.'     3 
'Ruston, J.'         4 
'Pawson, T.'         5 
'Sicheri, F.'        6 
# 
_citation.id                        primary 
_citation.title                     
'Non-canonical Interaction of Phosphoinositides with Pleckstrin Homology Domains of Tiam1 and ArhGAP9.' 
_citation.journal_abbrev            J.Biol.Chem. 
_citation.journal_volume            282 
_citation.page_first                13864 
_citation.page_last                 13874 
_citation.year                      2007 
_citation.journal_id_ASTM           JBCHA3 
_citation.country                   US 
_citation.journal_id_ISSN           0021-9258 
_citation.journal_id_CSD            0071 
_citation.book_publisher            ? 
_citation.pdbx_database_id_PubMed   17339315 
_citation.pdbx_database_id_DOI      10.1074/jbc.M700505200 
# 
loop_
_citation_author.citation_id 
_citation_author.name 
_citation_author.ordinal 
_citation_author.identifier_ORCID 
primary 'Ceccarelli, D.F.' 1 ? 
primary 'Blasutig, I.M.'   2 ? 
primary 'Goudreault, M.'   3 ? 
primary 'Li, Z.'           4 ? 
primary 'Ruston, J.'       5 ? 
primary 'Pawson, T.'       6 ? 
primary 'Sicheri, F.'      7 ? 
# 
_cell.entry_id           2P0F 
_cell.length_a           28.751 
_cell.length_b           36.601 
_cell.length_c           113.708 
_cell.angle_alpha        90.00 
_cell.angle_beta         90.00 
_cell.angle_gamma        90.00 
_cell.Z_PDB              4 
_cell.pdbx_unique_axis   ? 
_cell.length_a_esd       ? 
_cell.length_b_esd       ? 
_cell.length_c_esd       ? 
_cell.angle_alpha_esd    ? 
_cell.angle_beta_esd     ? 
_cell.angle_gamma_esd    ? 
# 
_symmetry.entry_id                         2P0F 
_symmetry.space_group_name_H-M             'P 21 21 21' 
_symmetry.pdbx_full_space_group_name_H-M   ? 
_symmetry.cell_setting                     ? 
_symmetry.Int_Tables_number                19 
_symmetry.space_group_name_Hall            ? 
# 
loop_
_entity.id 
_entity.type 
_entity.src_method 
_entity.pdbx_description 
_entity.formula_weight 
_entity.pdbx_number_of_molecules 
_entity.pdbx_ec 
_entity.pdbx_mutation 
_entity.pdbx_fragment 
_entity.details 
1 polymer     man 'Rho GTPase-activating protein 9' 14425.402 1  ? ? 'Pleckstrin homology domain' ? 
2 non-polymer syn 'PHOSPHATE ION'                   94.971    1  ? ? ?                            ? 
3 water       nat water                             18.015    48 ? ? ?                            ? 
# 
_entity_poly.entity_id                      1 
_entity_poly.type                           'polypeptide(L)' 
_entity_poly.nstd_linkage                   no 
_entity_poly.nstd_monomer                   no 
_entity_poly.pdbx_seq_one_letter_code       
;GSRRASVGSHEVEKSGLLNMTKIAQGGRKLRKNWGPSWVVLTGNSLVFYREPPPTAPSSGWGPAGSRPESSVDLRGAALA
HGRHLSSRRNVLHIRTIPGHEFLLQSDHETELRAWHRALRTVIERLVRW
;
_entity_poly.pdbx_seq_one_letter_code_can   
;GSRRASVGSHEVEKSGLLNMTKIAQGGRKLRKNWGPSWVVLTGNSLVFYREPPPTAPSSGWGPAGSRPESSVDLRGAALA
HGRHLSSRRNVLHIRTIPGHEFLLQSDHETELRAWHRALRTVIERLVRW
;
_entity_poly.pdbx_strand_id                 A 
_entity_poly.pdbx_target_identifier         ? 
# 
loop_
_entity_poly_seq.entity_id 
_entity_poly_seq.num 
_entity_poly_seq.mon_id 
_entity_poly_seq.hetero 
1 1   GLY n 
1 2   SER n 
1 3   ARG n 
1 4   ARG n 
1 5   ALA n 
1 6   SER n 
1 7   VAL n 
1 8   GLY n 
1 9   SER n 
1 10  HIS n 
1 11  GLU n 
1 12  VAL n 
1 13  GLU n 
1 14  LYS n 
1 15  SER n 
1 16  GLY n 
1 17  LEU n 
1 18  LEU n 
1 19  ASN n 
1 20  MET n 
1 21  THR n 
1 22  LYS n 
1 23  ILE n 
1 24  ALA n 
1 25  GLN n 
1 26  GLY n 
1 27  GLY n 
1 28  ARG n 
1 29  LYS n 
1 30  LEU n 
1 31  ARG n 
1 32  LYS n 
1 33  ASN n 
1 34  TRP n 
1 35  GLY n 
1 36  PRO n 
1 37  SER n 
1 38  TRP n 
1 39  VAL n 
1 40  VAL n 
1 41  LEU n 
1 42  THR n 
1 43  GLY n 
1 44  ASN n 
1 45  SER n 
1 46  LEU n 
1 47  VAL n 
1 48  PHE n 
1 49  TYR n 
1 50  ARG n 
1 51  GLU n 
1 52  PRO n 
1 53  PRO n 
1 54  PRO n 
1 55  THR n 
1 56  ALA n 
1 57  PRO n 
1 58  SER n 
1 59  SER n 
1 60  GLY n 
1 61  TRP n 
1 62  GLY n 
1 63  PRO n 
1 64  ALA n 
1 65  GLY n 
1 66  SER n 
1 67  ARG n 
1 68  PRO n 
1 69  GLU n 
1 70  SER n 
1 71  SER n 
1 72  VAL n 
1 73  ASP n 
1 74  LEU n 
1 75  ARG n 
1 76  GLY n 
1 77  ALA n 
1 78  ALA n 
1 79  LEU n 
1 80  ALA n 
1 81  HIS n 
1 82  GLY n 
1 83  ARG n 
1 84  HIS n 
1 85  LEU n 
1 86  SER n 
1 87  SER n 
1 88  ARG n 
1 89  ARG n 
1 90  ASN n 
1 91  VAL n 
1 92  LEU n 
1 93  HIS n 
1 94  ILE n 
1 95  ARG n 
1 96  THR n 
1 97  ILE n 
1 98  PRO n 
1 99  GLY n 
1 100 HIS n 
1 101 GLU n 
1 102 PHE n 
1 103 LEU n 
1 104 LEU n 
1 105 GLN n 
1 106 SER n 
1 107 ASP n 
1 108 HIS n 
1 109 GLU n 
1 110 THR n 
1 111 GLU n 
1 112 LEU n 
1 113 ARG n 
1 114 ALA n 
1 115 TRP n 
1 116 HIS n 
1 117 ARG n 
1 118 ALA n 
1 119 LEU n 
1 120 ARG n 
1 121 THR n 
1 122 VAL n 
1 123 ILE n 
1 124 GLU n 
1 125 ARG n 
1 126 LEU n 
1 127 VAL n 
1 128 ARG n 
1 129 TRP n 
# 
_entity_src_gen.entity_id                          1 
_entity_src_gen.pdbx_src_id                        1 
_entity_src_gen.pdbx_alt_source_flag               sample 
_entity_src_gen.pdbx_seq_type                      ? 
_entity_src_gen.pdbx_beg_seq_num                   ? 
_entity_src_gen.pdbx_end_seq_num                   ? 
_entity_src_gen.gene_src_common_name               human 
_entity_src_gen.gene_src_genus                     Homo 
_entity_src_gen.pdbx_gene_src_gene                 ARHGAP9 
_entity_src_gen.gene_src_species                   ? 
_entity_src_gen.gene_src_strain                    ? 
_entity_src_gen.gene_src_tissue                    ? 
_entity_src_gen.gene_src_tissue_fraction           ? 
_entity_src_gen.gene_src_details                   ? 
_entity_src_gen.pdbx_gene_src_fragment             ? 
_entity_src_gen.pdbx_gene_src_scientific_name      'Homo sapiens' 
_entity_src_gen.pdbx_gene_src_ncbi_taxonomy_id     9606 
_entity_src_gen.pdbx_gene_src_variant              ? 
_entity_src_gen.pdbx_gene_src_cell_line            ? 
_entity_src_gen.pdbx_gene_src_atcc                 ? 
_entity_src_gen.pdbx_gene_src_organ                ? 
_entity_src_gen.pdbx_gene_src_organelle            ? 
_entity_src_gen.pdbx_gene_src_cell                 ? 
_entity_src_gen.pdbx_gene_src_cellular_location    ? 
_entity_src_gen.host_org_common_name               ? 
_entity_src_gen.pdbx_host_org_scientific_name      'Escherichia coli' 
_entity_src_gen.pdbx_host_org_ncbi_taxonomy_id     562 
_entity_src_gen.host_org_genus                     Escherichia 
_entity_src_gen.pdbx_host_org_gene                 ? 
_entity_src_gen.pdbx_host_org_organ                ? 
_entity_src_gen.host_org_species                   ? 
_entity_src_gen.pdbx_host_org_tissue               ? 
_entity_src_gen.pdbx_host_org_tissue_fraction      ? 
_entity_src_gen.pdbx_host_org_strain               'BL21 codon plus' 
_entity_src_gen.pdbx_host_org_variant              ? 
_entity_src_gen.pdbx_host_org_cell_line            ? 
_entity_src_gen.pdbx_host_org_atcc                 ? 
_entity_src_gen.pdbx_host_org_culture_collection   ? 
_entity_src_gen.pdbx_host_org_cell                 ? 
_entity_src_gen.pdbx_host_org_organelle            ? 
_entity_src_gen.pdbx_host_org_cellular_location    ? 
_entity_src_gen.pdbx_host_org_vector_type          plasmid 
_entity_src_gen.pdbx_host_org_vector               ? 
_entity_src_gen.host_org_details                   ? 
_entity_src_gen.expression_system_id               ? 
_entity_src_gen.plasmid_name                       pGEX-2T 
_entity_src_gen.plasmid_details                    ? 
_entity_src_gen.pdbx_description                   ? 
# 
_struct_ref.id                         1 
_struct_ref.db_name                    UNP 
_struct_ref.db_code                    RHG09_HUMAN 
_struct_ref.pdbx_db_accession          Q9BRR9 
_struct_ref.entity_id                  1 
_struct_ref.pdbx_seq_one_letter_code   
;HEVEKSGLLNMTKIAQGGRKLRKNWGPSWVVLTGNSLVFYREPPPTAPSSGWGPAGSRPESSVDLRGAALAHGRHLSSRR
NVLHIRTIPGHEFLLQSDHETELRAWHRALRTVIERL
;
_struct_ref.pdbx_align_begin           321 
_struct_ref.pdbx_db_isoform            ? 
# 
_struct_ref_seq.align_id                      1 
_struct_ref_seq.ref_id                        1 
_struct_ref_seq.pdbx_PDB_id_code              2P0F 
_struct_ref_seq.pdbx_strand_id                A 
_struct_ref_seq.seq_align_beg                 10 
_struct_ref_seq.pdbx_seq_align_beg_ins_code   ? 
_struct_ref_seq.seq_align_end                 129 
_struct_ref_seq.pdbx_seq_align_end_ins_code   ? 
_struct_ref_seq.pdbx_db_accession             Q9BRR9 
_struct_ref_seq.db_align_beg                  321 
_struct_ref_seq.pdbx_db_align_beg_ins_code    ? 
_struct_ref_seq.db_align_end                  440 
_struct_ref_seq.pdbx_db_align_end_ins_code    ? 
_struct_ref_seq.pdbx_auth_seq_align_beg       321 
_struct_ref_seq.pdbx_auth_seq_align_end       440 
# 
loop_
_struct_ref_seq_dif.align_id 
_struct_ref_seq_dif.pdbx_pdb_id_code 
_struct_ref_seq_dif.mon_id 
_struct_ref_seq_dif.pdbx_pdb_strand_id 
_struct_ref_seq_dif.seq_num 
_struct_ref_seq_dif.pdbx_pdb_ins_code 
_struct_ref_seq_dif.pdbx_seq_db_name 
_struct_ref_seq_dif.pdbx_seq_db_accession_code 
_struct_ref_seq_dif.db_mon_id 
_struct_ref_seq_dif.pdbx_seq_db_seq_num 
_struct_ref_seq_dif.details 
_struct_ref_seq_dif.pdbx_auth_seq_num 
_struct_ref_seq_dif.pdbx_ordinal 
1 2P0F GLY A 1 ? UNP Q9BRR9 ? ? 'cloning artifact' 312 1 
1 2P0F SER A 2 ? UNP Q9BRR9 ? ? 'cloning artifact' 313 2 
1 2P0F ARG A 3 ? UNP Q9BRR9 ? ? 'cloning artifact' 314 3 
1 2P0F ARG A 4 ? UNP Q9BRR9 ? ? 'cloning artifact' 315 4 
1 2P0F ALA A 5 ? UNP Q9BRR9 ? ? 'cloning artifact' 316 5 
1 2P0F SER A 6 ? UNP Q9BRR9 ? ? 'cloning artifact' 317 6 
1 2P0F VAL A 7 ? UNP Q9BRR9 ? ? 'cloning artifact' 318 7 
1 2P0F GLY A 8 ? UNP Q9BRR9 ? ? 'cloning artifact' 319 8 
1 2P0F SER A 9 ? UNP Q9BRR9 ? ? 'cloning artifact' 320 9 
# 
loop_
_chem_comp.id 
_chem_comp.type 
_chem_comp.mon_nstd_flag 
_chem_comp.name 
_chem_comp.pdbx_synonyms 
_chem_comp.formula 
_chem_comp.formula_weight 
ALA 'L-peptide linking' y ALANINE         ? 'C3 H7 N O2'     89.093  
ARG 'L-peptide linking' y ARGININE        ? 'C6 H15 N4 O2 1' 175.209 
ASN 'L-peptide linking' y ASPARAGINE      ? 'C4 H8 N2 O3'    132.118 
ASP 'L-peptide linking' y 'ASPARTIC ACID' ? 'C4 H7 N O4'     133.103 
GLN 'L-peptide linking' y GLUTAMINE       ? 'C5 H10 N2 O3'   146.144 
GLU 'L-peptide linking' y 'GLUTAMIC ACID' ? 'C5 H9 N O4'     147.129 
GLY 'peptide linking'   y GLYCINE         ? 'C2 H5 N O2'     75.067  
HIS 'L-peptide linking' y HISTIDINE       ? 'C6 H10 N3 O2 1' 156.162 
HOH non-polymer         . WATER           ? 'H2 O'           18.015  
ILE 'L-peptide linking' y ISOLEUCINE      ? 'C6 H13 N O2'    131.173 
LEU 'L-peptide linking' y LEUCINE         ? 'C6 H13 N O2'    131.173 
LYS 'L-peptide linking' y LYSINE          ? 'C6 H15 N2 O2 1' 147.195 
MET 'L-peptide linking' y METHIONINE      ? 'C5 H11 N O2 S'  149.211 
PHE 'L-peptide linking' y PHENYLALANINE   ? 'C9 H11 N O2'    165.189 
PO4 non-polymer         . 'PHOSPHATE ION' ? 'O4 P -3'        94.971  
PRO 'L-peptide linking' y PROLINE         ? 'C5 H9 N O2'     115.130 
SER 'L-peptide linking' y SERINE          ? 'C3 H7 N O3'     105.093 
THR 'L-peptide linking' y THREONINE       ? 'C4 H9 N O3'     119.119 
TRP 'L-peptide linking' y TRYPTOPHAN      ? 'C11 H12 N2 O2'  204.225 
TYR 'L-peptide linking' y TYROSINE        ? 'C9 H11 N O3'    181.189 
VAL 'L-peptide linking' y VALINE          ? 'C5 H11 N O2'    117.146 
# 
_exptl.entry_id          2P0F 
_exptl.method            'X-RAY DIFFRACTION' 
_exptl.crystals_number   1 
# 
_exptl_crystal.id                    1 
_exptl_crystal.density_meas          ? 
_exptl_crystal.density_Matthews      2.12 
_exptl_crystal.density_percent_sol   42.11 
_exptl_crystal.description           ? 
_exptl_crystal.F_000                 ? 
_exptl_crystal.preparation           ? 
# 
_exptl_crystal_grow.crystal_id      1 
_exptl_crystal_grow.method          'VAPOR DIFFUSION, HANGING DROP' 
_exptl_crystal_grow.temp            298 
_exptl_crystal_grow.temp_details    ? 
_exptl_crystal_grow.pH              7.0 
_exptl_crystal_grow.pdbx_details    
'20% PEG4000, 100mM HEPES, 5% glycerol, 5mM DTT, pH 7.0, VAPOR DIFFUSION, HANGING DROP, temperature 298K' 
_exptl_crystal_grow.pdbx_pH_range   . 
# 
_diffrn.id                     1 
_diffrn.ambient_temp           100 
_diffrn.ambient_temp_details   ? 
_diffrn.crystal_id             1 
# 
_diffrn_detector.diffrn_id              1 
_diffrn_detector.detector               CCD 
_diffrn_detector.type                   'ADSC QUANTUM 315' 
_diffrn_detector.pdbx_collection_date   2004-03-18 
_diffrn_detector.details                'bent-flat Si-mirror (Rh coated)' 
# 
_diffrn_radiation.diffrn_id                        1 
_diffrn_radiation.wavelength_id                    1 
_diffrn_radiation.pdbx_monochromatic_or_laue_m_l   M 
_diffrn_radiation.monochromator                    'Si (111) double-crystal' 
_diffrn_radiation.pdbx_diffrn_protocol             'SINGLE WAVELENGTH' 
_diffrn_radiation.pdbx_scattering_type             x-ray 
# 
_diffrn_radiation_wavelength.id           1 
_diffrn_radiation_wavelength.wavelength   0.90020 
_diffrn_radiation_wavelength.wt           1.0 
# 
_diffrn_source.diffrn_id                   1 
_diffrn_source.source                      SYNCHROTRON 
_diffrn_source.type                        'APS BEAMLINE 14-BM-C' 
_diffrn_source.pdbx_synchrotron_site       APS 
_diffrn_source.pdbx_synchrotron_beamline   14-BM-C 
_diffrn_source.pdbx_wavelength             ? 
_diffrn_source.pdbx_wavelength_list        0.90020 
# 
_reflns.entry_id                     2P0F 
_reflns.observed_criterion_sigma_I   ? 
_reflns.observed_criterion_sigma_F   ? 
_reflns.d_resolution_low             25.000 
_reflns.d_resolution_high            1.900 
_reflns.number_obs                   9223 
_reflns.number_all                   ? 
_reflns.percent_possible_obs         93.100 
_reflns.pdbx_Rmerge_I_obs            0.055 
_reflns.pdbx_Rsym_value              ? 
_reflns.pdbx_netI_over_sigmaI        18.400 
_reflns.B_iso_Wilson_estimate        ? 
_reflns.pdbx_redundancy              5.8 
_reflns.R_free_details               ? 
_reflns.limit_h_max                  ? 
_reflns.limit_h_min                  ? 
_reflns.limit_k_max                  ? 
_reflns.limit_k_min                  ? 
_reflns.limit_l_max                  ? 
_reflns.limit_l_min                  ? 
_reflns.observed_criterion_F_max     ? 
_reflns.observed_criterion_F_min     ? 
_reflns.pdbx_chi_squared             ? 
_reflns.pdbx_scaling_rejects         ? 
_reflns.pdbx_diffrn_id               1 
_reflns.pdbx_ordinal                 1 
# 
loop_
_reflns_shell.d_res_high 
_reflns_shell.d_res_low 
_reflns_shell.percent_possible_all 
_reflns_shell.Rmerge_I_obs 
_reflns_shell.pdbx_Rsym_value 
_reflns_shell.meanI_over_sigI_obs 
_reflns_shell.pdbx_redundancy 
_reflns_shell.percent_possible_obs 
_reflns_shell.number_unique_all 
_reflns_shell.number_measured_all 
_reflns_shell.number_measured_obs 
_reflns_shell.number_unique_obs 
_reflns_shell.pdbx_chi_squared 
_reflns_shell.pdbx_diffrn_id 
_reflns_shell.pdbx_ordinal 
1.90 1.97  91.30 0.291 ? ? ? ? ? ? ? ? ? ? 1  
1.97 2.05  89.20 0.224 ? ? ? ? ? ? ? ? ? ? 2  
2.05 2.14  92.00 0.157 ? ? ? ? ? ? ? ? ? ? 3  
2.14 2.25  91.00 0.124 ? ? ? ? ? ? ? ? ? ? 4  
2.25 2.39  93.00 0.107 ? ? ? ? ? ? ? ? ? ? 5  
2.39 2.58  92.40 0.092 ? ? ? ? ? ? ? ? ? ? 6  
2.58 2.84  92.60 0.070 ? ? ? ? ? ? ? ? ? ? 7  
2.84 3.25  96.80 0.049 ? ? ? ? ? ? ? ? ? ? 8  
3.25 4.09  99.10 0.035 ? ? ? ? ? ? ? ? ? ? 9  
4.09 25.00 93.10 0.029 ? ? ? ? ? ? ? ? ? ? 10 
# 
_refine.entry_id                                 2P0F 
_refine.ls_number_reflns_obs                     8744 
_refine.ls_number_reflns_all                     ? 
_refine.pdbx_ls_sigma_I                          ? 
_refine.pdbx_ls_sigma_F                          ? 
_refine.pdbx_data_cutoff_high_absF               ? 
_refine.pdbx_data_cutoff_low_absF                ? 
_refine.pdbx_data_cutoff_high_rms_absF           ? 
_refine.ls_d_res_low                             20.00 
_refine.ls_d_res_high                            1.91 
_refine.ls_percent_reflns_obs                    92.85 
_refine.ls_R_factor_obs                          0.21028 
_refine.ls_R_factor_all                          ? 
_refine.ls_R_factor_R_work                       0.20930 
_refine.ls_R_factor_R_free                       0.23014 
_refine.ls_R_factor_R_free_error                 ? 
_refine.ls_R_factor_R_free_error_details         ? 
_refine.ls_percent_reflns_R_free                 4.8 
_refine.ls_number_reflns_R_free                  438 
_refine.ls_number_parameters                     ? 
_refine.ls_number_restraints                     ? 
_refine.occupancy_min                            ? 
_refine.occupancy_max                            ? 
_refine.correlation_coeff_Fo_to_Fc               0.932 
_refine.correlation_coeff_Fo_to_Fc_free          0.919 
_refine.B_iso_mean                               20.745 
_refine.aniso_B[1][1]                            -0.66 
_refine.aniso_B[2][2]                            1.46 
_refine.aniso_B[3][3]                            -0.79 
_refine.aniso_B[1][2]                            0.00 
_refine.aniso_B[1][3]                            0.00 
_refine.aniso_B[2][3]                            0.00 
_refine.solvent_model_details                    MASK 
_refine.solvent_model_param_ksol                 ? 
_refine.solvent_model_param_bsol                 ? 
_refine.pdbx_solvent_vdw_probe_radii             1.40 
_refine.pdbx_solvent_ion_probe_radii             0.80 
_refine.pdbx_solvent_shrinkage_radii             0.80 
_refine.pdbx_ls_cross_valid_method               THROUGHOUT 
_refine.details                                  'HYDROGENS HAVE BEEN ADDED IN THE RIDING POSITIONS' 
_refine.pdbx_starting_model                      'pdb entry 1DRO' 
_refine.pdbx_method_to_determine_struct          'MOLECULAR REPLACEMENT' 
_refine.pdbx_isotropic_thermal_model             ? 
_refine.pdbx_stereochemistry_target_values       'MAXIMUM LIKELIHOOD' 
_refine.pdbx_stereochem_target_val_spec_case     ? 
_refine.pdbx_R_Free_selection_details            RANDOM 
_refine.pdbx_overall_ESU_R                       0.188 
_refine.pdbx_overall_ESU_R_Free                  0.153 
_refine.overall_SU_ML                            0.068 
_refine.overall_SU_B                             2.169 
_refine.ls_redundancy_reflns_obs                 ? 
_refine.B_iso_min                                ? 
_refine.B_iso_max                                ? 
_refine.overall_SU_R_Cruickshank_DPI             ? 
_refine.overall_SU_R_free                        ? 
_refine.ls_wR_factor_R_free                      ? 
_refine.ls_wR_factor_R_work                      ? 
_refine.overall_FOM_free_R_set                   ? 
_refine.overall_FOM_work_R_set                   ? 
_refine.pdbx_refine_id                           'X-RAY DIFFRACTION' 
_refine.pdbx_diffrn_id                           1 
_refine.pdbx_TLS_residual_ADP_flag               ? 
_refine.pdbx_overall_phase_error                 ? 
_refine.pdbx_overall_SU_R_free_Cruickshank_DPI   ? 
_refine.pdbx_overall_SU_R_Blow_DPI               ? 
_refine.pdbx_overall_SU_R_free_Blow_DPI          ? 
# 
_refine_hist.pdbx_refine_id                   'X-RAY DIFFRACTION' 
_refine_hist.cycle_id                         LAST 
_refine_hist.pdbx_number_atoms_protein        927 
_refine_hist.pdbx_number_atoms_nucleic_acid   0 
_refine_hist.pdbx_number_atoms_ligand         5 
_refine_hist.number_atoms_solvent             48 
_refine_hist.number_atoms_total               980 
_refine_hist.d_res_high                       1.91 
_refine_hist.d_res_low                        20.00 
# 
loop_
_refine_ls_restr.type 
_refine_ls_restr.dev_ideal 
_refine_ls_restr.dev_ideal_target 
_refine_ls_restr.weight 
_refine_ls_restr.number 
_refine_ls_restr.pdbx_refine_id 
_refine_ls_restr.pdbx_restraint_function 
r_bond_refined_d             0.017  0.021  ? 956  'X-RAY DIFFRACTION' ? 
r_bond_other_d               ?      ?      ? ?    'X-RAY DIFFRACTION' ? 
r_angle_refined_deg          1.680  1.947  ? 1299 'X-RAY DIFFRACTION' ? 
r_angle_other_deg            ?      ?      ? ?    'X-RAY DIFFRACTION' ? 
r_dihedral_angle_1_deg       5.971  5.000  ? 118  'X-RAY DIFFRACTION' ? 
r_dihedral_angle_2_deg       26.551 21.220 ? 41   'X-RAY DIFFRACTION' ? 
r_dihedral_angle_3_deg       13.833 15.000 ? 154  'X-RAY DIFFRACTION' ? 
r_dihedral_angle_4_deg       21.242 15.000 ? 11   'X-RAY DIFFRACTION' ? 
r_chiral_restr               0.119  0.200  ? 140  'X-RAY DIFFRACTION' ? 
r_gen_planes_refined         0.008  0.020  ? 727  'X-RAY DIFFRACTION' ? 
r_gen_planes_other           ?      ?      ? ?    'X-RAY DIFFRACTION' ? 
r_nbd_refined                0.220  0.200  ? 395  'X-RAY DIFFRACTION' ? 
r_nbd_other                  ?      ?      ? ?    'X-RAY DIFFRACTION' ? 
r_nbtor_refined              0.300  0.200  ? 647  'X-RAY DIFFRACTION' ? 
r_nbtor_other                ?      ?      ? ?    'X-RAY DIFFRACTION' ? 
r_xyhbond_nbd_refined        0.176  0.200  ? 39   'X-RAY DIFFRACTION' ? 
r_xyhbond_nbd_other          ?      ?      ? ?    'X-RAY DIFFRACTION' ? 
r_metal_ion_refined          ?      ?      ? ?    'X-RAY DIFFRACTION' ? 
r_metal_ion_other            ?      ?      ? ?    'X-RAY DIFFRACTION' ? 
r_symmetry_vdw_refined       0.245  0.200  ? 46   'X-RAY DIFFRACTION' ? 
r_symmetry_vdw_other         ?      ?      ? ?    'X-RAY DIFFRACTION' ? 
r_symmetry_hbond_refined     0.284  0.200  ? 9    'X-RAY DIFFRACTION' ? 
r_symmetry_hbond_other       ?      ?      ? ?    'X-RAY DIFFRACTION' ? 
r_symmetry_metal_ion_refined ?      ?      ? ?    'X-RAY DIFFRACTION' ? 
r_symmetry_metal_ion_other   ?      ?      ? ?    'X-RAY DIFFRACTION' ? 
r_mcbond_it                  1.844  1.500  ? 613  'X-RAY DIFFRACTION' ? 
r_mcbond_other               ?      ?      ? ?    'X-RAY DIFFRACTION' ? 
r_mcangle_it                 2.023  2.000  ? 948  'X-RAY DIFFRACTION' ? 
r_scbond_it                  3.248  3.000  ? 399  'X-RAY DIFFRACTION' ? 
r_scangle_it                 5.251  4.500  ? 351  'X-RAY DIFFRACTION' ? 
r_rigid_bond_restr           ?      ?      ? ?    'X-RAY DIFFRACTION' ? 
r_sphericity_free            ?      ?      ? ?    'X-RAY DIFFRACTION' ? 
r_sphericity_bonded          ?      ?      ? ?    'X-RAY DIFFRACTION' ? 
# 
_refine_ls_shell.pdbx_total_number_of_bins_used   20 
_refine_ls_shell.d_res_high                       1.910 
_refine_ls_shell.d_res_low                        1.957 
_refine_ls_shell.number_reflns_R_work             583 
_refine_ls_shell.R_factor_R_work                  0.196 
_refine_ls_shell.percent_reflns_obs               86.85 
_refine_ls_shell.R_factor_R_free                  0.271 
_refine_ls_shell.R_factor_R_free_error            ? 
_refine_ls_shell.percent_reflns_R_free            ? 
_refine_ls_shell.number_reflns_R_free             31 
_refine_ls_shell.number_reflns_all                ? 
_refine_ls_shell.R_factor_all                     ? 
_refine_ls_shell.redundancy_reflns_obs            ? 
_refine_ls_shell.number_reflns_obs                ? 
_refine_ls_shell.pdbx_refine_id                   'X-RAY DIFFRACTION' 
# 
_struct.entry_id                  2P0F 
_struct.title                     'ArhGAP9 PH domain in complex with Ins(1,3,5)P3' 
_struct.pdbx_model_details        ? 
_struct.pdbx_CASP_flag            ? 
_struct.pdbx_model_type_details   ? 
# 
_struct_keywords.entry_id        2P0F 
_struct_keywords.pdbx_keywords   'LIGAND BINDING PROTEIN' 
_struct_keywords.text            'protein-phosphoinositide complex, pleckstrin homology domain, LIGAND BINDING PROTEIN' 
# 
loop_
_struct_asym.id 
_struct_asym.pdbx_blank_PDB_chainid_flag 
_struct_asym.pdbx_modified 
_struct_asym.entity_id 
_struct_asym.details 
A N N 1 ? 
B N N 2 ? 
C N N 3 ? 
# 
_struct_biol.id                    1 
_struct_biol.details               ? 
_struct_biol.pdbx_parent_biol_id   ? 
# 
loop_
_struct_conf.conf_type_id 
_struct_conf.id 
_struct_conf.pdbx_PDB_helix_id 
_struct_conf.beg_label_comp_id 
_struct_conf.beg_label_asym_id 
_struct_conf.beg_label_seq_id 
_struct_conf.pdbx_beg_PDB_ins_code 
_struct_conf.end_label_comp_id 
_struct_conf.end_label_asym_id 
_struct_conf.end_label_seq_id 
_struct_conf.pdbx_end_PDB_ins_code 
_struct_conf.beg_auth_comp_id 
_struct_conf.beg_auth_asym_id 
_struct_conf.beg_auth_seq_id 
_struct_conf.end_auth_comp_id 
_struct_conf.end_auth_asym_id 
_struct_conf.end_auth_seq_id 
_struct_conf.pdbx_PDB_helix_class 
_struct_conf.details 
_struct_conf.pdbx_PDB_helix_length 
HELX_P HELX_P1 1 ALA A 56  ? GLY A 60  ? ALA A 367 GLY A 371 5 ? 5  
HELX_P HELX_P2 2 HIS A 108 ? VAL A 127 ? HIS A 419 VAL A 438 1 ? 20 
# 
_struct_conf_type.id          HELX_P 
_struct_conf_type.criteria    ? 
_struct_conf_type.reference   ? 
# 
loop_
_struct_sheet.id 
_struct_sheet.type 
_struct_sheet.number_strands 
_struct_sheet.details 
A ? 5 ? 
B ? 5 ? 
# 
loop_
_struct_sheet_order.sheet_id 
_struct_sheet_order.range_id_1 
_struct_sheet_order.range_id_2 
_struct_sheet_order.offset 
_struct_sheet_order.sense 
A 1 2 ? anti-parallel 
A 2 3 ? anti-parallel 
A 3 4 ? anti-parallel 
A 4 5 ? anti-parallel 
B 1 2 ? anti-parallel 
B 2 3 ? anti-parallel 
B 3 4 ? anti-parallel 
B 4 5 ? anti-parallel 
# 
loop_
_struct_sheet_range.sheet_id 
_struct_sheet_range.id 
_struct_sheet_range.beg_label_comp_id 
_struct_sheet_range.beg_label_asym_id 
_struct_sheet_range.beg_label_seq_id 
_struct_sheet_range.pdbx_beg_PDB_ins_code 
_struct_sheet_range.end_label_comp_id 
_struct_sheet_range.end_label_asym_id 
_struct_sheet_range.end_label_seq_id 
_struct_sheet_range.pdbx_end_PDB_ins_code 
_struct_sheet_range.beg_auth_comp_id 
_struct_sheet_range.beg_auth_asym_id 
_struct_sheet_range.beg_auth_seq_id 
_struct_sheet_range.end_auth_comp_id 
_struct_sheet_range.end_auth_asym_id 
_struct_sheet_range.end_auth_seq_id 
A 1 ARG A 28  ? LYS A 29  ? ARG A 339 LYS A 340 
A 2 VAL A 12  ? GLN A 25  ? VAL A 323 GLN A 336 
A 3 GLY A 35  ? THR A 42  ? GLY A 346 THR A 353 
A 4 SER A 45  ? TYR A 49  ? SER A 356 TYR A 360 
A 5 SER A 70  ? ASP A 73  ? SER A 381 ASP A 384 
B 1 ARG A 28  ? LYS A 29  ? ARG A 339 LYS A 340 
B 2 VAL A 12  ? GLN A 25  ? VAL A 323 GLN A 336 
B 3 GLU A 101 ? GLN A 105 ? GLU A 412 GLN A 416 
B 4 VAL A 91  ? ARG A 95  ? VAL A 402 ARG A 406 
B 5 ALA A 78  ? HIS A 81  ? ALA A 389 HIS A 392 
# 
loop_
_pdbx_struct_sheet_hbond.sheet_id 
_pdbx_struct_sheet_hbond.range_id_1 
_pdbx_struct_sheet_hbond.range_id_2 
_pdbx_struct_sheet_hbond.range_1_label_atom_id 
_pdbx_struct_sheet_hbond.range_1_label_comp_id 
_pdbx_struct_sheet_hbond.range_1_label_asym_id 
_pdbx_struct_sheet_hbond.range_1_label_seq_id 
_pdbx_struct_sheet_hbond.range_1_PDB_ins_code 
_pdbx_struct_sheet_hbond.range_1_auth_atom_id 
_pdbx_struct_sheet_hbond.range_1_auth_comp_id 
_pdbx_struct_sheet_hbond.range_1_auth_asym_id 
_pdbx_struct_sheet_hbond.range_1_auth_seq_id 
_pdbx_struct_sheet_hbond.range_2_label_atom_id 
_pdbx_struct_sheet_hbond.range_2_label_comp_id 
_pdbx_struct_sheet_hbond.range_2_label_asym_id 
_pdbx_struct_sheet_hbond.range_2_label_seq_id 
_pdbx_struct_sheet_hbond.range_2_PDB_ins_code 
_pdbx_struct_sheet_hbond.range_2_auth_atom_id 
_pdbx_struct_sheet_hbond.range_2_auth_comp_id 
_pdbx_struct_sheet_hbond.range_2_auth_asym_id 
_pdbx_struct_sheet_hbond.range_2_auth_seq_id 
A 1 2 O ARG A 28  ? O ARG A 339 N GLN A 25  ? N GLN A 336 
A 2 3 N GLU A 13  ? N GLU A 324 O LEU A 41  ? O LEU A 352 
A 3 4 N TRP A 38  ? N TRP A 349 O TYR A 49  ? O TYR A 360 
A 4 5 N PHE A 48  ? N PHE A 359 O SER A 70  ? O SER A 381 
B 1 2 O ARG A 28  ? O ARG A 339 N GLN A 25  ? N GLN A 336 
B 2 3 N ILE A 23  ? N ILE A 334 O GLU A 101 ? O GLU A 412 
B 3 4 O PHE A 102 ? O PHE A 413 N ILE A 94  ? N ILE A 405 
B 4 5 O HIS A 93  ? O HIS A 404 N ALA A 80  ? N ALA A 391 
# 
_struct_site.id                   AC1 
_struct_site.pdbx_evidence_code   Software 
_struct_site.pdbx_auth_asym_id    A 
_struct_site.pdbx_auth_comp_id    PO4 
_struct_site.pdbx_auth_seq_id     101 
_struct_site.pdbx_auth_ins_code   ? 
_struct_site.pdbx_num_residues    6 
_struct_site.details              'BINDING SITE FOR RESIDUE PO4 A 101' 
# 
loop_
_struct_site_gen.id 
_struct_site_gen.site_id 
_struct_site_gen.pdbx_num_res 
_struct_site_gen.label_comp_id 
_struct_site_gen.label_asym_id 
_struct_site_gen.label_seq_id 
_struct_site_gen.pdbx_auth_ins_code 
_struct_site_gen.auth_comp_id 
_struct_site_gen.auth_asym_id 
_struct_site_gen.auth_seq_id 
_struct_site_gen.label_atom_id 
_struct_site_gen.label_alt_id 
_struct_site_gen.symmetry 
_struct_site_gen.details 
1 AC1 6 HOH C .  ? HOH A 34  . ? 1_555 ? 
2 AC1 6 LYS A 32 ? LYS A 343 . ? 1_555 ? 
3 AC1 6 TRP A 34 ? TRP A 345 . ? 1_555 ? 
4 AC1 6 SER A 86 ? SER A 397 . ? 1_555 ? 
5 AC1 6 SER A 87 ? SER A 398 . ? 1_555 ? 
6 AC1 6 ARG A 88 ? ARG A 399 . ? 1_555 ? 
# 
_atom_sites.entry_id                    2P0F 
_atom_sites.fract_transf_matrix[1][1]   -0.03276820 
_atom_sites.fract_transf_matrix[1][2]   0.00582890 
_atom_sites.fract_transf_matrix[1][3]   0.01009885 
_atom_sites.fract_transf_matrix[2][1]   0.00383076 
_atom_sites.fract_transf_matrix[2][2]   -0.01611290 
_atom_sites.fract_transf_matrix[2][3]   0.02172996 
_atom_sites.fract_transf_matrix[3][1]   0.00267797 
_atom_sites.fract_transf_matrix[3][2]   0.00694737 
_atom_sites.fract_transf_matrix[3][3]   0.00467942 
_atom_sites.fract_transf_vector[1]      -0.058257 
_atom_sites.fract_transf_vector[2]      -0.328609 
_atom_sites.fract_transf_vector[3]      0.123878 
# 
loop_
_atom_type.symbol 
C 
N 
O 
P 
S 
# 
loop_
_atom_site.group_PDB 
_atom_site.id 
_atom_site.type_symbol 
_atom_site.label_atom_id 
_atom_site.label_alt_id 
_atom_site.label_comp_id 
_atom_site.label_asym_id 
_atom_site.label_entity_id 
_atom_site.label_seq_id 
_atom_site.pdbx_PDB_ins_code 
_atom_site.Cartn_x 
_atom_site.Cartn_y 
_atom_site.Cartn_z 
_atom_site.occupancy 
_atom_site.B_iso_or_equiv 
_atom_site.pdbx_formal_charge 
_atom_site.auth_seq_id 
_atom_site.auth_comp_id 
_atom_site.auth_asym_id 
_atom_site.auth_atom_id 
_atom_site.pdbx_PDB_model_num 
ATOM   1   N N   . SER A 1 9   ? 3.001   -15.093 5.884   1.00 42.86 ? 320 SER A N   1 
ATOM   2   C CA  . SER A 1 9   ? 1.904   -15.911 5.285   1.00 42.48 ? 320 SER A CA  1 
ATOM   3   C C   . SER A 1 9   ? 0.940   -15.034 4.489   1.00 41.86 ? 320 SER A C   1 
ATOM   4   O O   . SER A 1 9   ? 1.002   -13.809 4.564   1.00 41.77 ? 320 SER A O   1 
ATOM   5   C CB  . SER A 1 9   ? 1.141   -16.684 6.371   1.00 42.59 ? 320 SER A CB  1 
ATOM   6   O OG  . SER A 1 9   ? 0.503   -15.807 7.286   1.00 43.90 ? 320 SER A OG  1 
ATOM   7   N N   . HIS A 1 10  ? 0.039   -15.669 3.743   1.00 41.09 ? 321 HIS A N   1 
ATOM   8   C CA  . HIS A 1 10  ? -0.968  -14.940 2.958   1.00 40.17 ? 321 HIS A CA  1 
ATOM   9   C C   . HIS A 1 10  ? -2.170  -14.404 3.753   1.00 38.62 ? 321 HIS A C   1 
ATOM   10  O O   . HIS A 1 10  ? -3.007  -13.686 3.196   1.00 38.94 ? 321 HIS A O   1 
ATOM   11  C CB  . HIS A 1 10  ? -1.488  -15.818 1.830   1.00 40.89 ? 321 HIS A CB  1 
ATOM   12  C CG  . HIS A 1 10  ? -0.421  -16.321 0.914   1.00 43.49 ? 321 HIS A CG  1 
ATOM   13  N ND1 . HIS A 1 10  ? 0.479   -15.484 0.291   1.00 46.06 ? 321 HIS A ND1 1 
ATOM   14  C CD2 . HIS A 1 10  ? -0.123  -17.576 0.498   1.00 45.56 ? 321 HIS A CD2 1 
ATOM   15  C CE1 . HIS A 1 10  ? 1.297   -16.203 -0.458  1.00 46.65 ? 321 HIS A CE1 1 
ATOM   16  N NE2 . HIS A 1 10  ? 0.950   -17.475 -0.354  1.00 46.98 ? 321 HIS A NE2 1 
ATOM   17  N N   . GLU A 1 11  ? -2.283  -14.773 5.029   1.00 36.00 ? 322 GLU A N   1 
ATOM   18  C CA  . GLU A 1 11  ? -3.346  -14.249 5.891   1.00 33.28 ? 322 GLU A CA  1 
ATOM   19  C C   . GLU A 1 11  ? -3.362  -12.722 5.782   1.00 30.16 ? 322 GLU A C   1 
ATOM   20  O O   . GLU A 1 11  ? -2.288  -12.109 5.784   1.00 29.63 ? 322 GLU A O   1 
ATOM   21  C CB  . GLU A 1 11  ? -3.096  -14.644 7.350   1.00 34.14 ? 322 GLU A CB  1 
ATOM   22  C CG  . GLU A 1 11  ? -3.266  -16.130 7.674   1.00 37.95 ? 322 GLU A CG  1 
ATOM   23  C CD  . GLU A 1 11  ? -3.143  -16.409 9.176   1.00 41.91 ? 322 GLU A CD  1 
ATOM   24  O OE1 . GLU A 1 11  ? -3.370  -15.479 9.992   1.00 44.44 ? 322 GLU A OE1 1 
ATOM   25  O OE2 . GLU A 1 11  ? -2.810  -17.557 9.544   1.00 44.81 ? 322 GLU A OE2 1 
ATOM   26  N N   . VAL A 1 12  ? -4.553  -12.125 5.695   1.00 26.17 ? 323 VAL A N   1 
ATOM   27  C CA  . VAL A 1 12  ? -4.690  -10.662 5.569   1.00 23.31 ? 323 VAL A CA  1 
ATOM   28  C C   . VAL A 1 12  ? -4.506  -9.940  6.897   1.00 22.56 ? 323 VAL A C   1 
ATOM   29  O O   . VAL A 1 12  ? -5.201  -10.245 7.874   1.00 20.90 ? 323 VAL A O   1 
ATOM   30  C CB  . VAL A 1 12  ? -6.041  -10.266 4.977   1.00 23.83 ? 323 VAL A CB  1 
ATOM   31  C CG1 . VAL A 1 12  ? -6.163  -8.769  4.933   1.00 21.28 ? 323 VAL A CG1 1 
ATOM   32  C CG2 . VAL A 1 12  ? -6.202  -10.853 3.572   1.00 25.08 ? 323 VAL A CG2 1 
ATOM   33  N N   . GLU A 1 13  ? -3.556  -9.011  6.930   1.00 20.76 ? 324 GLU A N   1 
ATOM   34  C CA  . GLU A 1 13  ? -3.299  -8.193  8.125   1.00 20.20 ? 324 GLU A CA  1 
ATOM   35  C C   . GLU A 1 13  ? -4.193  -6.963  8.216   1.00 18.59 ? 324 GLU A C   1 
ATOM   36  O O   . GLU A 1 13  ? -4.614  -6.553  9.323   1.00 18.72 ? 324 GLU A O   1 
ATOM   37  C CB  . GLU A 1 13  ? -1.858  -7.695  8.125   1.00 20.64 ? 324 GLU A CB  1 
ATOM   38  C CG  . GLU A 1 13  ? -0.854  -8.740  8.263   1.00 27.06 ? 324 GLU A CG  1 
ATOM   39  C CD  . GLU A 1 13  ? -0.699  -9.167  9.686   1.00 34.83 ? 324 GLU A CD  1 
ATOM   40  O OE1 . GLU A 1 13  ? -0.499  -8.288  10.556  1.00 39.44 ? 324 GLU A OE1 1 
ATOM   41  O OE2 . GLU A 1 13  ? -0.795  -10.381 9.925   1.00 39.36 ? 324 GLU A OE2 1 
ATOM   42  N N   . LYS A 1 14  ? -4.473  -6.350  7.073   1.00 16.27 ? 325 LYS A N   1 
ATOM   43  C CA  . LYS A 1 14  ? -5.211  -5.089  7.045   1.00 15.30 ? 325 LYS A CA  1 
ATOM   44  C C   . LYS A 1 14  ? -5.653  -4.861  5.603   1.00 15.63 ? 325 LYS A C   1 
ATOM   45  O O   . LYS A 1 14  ? -4.962  -5.278  4.695   1.00 14.98 ? 325 LYS A O   1 
ATOM   46  C CB  . LYS A 1 14  ? -4.328  -3.909  7.502   1.00 14.86 ? 325 LYS A CB  1 
ATOM   47  C CG  . LYS A 1 14  ? -5.113  -2.588  7.769   1.00 14.63 ? 325 LYS A CG  1 
ATOM   48  C CD  . LYS A 1 14  ? -4.220  -1.486  8.435   1.00 15.09 ? 325 LYS A CD  1 
ATOM   49  C CE  . LYS A 1 14  ? -4.992  -0.209  8.733   1.00 15.96 ? 325 LYS A CE  1 
ATOM   50  N NZ  . LYS A 1 14  ? -6.114  -0.444  9.735   1.00 16.77 ? 325 LYS A NZ  1 
ATOM   51  N N   . SER A 1 15  ? -6.801  -4.219  5.421   1.00 15.83 ? 326 SER A N   1 
ATOM   52  C CA  . SER A 1 15  ? -7.270  -3.812  4.101   1.00 15.63 ? 326 SER A CA  1 
ATOM   53  C C   . SER A 1 15  ? -8.066  -2.547  4.254   1.00 16.15 ? 326 SER A C   1 
ATOM   54  O O   . SER A 1 15  ? -8.530  -2.240  5.352   1.00 16.66 ? 326 SER A O   1 
ATOM   55  C CB  . SER A 1 15  ? -8.122  -4.916  3.445   1.00 17.47 ? 326 SER A CB  1 
ATOM   56  O OG  . SER A 1 15  ? -9.272  -5.157  4.231   1.00 19.99 ? 326 SER A OG  1 
ATOM   57  N N   . GLY A 1 16  ? -8.164  -1.768  3.177   1.00 14.70 ? 327 GLY A N   1 
ATOM   58  C CA  . GLY A 1 16  ? -8.836  -0.482  3.250   1.00 14.97 ? 327 GLY A CA  1 
ATOM   59  C C   . GLY A 1 16  ? -8.608  0.306   1.989   1.00 14.82 ? 327 GLY A C   1 
ATOM   60  O O   . GLY A 1 16  ? -7.731  -0.017  1.171   1.00 13.80 ? 327 GLY A O   1 
ATOM   61  N N   . LEU A 1 17  ? -9.408  1.337   1.812   1.00 13.68 ? 328 LEU A N   1 
ATOM   62  C CA  . LEU A 1 17  ? -9.279  2.183   0.657   1.00 14.30 ? 328 LEU A CA  1 
ATOM   63  C C   . LEU A 1 17  ? -8.253  3.289   0.998   1.00 15.67 ? 328 LEU A C   1 
ATOM   64  O O   . LEU A 1 17  ? -8.362  3.939   2.067   1.00 14.91 ? 328 LEU A O   1 
ATOM   65  C CB  . LEU A 1 17  ? -10.637 2.777   0.278   1.00 15.67 ? 328 LEU A CB  1 
ATOM   66  C CG  . LEU A 1 17  ? -10.476 3.205   -1.166  1.00 18.37 ? 328 LEU A CG  1 
ATOM   67  C CD1 . LEU A 1 17  ? -10.987 2.134   -2.174  1.00 18.57 ? 328 LEU A CD1 1 
ATOM   68  C CD2 . LEU A 1 17  ? -11.059 4.520   -1.386  1.00 24.29 ? 328 LEU A CD2 1 
ATOM   69  N N   . LEU A 1 18  ? -7.236  3.459   0.142   1.00 13.87 ? 329 LEU A N   1 
ATOM   70  C CA  . LEU A 1 18  ? -6.271  4.567   0.320   1.00 14.57 ? 329 LEU A CA  1 
ATOM   71  C C   . LEU A 1 18  ? -6.094  5.268   -1.016  1.00 13.76 ? 329 LEU A C   1 
ATOM   72  O O   . LEU A 1 18  ? -6.383  4.683   -2.072  1.00 13.82 ? 329 LEU A O   1 
ATOM   73  C CB  . LEU A 1 18  ? -4.921  4.036   0.785   1.00 13.61 ? 329 LEU A CB  1 
ATOM   74  C CG  . LEU A 1 18  ? -4.842  3.439   2.221   1.00 13.17 ? 329 LEU A CG  1 
ATOM   75  C CD1 . LEU A 1 18  ? -3.467  2.808   2.387   1.00 13.60 ? 329 LEU A CD1 1 
ATOM   76  C CD2 . LEU A 1 18  ? -5.156  4.454   3.390   1.00 16.36 ? 329 LEU A CD2 1 
ATOM   77  N N   . ASN A 1 19  ? -5.681  6.535   -0.995  1.00 12.41 ? 330 ASN A N   1 
ATOM   78  C CA  . ASN A 1 19  ? -5.248  7.131   -2.235  1.00 12.98 ? 330 ASN A CA  1 
ATOM   79  C C   . ASN A 1 19  ? -3.830  6.637   -2.436  1.00 12.56 ? 330 ASN A C   1 
ATOM   80  O O   . ASN A 1 19  ? -3.101  6.485   -1.464  1.00 11.61 ? 330 ASN A O   1 
ATOM   81  C CB  . ASN A 1 19  ? -5.303  8.662   -2.182  1.00 13.13 ? 330 ASN A CB  1 
ATOM   82  C CG  . ASN A 1 19  ? -6.717  9.160   -2.183  1.00 17.52 ? 330 ASN A CG  1 
ATOM   83  O OD1 . ASN A 1 19  ? -7.566  8.631   -2.917  1.00 20.69 ? 330 ASN A OD1 1 
ATOM   84  N ND2 . ASN A 1 19  ? -7.006  10.122  -1.328  1.00 18.92 ? 330 ASN A ND2 1 
ATOM   85  N N   . MET A 1 20  ? -3.458  6.345   -3.685  1.00 13.00 ? 331 MET A N   1 
ATOM   86  C CA  . MET A 1 20  ? -2.099  5.880   -4.001  1.00 13.87 ? 331 MET A CA  1 
ATOM   87  C C   . MET A 1 20  ? -1.584  6.476   -5.306  1.00 14.22 ? 331 MET A C   1 
ATOM   88  O O   . MET A 1 20  ? -2.354  6.712   -6.246  1.00 13.41 ? 331 MET A O   1 
ATOM   89  C CB  . MET A 1 20  ? -2.086  4.332   -4.089  1.00 14.65 ? 331 MET A CB  1 
ATOM   90  C CG  . MET A 1 20  ? -0.706  3.674   -4.388  1.00 20.47 ? 331 MET A CG  1 
ATOM   91  S SD  . MET A 1 20  ? -0.457  3.448   -6.178  1.00 23.48 ? 331 MET A SD  1 
ATOM   92  C CE  . MET A 1 20  ? -1.242  1.852   -6.408  1.00 29.19 ? 331 MET A CE  1 
ATOM   93  N N   . THR A 1 21  ? -0.277  6.701   -5.349  1.00 14.54 ? 332 THR A N   1 
ATOM   94  C CA  . THR A 1 21  ? 0.447   6.971   -6.596  1.00 14.14 ? 332 THR A CA  1 
ATOM   95  C C   . THR A 1 21  ? 1.769   6.223   -6.635  1.00 15.94 ? 332 THR A C   1 
ATOM   96  O O   . THR A 1 21  ? 2.474   6.144   -5.642  1.00 13.68 ? 332 THR A O   1 
ATOM   97  C CB  . THR A 1 21  ? 0.666   8.492   -6.820  1.00 15.41 ? 332 THR A CB  1 
ATOM   98  O OG1 . THR A 1 21  ? 1.263   8.725   -8.100  1.00 17.09 ? 332 THR A OG1 1 
ATOM   99  C CG2 . THR A 1 21  ? 1.499   9.119   -5.728  1.00 10.48 ? 332 THR A CG2 1 
ATOM   100 N N   . LYS A 1 22  ? 2.080   5.661   -7.794  1.00 16.24 ? 333 LYS A N   1 
ATOM   101 C CA  . LYS A 1 22  ? 3.458   5.275   -8.122  1.00 19.16 ? 333 LYS A CA  1 
ATOM   102 C C   . LYS A 1 22  ? 4.355   6.476   -8.202  1.00 20.47 ? 333 LYS A C   1 
ATOM   103 O O   . LYS A 1 22  ? 3.916   7.595   -8.578  1.00 23.09 ? 333 LYS A O   1 
ATOM   104 C CB  . LYS A 1 22  ? 3.478   4.554   -9.446  1.00 18.85 ? 333 LYS A CB  1 
ATOM   105 C CG  . LYS A 1 22  ? 2.787   3.260   -9.400  1.00 22.18 ? 333 LYS A CG  1 
ATOM   106 C CD  . LYS A 1 22  ? 3.019   2.543   -10.737 1.00 28.50 ? 333 LYS A CD  1 
ATOM   107 C CE  . LYS A 1 22  ? 2.240   1.257   -10.847 1.00 32.11 ? 333 LYS A CE  1 
ATOM   108 N NZ  . LYS A 1 22  ? 2.784   0.462   -12.021 1.00 34.16 ? 333 LYS A NZ  1 
ATOM   109 N N   . ILE A 1 23  ? 5.593   6.275   -7.757  1.00 19.20 ? 334 ILE A N   1 
ATOM   110 C CA  . ILE A 1 23  ? 6.640   7.294   -7.719  1.00 20.15 ? 334 ILE A CA  1 
ATOM   111 C C   . ILE A 1 23  ? 7.818   6.772   -8.573  1.00 17.61 ? 334 ILE A C   1 
ATOM   112 O O   . ILE A 1 23  ? 8.538   7.537   -9.180  1.00 18.08 ? 334 ILE A O   1 
ATOM   113 C CB  . ILE A 1 23  ? 7.036   7.553   -6.209  1.00 19.85 ? 334 ILE A CB  1 
ATOM   114 C CG1 . ILE A 1 23  ? 6.086   8.572   -5.619  1.00 25.05 ? 334 ILE A CG1 1 
ATOM   115 C CG2 . ILE A 1 23  ? 8.464   8.047   -5.987  1.00 23.40 ? 334 ILE A CG2 1 
ATOM   116 C CD1 . ILE A 1 23  ? 6.601   9.015   -4.321  1.00 28.64 ? 334 ILE A CD1 1 
ATOM   117 N N   . ALA A 1 24  ? 7.993   5.458   -8.607  1.00 18.01 ? 335 ALA A N   1 
ATOM   118 C CA  . ALA A 1 24  ? 9.050   4.817   -9.420  1.00 18.19 ? 335 ALA A CA  1 
ATOM   119 C C   . ALA A 1 24  ? 8.684   3.389   -9.754  1.00 19.07 ? 335 ALA A C   1 
ATOM   120 O O   . ALA A 1 24  ? 7.970   2.703   -8.987  1.00 19.34 ? 335 ALA A O   1 
ATOM   121 C CB  . ALA A 1 24  ? 10.388  4.830   -8.676  1.00 18.82 ? 335 ALA A CB  1 
ATOM   122 N N   . GLN A 1 25  ? 9.189   2.913   -10.889 1.00 18.06 ? 336 GLN A N   1 
ATOM   123 C CA  . GLN A 1 25  ? 8.951   1.547   -11.262 1.00 19.89 ? 336 GLN A CA  1 
ATOM   124 C C   . GLN A 1 25  ? 10.245  0.943   -11.758 1.00 19.45 ? 336 GLN A C   1 
ATOM   125 O O   . GLN A 1 25  ? 10.811  1.443   -12.725 1.00 18.64 ? 336 GLN A O   1 
ATOM   126 C CB  . GLN A 1 25  ? 7.897   1.476   -12.365 1.00 20.56 ? 336 GLN A CB  1 
ATOM   127 C CG  . GLN A 1 25  ? 7.513   0.044   -12.703 1.00 25.91 ? 336 GLN A CG  1 
ATOM   128 C CD  . GLN A 1 25  ? 6.361   -0.449  -11.826 1.00 33.71 ? 336 GLN A CD  1 
ATOM   129 O OE1 . GLN A 1 25  ? 5.934   0.243   -10.893 1.00 39.37 ? 336 GLN A OE1 1 
ATOM   130 N NE2 . GLN A 1 25  ? 5.849   -1.638  -12.127 1.00 36.72 ? 336 GLN A NE2 1 
ATOM   131 N N   . GLY A 1 26  ? 10.730  -0.085  -11.063 1.00 19.23 ? 337 GLY A N   1 
ATOM   132 C CA  . GLY A 1 26  ? 12.055  -0.673  -11.334 1.00 20.65 ? 337 GLY A CA  1 
ATOM   133 C C   . GLY A 1 26  ? 13.198  0.330   -11.371 1.00 21.42 ? 337 GLY A C   1 
ATOM   134 O O   . GLY A 1 26  ? 14.166  0.204   -12.162 1.00 19.99 ? 337 GLY A O   1 
ATOM   135 N N   . GLY A 1 27  ? 13.097  1.349   -10.526 1.00 21.63 ? 338 GLY A N   1 
ATOM   136 C CA  . GLY A 1 27  ? 14.138  2.368   -10.458 1.00 21.87 ? 338 GLY A CA  1 
ATOM   137 C C   . GLY A 1 27  ? 13.919  3.551   -11.375 1.00 23.23 ? 338 GLY A C   1 
ATOM   138 O O   . GLY A 1 27  ? 14.638  4.550   -11.286 1.00 23.89 ? 338 GLY A O   1 
ATOM   139 N N   . ARG A 1 28  ? 12.896  3.479   -12.210 1.00 21.89 ? 339 ARG A N   1 
ATOM   140 C CA  . ARG A 1 28  ? 12.600  4.572   -13.141 1.00 24.17 ? 339 ARG A CA  1 
ATOM   141 C C   . ARG A 1 28  ? 11.529  5.507   -12.569 1.00 23.72 ? 339 ARG A C   1 
ATOM   142 O O   . ARG A 1 28  ? 10.446  5.078   -12.195 1.00 22.57 ? 339 ARG A O   1 
ATOM   143 C CB  . ARG A 1 28  ? 12.240  4.012   -14.524 1.00 25.09 ? 339 ARG A CB  1 
ATOM   144 C CG  . ARG A 1 28  ? 13.445  3.199   -15.107 1.00 29.03 ? 339 ARG A CG  1 
ATOM   145 C CD  . ARG A 1 28  ? 13.324  2.728   -16.553 1.00 34.39 ? 339 ARG A CD  1 
ATOM   146 N NE  . ARG A 1 28  ? 14.663  2.556   -17.148 1.00 38.21 ? 339 ARG A NE  1 
ATOM   147 C CZ  . ARG A 1 28  ? 15.203  1.399   -17.544 1.00 41.91 ? 339 ARG A CZ  1 
ATOM   148 N NH1 . ARG A 1 28  ? 14.546  0.243   -17.439 1.00 43.41 ? 339 ARG A NH1 1 
ATOM   149 N NH2 . ARG A 1 28  ? 16.424  1.400   -18.060 1.00 42.25 ? 339 ARG A NH2 1 
ATOM   150 N N   . LYS A 1 29  ? 11.849  6.786   -12.488 1.00 25.03 ? 340 LYS A N   1 
ATOM   151 C CA  . LYS A 1 29  ? 10.930  7.735   -11.866 1.00 26.09 ? 340 LYS A CA  1 
ATOM   152 C C   . LYS A 1 29  ? 9.695   7.918   -12.742 1.00 25.92 ? 340 LYS A C   1 
ATOM   153 O O   . LYS A 1 29  ? 9.794   7.872   -13.973 1.00 26.20 ? 340 LYS A O   1 
ATOM   154 C CB  . LYS A 1 29  ? 11.636  9.055   -11.541 1.00 27.34 ? 340 LYS A CB  1 
ATOM   155 C CG  . LYS A 1 29  ? 12.782  8.882   -10.535 1.00 30.78 ? 340 LYS A CG  1 
ATOM   156 C CD  . LYS A 1 29  ? 13.378  10.213  -10.140 1.00 35.30 ? 340 LYS A CD  1 
ATOM   157 C CE  . LYS A 1 29  ? 14.565  10.049  -9.180  1.00 37.89 ? 340 LYS A CE  1 
ATOM   158 N NZ  . LYS A 1 29  ? 14.820  11.317  -8.427  1.00 39.00 ? 340 LYS A NZ  1 
ATOM   159 N N   . LEU A 1 30  ? 8.541   8.090   -12.093 1.00 25.75 ? 341 LEU A N   1 
ATOM   160 C CA  . LEU A 1 30  ? 7.241   8.271   -12.750 1.00 24.45 ? 341 LEU A CA  1 
ATOM   161 C C   . LEU A 1 30  ? 6.592   9.571   -12.287 1.00 24.06 ? 341 LEU A C   1 
ATOM   162 O O   . LEU A 1 30  ? 6.754   9.982   -11.140 1.00 22.44 ? 341 LEU A O   1 
ATOM   163 C CB  . LEU A 1 30  ? 6.319   7.101   -12.385 1.00 25.23 ? 341 LEU A CB  1 
ATOM   164 C CG  . LEU A 1 30  ? 6.836   5.738   -12.854 1.00 26.26 ? 341 LEU A CG  1 
ATOM   165 C CD1 . LEU A 1 30  ? 5.850   4.665   -12.470 1.00 25.44 ? 341 LEU A CD1 1 
ATOM   166 C CD2 . LEU A 1 30  ? 7.052   5.759   -14.348 1.00 27.89 ? 341 LEU A CD2 1 
ATOM   167 N N   . ARG A 1 31  ? 5.837   10.244  -13.151 1.00 22.80 ? 342 ARG A N   1 
ATOM   168 C CA  . ARG A 1 31  ? 5.143   11.420  -12.629 1.00 22.37 ? 342 ARG A CA  1 
ATOM   169 C C   . ARG A 1 31  ? 3.979   10.924  -11.765 1.00 20.72 ? 342 ARG A C   1 
ATOM   170 O O   . ARG A 1 31  ? 3.381   9.926   -12.103 1.00 18.33 ? 342 ARG A O   1 
ATOM   171 C CB  . ARG A 1 31  ? 4.645   12.305  -13.763 1.00 24.32 ? 342 ARG A CB  1 
ATOM   172 C CG  . ARG A 1 31  ? 4.074   13.629  -13.272 1.00 27.34 ? 342 ARG A CG  1 
ATOM   173 C CD  . ARG A 1 31  ? 3.152   14.218  -14.339 1.00 33.84 ? 342 ARG A CD  1 
ATOM   174 N NE  . ARG A 1 31  ? 2.719   15.584  -14.042 1.00 36.63 ? 342 ARG A NE  1 
ATOM   175 C CZ  . ARG A 1 31  ? 1.680   15.908  -13.266 1.00 40.17 ? 342 ARG A CZ  1 
ATOM   176 N NH1 . ARG A 1 31  ? 0.952   14.963  -12.660 1.00 41.64 ? 342 ARG A NH1 1 
ATOM   177 N NH2 . ARG A 1 31  ? 1.369   17.190  -13.089 1.00 40.00 ? 342 ARG A NH2 1 
ATOM   178 N N   . LYS A 1 32  ? 3.661   11.638  -10.676 1.00 20.10 ? 343 LYS A N   1 
ATOM   179 C CA  . LYS A 1 32  ? 2.525   11.259  -9.808  1.00 20.58 ? 343 LYS A CA  1 
ATOM   180 C C   . LYS A 1 32  ? 1.235   11.218  -10.571 1.00 21.12 ? 343 LYS A C   1 
ATOM   181 O O   . LYS A 1 32  ? 0.982   12.068  -11.463 1.00 20.34 ? 343 LYS A O   1 
ATOM   182 C CB  . LYS A 1 32  ? 2.360   12.214  -8.615  1.00 19.92 ? 343 LYS A CB  1 
ATOM   183 C CG  . LYS A 1 32  ? 3.479   12.125  -7.591  1.00 20.13 ? 343 LYS A CG  1 
ATOM   184 C CD  . LYS A 1 32  ? 3.254   13.082  -6.395  1.00 19.80 ? 343 LYS A CD  1 
ATOM   185 C CE  . LYS A 1 32  ? 4.152   14.264  -6.498  1.00 24.07 ? 343 LYS A CE  1 
ATOM   186 N NZ  . LYS A 1 32  ? 3.719   15.352  -5.612  1.00 19.99 ? 343 LYS A NZ  1 
ATOM   187 N N   . ASN A 1 33  ? 0.431   10.215  -10.227 1.00 19.57 ? 344 ASN A N   1 
ATOM   188 C CA  . ASN A 1 33  ? -0.922  10.060  -10.751 1.00 20.14 ? 344 ASN A CA  1 
ATOM   189 C C   . ASN A 1 33  ? -1.767  9.466   -9.619  1.00 18.85 ? 344 ASN A C   1 
ATOM   190 O O   . ASN A 1 33  ? -1.983  8.258   -9.552  1.00 18.47 ? 344 ASN A O   1 
ATOM   191 C CB  . ASN A 1 33  ? -0.937  9.158   -11.987 1.00 19.45 ? 344 ASN A CB  1 
ATOM   192 C CG  . ASN A 1 33  ? -2.259  9.249   -12.804 1.00 24.95 ? 344 ASN A CG  1 
ATOM   193 O OD1 . ASN A 1 33  ? -3.261  9.825   -12.367 1.00 28.24 ? 344 ASN A OD1 1 
ATOM   194 N ND2 . ASN A 1 33  ? -2.234  8.680   -14.013 1.00 29.03 ? 344 ASN A ND2 1 
ATOM   195 N N   . TRP A 1 34  ? -2.275  10.338  -8.763  1.00 17.24 ? 345 TRP A N   1 
ATOM   196 C CA  . TRP A 1 34  ? -2.983  9.902   -7.580  1.00 17.73 ? 345 TRP A CA  1 
ATOM   197 C C   . TRP A 1 34  ? -4.356  9.329   -7.943  1.00 18.63 ? 345 TRP A C   1 
ATOM   198 O O   . TRP A 1 34  ? -5.059  9.890   -8.766  1.00 17.46 ? 345 TRP A O   1 
ATOM   199 C CB  . TRP A 1 34  ? -3.222  11.106  -6.717  1.00 18.03 ? 345 TRP A CB  1 
ATOM   200 C CG  . TRP A 1 34  ? -2.100  11.546  -5.873  1.00 18.78 ? 345 TRP A CG  1 
ATOM   201 C CD1 . TRP A 1 34  ? -1.355  12.675  -6.041  1.00 17.99 ? 345 TRP A CD1 1 
ATOM   202 C CD2 . TRP A 1 34  ? -1.609  10.899  -4.682  1.00 15.80 ? 345 TRP A CD2 1 
ATOM   203 N NE1 . TRP A 1 34  ? -0.436  12.791  -5.003  1.00 18.78 ? 345 TRP A NE1 1 
ATOM   204 C CE2 . TRP A 1 34  ? -0.573  11.717  -4.164  1.00 15.56 ? 345 TRP A CE2 1 
ATOM   205 C CE3 . TRP A 1 34  ? -1.957  9.717   -3.994  1.00 15.84 ? 345 TRP A CE3 1 
ATOM   206 C CZ2 . TRP A 1 34  ? 0.117   11.409  -2.970  1.00 15.88 ? 345 TRP A CZ2 1 
ATOM   207 C CZ3 . TRP A 1 34  ? -1.266  9.402   -2.797  1.00 16.13 ? 345 TRP A CZ3 1 
ATOM   208 C CH2 . TRP A 1 34  ? -0.238  10.260  -2.307  1.00 13.75 ? 345 TRP A CH2 1 
ATOM   209 N N   . GLY A 1 35  ? -4.743  8.241   -7.293  1.00 17.19 ? 346 GLY A N   1 
ATOM   210 C CA  . GLY A 1 35  ? -6.108  7.749   -7.390  1.00 17.80 ? 346 GLY A CA  1 
ATOM   211 C C   . GLY A 1 35  ? -6.412  6.810   -6.234  1.00 17.51 ? 346 GLY A C   1 
ATOM   212 O O   . GLY A 1 35  ? -5.488  6.312   -5.565  1.00 16.77 ? 346 GLY A O   1 
ATOM   213 N N   . PRO A 1 36  ? -7.705  6.537   -6.002  1.00 16.55 ? 347 PRO A N   1 
ATOM   214 C CA  . PRO A 1 36  ? -8.069  5.600   -4.938  1.00 16.53 ? 347 PRO A CA  1 
ATOM   215 C C   . PRO A 1 36  ? -7.729  4.147   -5.318  1.00 16.71 ? 347 PRO A C   1 
ATOM   216 O O   . PRO A 1 36  ? -7.799  3.776   -6.489  1.00 16.63 ? 347 PRO A O   1 
ATOM   217 C CB  . PRO A 1 36  ? -9.592  5.747   -4.820  1.00 17.26 ? 347 PRO A CB  1 
ATOM   218 C CG  . PRO A 1 36  ? -10.055 6.359   -6.155  1.00 18.27 ? 347 PRO A CG  1 
ATOM   219 C CD  . PRO A 1 36  ? -8.863  7.094   -6.743  1.00 17.56 ? 347 PRO A CD  1 
ATOM   220 N N   . SER A 1 37  ? -7.420  3.344   -4.315  1.00 15.68 ? 348 SER A N   1 
ATOM   221 C CA  . SER A 1 37  ? -6.997  1.973   -4.493  1.00 15.97 ? 348 SER A CA  1 
ATOM   222 C C   . SER A 1 37  ? -7.486  1.207   -3.282  1.00 13.96 ? 348 SER A C   1 
ATOM   223 O O   . SER A 1 37  ? -7.432  1.701   -2.150  1.00 14.74 ? 348 SER A O   1 
ATOM   224 C CB  . SER A 1 37  ? -5.458  1.889   -4.572  1.00 17.13 ? 348 SER A CB  1 
ATOM   225 O OG  . SER A 1 37  ? -5.055  0.561   -4.868  1.00 22.23 ? 348 SER A OG  1 
ATOM   226 N N   . TRP A 1 38  ? -8.039  0.026   -3.536  1.00 13.46 ? 349 TRP A N   1 
ATOM   227 C CA  . TRP A 1 38  ? -8.353  -0.896  -2.481  1.00 12.12 ? 349 TRP A CA  1 
ATOM   228 C C   . TRP A 1 38  ? -7.086  -1.672  -2.206  1.00 13.72 ? 349 TRP A C   1 
ATOM   229 O O   . TRP A 1 38  ? -6.547  -2.389  -3.092  1.00 13.20 ? 349 TRP A O   1 
ATOM   230 C CB  . TRP A 1 38  ? -9.523  -1.821  -2.868  1.00 12.40 ? 349 TRP A CB  1 
ATOM   231 C CG  . TRP A 1 38  ? -9.772  -2.897  -1.836  1.00 11.61 ? 349 TRP A CG  1 
ATOM   232 C CD1 . TRP A 1 38  ? -9.429  -4.245  -1.937  1.00 13.61 ? 349 TRP A CD1 1 
ATOM   233 C CD2 . TRP A 1 38  ? -10.332 -2.735  -0.526  1.00 11.40 ? 349 TRP A CD2 1 
ATOM   234 N NE1 . TRP A 1 38  ? -9.765  -4.916  -0.781  1.00 13.20 ? 349 TRP A NE1 1 
ATOM   235 C CE2 . TRP A 1 38  ? -10.344 -4.030  0.092   1.00 10.93 ? 349 TRP A CE2 1 
ATOM   236 C CE3 . TRP A 1 38  ? -10.872 -1.642  0.175   1.00 12.19 ? 349 TRP A CE3 1 
ATOM   237 C CZ2 . TRP A 1 38  ? -10.842 -4.248  1.358   1.00 13.54 ? 349 TRP A CZ2 1 
ATOM   238 C CZ3 . TRP A 1 38  ? -11.395 -1.873  1.465   1.00 15.19 ? 349 TRP A CZ3 1 
ATOM   239 C CH2 . TRP A 1 38  ? -11.352 -3.149  2.054   1.00 11.92 ? 349 TRP A CH2 1 
ATOM   240 N N   . VAL A 1 39  ? -6.611  -1.547  -0.974  1.00 12.82 ? 350 VAL A N   1 
ATOM   241 C CA  . VAL A 1 39  ? -5.299  -2.072  -0.599  1.00 12.90 ? 350 VAL A CA  1 
ATOM   242 C C   . VAL A 1 39  ? -5.414  -3.251  0.387   1.00 12.94 ? 350 VAL A C   1 
ATOM   243 O O   . VAL A 1 39  ? -6.148  -3.170  1.362   1.00 12.84 ? 350 VAL A O   1 
ATOM   244 C CB  . VAL A 1 39  ? -4.455  -0.916  0.032   1.00 13.12 ? 350 VAL A CB  1 
ATOM   245 C CG1 . VAL A 1 39  ? -3.017  -1.401  0.359   1.00 13.21 ? 350 VAL A CG1 1 
ATOM   246 C CG2 . VAL A 1 39  ? -4.443  0.297   -0.921  1.00 12.55 ? 350 VAL A CG2 1 
ATOM   247 N N   . VAL A 1 40  ? -4.646  -4.315  0.146   1.00 12.59 ? 351 VAL A N   1 
ATOM   248 C CA  . VAL A 1 40  ? -4.627  -5.488  1.017   1.00 11.94 ? 351 VAL A CA  1 
ATOM   249 C C   . VAL A 1 40  ? -3.203  -5.788  1.433   1.00 14.03 ? 351 VAL A C   1 
ATOM   250 O O   . VAL A 1 40  ? -2.332  -5.971  0.599   1.00 12.52 ? 351 VAL A O   1 
ATOM   251 C CB  . VAL A 1 40  ? -5.269  -6.734  0.347   1.00 13.39 ? 351 VAL A CB  1 
ATOM   252 C CG1 . VAL A 1 40  ? -5.203  -7.961  1.276   1.00 13.27 ? 351 VAL A CG1 1 
ATOM   253 C CG2 . VAL A 1 40  ? -6.698  -6.387  -0.047  1.00 10.45 ? 351 VAL A CG2 1 
ATOM   254 N N   . LEU A 1 41  ? -2.995  -5.807  2.748   1.00 14.27 ? 352 LEU A N   1 
ATOM   255 C CA  . LEU A 1 41  ? -1.727  -6.119  3.337   1.00 13.62 ? 352 LEU A CA  1 
ATOM   256 C C   . LEU A 1 41  ? -1.741  -7.528  3.900   1.00 14.22 ? 352 LEU A C   1 
ATOM   257 O O   . LEU A 1 41  ? -2.587  -7.859  4.741   1.00 15.84 ? 352 LEU A O   1 
ATOM   258 C CB  . LEU A 1 41  ? -1.409  -5.103  4.463   1.00 14.44 ? 352 LEU A CB  1 
ATOM   259 C CG  . LEU A 1 41  ? -0.226  -5.395  5.354   1.00 12.54 ? 352 LEU A CG  1 
ATOM   260 C CD1 . LEU A 1 41  ? 1.059   -5.393  4.511   1.00 10.95 ? 352 LEU A CD1 1 
ATOM   261 C CD2 . LEU A 1 41  ? -0.079  -4.386  6.567   1.00 14.31 ? 352 LEU A CD2 1 
ATOM   262 N N   . THR A 1 42  ? -0.805  -8.355  3.439   1.00 13.67 ? 353 THR A N   1 
ATOM   263 C CA  . THR A 1 42  ? -0.629  -9.710  3.988   1.00 15.57 ? 353 THR A CA  1 
ATOM   264 C C   . THR A 1 42  ? 0.685   -9.750  4.791   1.00 16.00 ? 353 THR A C   1 
ATOM   265 O O   . THR A 1 42  ? 1.333   -8.721  4.986   1.00 15.33 ? 353 THR A O   1 
ATOM   266 C CB  . THR A 1 42  ? -0.587  -10.787 2.875   1.00 15.59 ? 353 THR A CB  1 
ATOM   267 O OG1 . THR A 1 42  ? 0.594   -10.617 2.098   1.00 14.01 ? 353 THR A OG1 1 
ATOM   268 C CG2 . THR A 1 42  ? -1.747  -10.644 1.954   1.00 15.53 ? 353 THR A CG2 1 
ATOM   269 N N   . GLY A 1 43  ? 1.092   -10.928 5.250   1.00 17.81 ? 354 GLY A N   1 
ATOM   270 C CA  . GLY A 1 43  ? 2.371   -11.051 5.961   1.00 16.39 ? 354 GLY A CA  1 
ATOM   271 C C   . GLY A 1 43  ? 3.590   -10.880 5.047   1.00 17.06 ? 354 GLY A C   1 
ATOM   272 O O   . GLY A 1 43  ? 4.721   -10.780 5.526   1.00 18.59 ? 354 GLY A O   1 
ATOM   273 N N   . ASN A 1 44  ? 3.399   -10.855 3.726   1.00 16.89 ? 355 ASN A N   1 
ATOM   274 C CA  . ASN A 1 44  ? 4.554   -10.655 2.849   1.00 16.69 ? 355 ASN A CA  1 
ATOM   275 C C   . ASN A 1 44  ? 4.378   -9.716  1.648   1.00 15.08 ? 355 ASN A C   1 
ATOM   276 O O   . ASN A 1 44  ? 5.320   -9.498  0.900   1.00 15.22 ? 355 ASN A O   1 
ATOM   277 C CB  . ASN A 1 44  ? 5.066   -12.003 2.330   1.00 18.55 ? 355 ASN A CB  1 
ATOM   278 C CG  . ASN A 1 44  ? 4.015   -12.788 1.594   1.00 21.09 ? 355 ASN A CG  1 
ATOM   279 O OD1 . ASN A 1 44  ? 3.361   -12.300 0.656   1.00 20.62 ? 355 ASN A OD1 1 
ATOM   280 N ND2 . ASN A 1 44  ? 3.856   -14.066 2.011   1.00 25.98 ? 355 ASN A ND2 1 
ATOM   281 N N   . SER A 1 45  ? 3.162   -9.233  1.420   1.00 15.80 ? 356 SER A N   1 
ATOM   282 C CA  . SER A 1 45  ? 2.861   -8.436  0.219   1.00 14.07 ? 356 SER A CA  1 
ATOM   283 C C   . SER A 1 45  ? 1.926   -7.293  0.503   1.00 14.04 ? 356 SER A C   1 
ATOM   284 O O   . SER A 1 45  ? 1.130   -7.342  1.448   1.00 14.87 ? 356 SER A O   1 
ATOM   285 C CB  . SER A 1 45  ? 2.163   -9.330  -0.859  1.00 14.81 ? 356 SER A CB  1 
ATOM   286 O OG  . SER A 1 45  ? 3.052   -10.380 -1.300  1.00 16.59 ? 356 SER A OG  1 
ATOM   287 N N   . LEU A 1 46  ? 1.978   -6.302  -0.387  1.00 13.77 ? 357 LEU A N   1 
ATOM   288 C CA  . LEU A 1 46  ? 0.952   -5.275  -0.478  1.00 13.61 ? 357 LEU A CA  1 
ATOM   289 C C   . LEU A 1 46  ? 0.299   -5.459  -1.838  1.00 13.47 ? 357 LEU A C   1 
ATOM   290 O O   . LEU A 1 46  ? 1.007   -5.585  -2.851  1.00 12.26 ? 357 LEU A O   1 
ATOM   291 C CB  . LEU A 1 46  ? 1.604   -3.888  -0.343  1.00 14.04 ? 357 LEU A CB  1 
ATOM   292 C CG  . LEU A 1 46  ? 0.723   -2.732  0.133   1.00 16.34 ? 357 LEU A CG  1 
ATOM   293 C CD1 . LEU A 1 46  ? -0.043  -3.001  1.453   1.00 14.73 ? 357 LEU A CD1 1 
ATOM   294 C CD2 . LEU A 1 46  ? 1.628   -1.494  0.272   1.00 15.33 ? 357 LEU A CD2 1 
ATOM   295 N N   . VAL A 1 47  ? -1.037  -5.550  -1.857  1.00 12.42 ? 358 VAL A N   1 
ATOM   296 C CA  . VAL A 1 47  ? -1.789  -5.899  -3.087  1.00 11.80 ? 358 VAL A CA  1 
ATOM   297 C C   . VAL A 1 47  ? -2.773  -4.781  -3.388  1.00 11.83 ? 358 VAL A C   1 
ATOM   298 O O   . VAL A 1 47  ? -3.506  -4.328  -2.480  1.00 14.37 ? 358 VAL A O   1 
ATOM   299 C CB  . VAL A 1 47  ? -2.574  -7.244  -2.934  1.00 11.03 ? 358 VAL A CB  1 
ATOM   300 C CG1 . VAL A 1 47  ? -3.183  -7.651  -4.245  1.00 12.19 ? 358 VAL A CG1 1 
ATOM   301 C CG2 . VAL A 1 47  ? -1.658  -8.375  -2.432  1.00 12.07 ? 358 VAL A CG2 1 
ATOM   302 N N   . PHE A 1 48  ? -2.778  -4.308  -4.638  1.00 11.70 ? 359 PHE A N   1 
ATOM   303 C CA  . PHE A 1 48  ? -3.623  -3.184  -5.042  1.00 12.68 ? 359 PHE A CA  1 
ATOM   304 C C   . PHE A 1 48  ? -4.725  -3.617  -5.989  1.00 14.50 ? 359 PHE A C   1 
ATOM   305 O O   . PHE A 1 48  ? -4.435  -4.242  -7.023  1.00 14.99 ? 359 PHE A O   1 
ATOM   306 C CB  . PHE A 1 48  ? -2.763  -2.143  -5.754  1.00 12.32 ? 359 PHE A CB  1 
ATOM   307 C CG  . PHE A 1 48  ? -1.614  -1.657  -4.909  1.00 13.96 ? 359 PHE A CG  1 
ATOM   308 C CD1 . PHE A 1 48  ? -0.337  -2.204  -5.063  1.00 17.44 ? 359 PHE A CD1 1 
ATOM   309 C CD2 . PHE A 1 48  ? -1.843  -0.751  -3.866  1.00 16.80 ? 359 PHE A CD2 1 
ATOM   310 C CE1 . PHE A 1 48  ? 0.737   -1.771  -4.236  1.00 21.06 ? 359 PHE A CE1 1 
ATOM   311 C CE2 . PHE A 1 48  ? -0.785  -0.301  -3.038  1.00 18.28 ? 359 PHE A CE2 1 
ATOM   312 C CZ  . PHE A 1 48  ? 0.503   -0.826  -3.206  1.00 18.55 ? 359 PHE A CZ  1 
ATOM   313 N N   . TYR A 1 49  ? -5.952  -3.204  -5.677  1.00 13.71 ? 360 TYR A N   1 
ATOM   314 C CA  . TYR A 1 49  ? -7.107  -3.438  -6.545  1.00 15.22 ? 360 TYR A CA  1 
ATOM   315 C C   . TYR A 1 49  ? -7.651  -2.109  -7.032  1.00 15.84 ? 360 TYR A C   1 
ATOM   316 O O   . TYR A 1 49  ? -7.631  -1.117  -6.287  1.00 15.96 ? 360 TYR A O   1 
ATOM   317 C CB  . TYR A 1 49  ? -8.221  -4.176  -5.777  1.00 14.97 ? 360 TYR A CB  1 
ATOM   318 C CG  . TYR A 1 49  ? -7.881  -5.586  -5.376  1.00 15.32 ? 360 TYR A CG  1 
ATOM   319 C CD1 . TYR A 1 49  ? -7.124  -5.841  -4.241  1.00 15.71 ? 360 TYR A CD1 1 
ATOM   320 C CD2 . TYR A 1 49  ? -8.359  -6.681  -6.137  1.00 16.50 ? 360 TYR A CD2 1 
ATOM   321 C CE1 . TYR A 1 49  ? -6.835  -7.176  -3.845  1.00 13.36 ? 360 TYR A CE1 1 
ATOM   322 C CE2 . TYR A 1 49  ? -8.065  -7.979  -5.781  1.00 17.99 ? 360 TYR A CE2 1 
ATOM   323 C CZ  . TYR A 1 49  ? -7.308  -8.220  -4.652  1.00 19.71 ? 360 TYR A CZ  1 
ATOM   324 O OH  . TYR A 1 49  ? -6.992  -9.499  -4.340  1.00 20.71 ? 360 TYR A OH  1 
ATOM   325 N N   . ARG A 1 50  ? -8.216  -2.109  -8.238  1.00 17.48 ? 361 ARG A N   1 
ATOM   326 C CA  . ARG A 1 50  ? -8.808  -0.890  -8.791  1.00 19.81 ? 361 ARG A CA  1 
ATOM   327 C C   . ARG A 1 50  ? -10.049 -0.440  -8.034  1.00 21.11 ? 361 ARG A C   1 
ATOM   328 O O   . ARG A 1 50  ? -10.291 0.752   -7.945  1.00 22.18 ? 361 ARG A O   1 
ATOM   329 C CB  . ARG A 1 50  ? -9.173  -1.047  -10.271 1.00 20.35 ? 361 ARG A CB  1 
ATOM   330 N N   . GLU A 1 51  ? -10.830 -1.374  -7.522  1.00 21.48 ? 362 GLU A N   1 
ATOM   331 C CA  . GLU A 1 51  ? -12.033 -1.036  -6.737  1.00 22.68 ? 362 GLU A CA  1 
ATOM   332 C C   . GLU A 1 51  ? -12.144 -1.998  -5.544  1.00 22.00 ? 362 GLU A C   1 
ATOM   333 O O   . GLU A 1 51  ? -11.585 -3.106  -5.588  1.00 19.66 ? 362 GLU A O   1 
ATOM   334 C CB  . GLU A 1 51  ? -13.298 -1.056  -7.640  1.00 24.20 ? 362 GLU A CB  1 
ATOM   335 C CG  . GLU A 1 51  ? -13.824 -2.442  -7.971  1.00 29.37 ? 362 GLU A CG  1 
ATOM   336 C CD  . GLU A 1 51  ? -14.826 -2.472  -9.137  1.00 36.48 ? 362 GLU A CD  1 
ATOM   337 O OE1 . GLU A 1 51  ? -15.065 -1.416  -9.777  1.00 39.75 ? 362 GLU A OE1 1 
ATOM   338 O OE2 . GLU A 1 51  ? -15.366 -3.571  -9.420  1.00 38.83 ? 362 GLU A OE2 1 
ATOM   339 N N   . PRO A 1 52  ? -12.827 -1.573  -4.457  1.00 20.87 ? 363 PRO A N   1 
ATOM   340 C CA  . PRO A 1 52  ? -13.040 -2.452  -3.321  1.00 21.14 ? 363 PRO A CA  1 
ATOM   341 C C   . PRO A 1 52  ? -13.988 -3.606  -3.692  1.00 21.59 ? 363 PRO A C   1 
ATOM   342 O O   . PRO A 1 52  ? -14.728 -3.465  -4.678  1.00 21.60 ? 363 PRO A O   1 
ATOM   343 C CB  . PRO A 1 52  ? -13.710 -1.544  -2.286  1.00 21.63 ? 363 PRO A CB  1 
ATOM   344 C CG  . PRO A 1 52  ? -14.189 -0.355  -3.028  1.00 22.21 ? 363 PRO A CG  1 
ATOM   345 C CD  . PRO A 1 52  ? -13.399 -0.232  -4.252  1.00 22.35 ? 363 PRO A CD  1 
ATOM   346 N N   . PRO A 1 53  ? -13.967 -4.709  -2.917  1.00 21.62 ? 364 PRO A N   1 
ATOM   347 C CA  . PRO A 1 53  ? -14.834 -5.900  -3.134  1.00 22.87 ? 364 PRO A CA  1 
ATOM   348 C C   . PRO A 1 53  ? -16.304 -5.507  -3.178  1.00 24.19 ? 364 PRO A C   1 
ATOM   349 O O   . PRO A 1 53  ? -16.708 -4.546  -2.478  1.00 25.16 ? 364 PRO A O   1 
ATOM   350 C CB  . PRO A 1 53  ? -14.627 -6.726  -1.862  1.00 21.73 ? 364 PRO A CB  1 
ATOM   351 C CG  . PRO A 1 53  ? -13.281 -6.372  -1.395  1.00 23.12 ? 364 PRO A CG  1 
ATOM   352 C CD  . PRO A 1 53  ? -13.127 -4.885  -1.719  1.00 21.94 ? 364 PRO A CD  1 
ATOM   353 N N   . PRO A 1 54  ? -17.112 -6.221  -3.996  1.00 24.47 ? 365 PRO A N   1 
ATOM   354 C CA  . PRO A 1 54  ? -18.542 -5.897  -4.134  1.00 24.46 ? 365 PRO A CA  1 
ATOM   355 C C   . PRO A 1 54  ? -19.364 -6.027  -2.848  1.00 25.52 ? 365 PRO A C   1 
ATOM   356 O O   . PRO A 1 54  ? -20.510 -5.512  -2.777  1.00 25.84 ? 365 PRO A O   1 
ATOM   357 C CB  . PRO A 1 54  ? -19.037 -6.915  -5.181  1.00 25.01 ? 365 PRO A CB  1 
ATOM   358 C CG  . PRO A 1 54  ? -18.061 -8.020  -5.152  1.00 24.18 ? 365 PRO A CG  1 
ATOM   359 C CD  . PRO A 1 54  ? -16.722 -7.315  -4.909  1.00 23.42 ? 365 PRO A CD  1 
ATOM   360 N N   . THR A 1 55  ? -18.799 -6.730  -1.867  1.00 25.49 ? 366 THR A N   1 
ATOM   361 C CA  . THR A 1 55  ? -19.452 -6.944  -0.573  1.00 25.11 ? 366 THR A CA  1 
ATOM   362 C C   . THR A 1 55  ? -18.382 -7.454  0.375   1.00 25.39 ? 366 THR A C   1 
ATOM   363 O O   . THR A 1 55  ? -17.315 -7.856  -0.076  1.00 25.17 ? 366 THR A O   1 
ATOM   364 C CB  . THR A 1 55  ? -20.511 -8.044  -0.685  1.00 25.93 ? 366 THR A CB  1 
ATOM   365 O OG1 . THR A 1 55  ? -21.408 -7.981  0.432   1.00 22.84 ? 366 THR A OG1 1 
ATOM   366 C CG2 . THR A 1 55  ? -19.807 -9.423  -0.757  1.00 26.75 ? 366 THR A CG2 1 
ATOM   367 N N   . ALA A 1 56  ? -18.689 -7.474  1.676   1.00 24.14 ? 367 ALA A N   1 
ATOM   368 C CA  . ALA A 1 56  ? -17.793 -7.993  2.690   1.00 25.04 ? 367 ALA A CA  1 
ATOM   369 C C   . ALA A 1 56  ? -16.345 -7.498  2.489   1.00 24.91 ? 367 ALA A C   1 
ATOM   370 O O   . ALA A 1 56  ? -15.437 -8.312  2.391   1.00 23.72 ? 367 ALA A O   1 
ATOM   371 C CB  . ALA A 1 56  ? -17.838 -9.513  2.703   1.00 25.80 ? 367 ALA A CB  1 
ATOM   372 N N   . PRO A 1 57  ? -16.147 -6.162  2.401   1.00 24.28 ? 368 PRO A N   1 
ATOM   373 C CA  . PRO A 1 57  ? -14.788 -5.636  2.139   1.00 23.88 ? 368 PRO A CA  1 
ATOM   374 C C   . PRO A 1 57  ? -13.823 -5.938  3.290   1.00 23.52 ? 368 PRO A C   1 
ATOM   375 O O   . PRO A 1 57  ? -12.607 -6.074  3.073   1.00 23.42 ? 368 PRO A O   1 
ATOM   376 C CB  . PRO A 1 57  ? -15.012 -4.153  1.985   1.00 23.09 ? 368 PRO A CB  1 
ATOM   377 C CG  . PRO A 1 57  ? -16.276 -3.875  2.842   1.00 25.29 ? 368 PRO A CG  1 
ATOM   378 C CD  . PRO A 1 57  ? -17.143 -5.084  2.590   1.00 25.03 ? 368 PRO A CD  1 
ATOM   379 N N   . SER A 1 58  ? -14.342 -6.078  4.504   1.00 22.65 ? 369 SER A N   1 
ATOM   380 C CA  . SER A 1 58  ? -13.458 -6.487  5.625   1.00 24.77 ? 369 SER A CA  1 
ATOM   381 C C   . SER A 1 58  ? -12.753 -7.862  5.468   1.00 25.54 ? 369 SER A C   1 
ATOM   382 O O   . SER A 1 58  ? -11.798 -8.173  6.202   1.00 27.47 ? 369 SER A O   1 
ATOM   383 C CB  . SER A 1 58  ? -14.140 -6.317  6.985   1.00 24.10 ? 369 SER A CB  1 
ATOM   384 O OG  . SER A 1 58  ? -15.370 -7.000  7.038   1.00 27.32 ? 369 SER A OG  1 
ATOM   385 N N   . SER A 1 59  ? -13.190 -8.673  4.501   1.00 26.70 ? 370 SER A N   1 
ATOM   386 C CA  . SER A 1 59  ? -12.503 -9.926  4.164   1.00 26.49 ? 370 SER A CA  1 
ATOM   387 C C   . SER A 1 59  ? -11.133 -9.681  3.471   1.00 26.00 ? 370 SER A C   1 
ATOM   388 O O   . SER A 1 59  ? -10.304 -10.605 3.336   1.00 26.93 ? 370 SER A O   1 
ATOM   389 C CB  . SER A 1 59  ? -13.395 -10.778 3.255   1.00 27.41 ? 370 SER A CB  1 
ATOM   390 O OG  . SER A 1 59  ? -13.539 -10.183 1.957   1.00 29.05 ? 370 SER A OG  1 
ATOM   391 N N   . GLY A 1 60  ? -10.915 -8.442  3.029   1.00 24.26 ? 371 GLY A N   1 
ATOM   392 C CA  . GLY A 1 60  ? -9.719  -8.058  2.253   1.00 22.24 ? 371 GLY A CA  1 
ATOM   393 C C   . GLY A 1 60  ? -9.784  -8.432  0.782   1.00 19.88 ? 371 GLY A C   1 
ATOM   394 O O   . GLY A 1 60  ? -9.882  -7.560  -0.115  1.00 19.49 ? 371 GLY A O   1 
ATOM   395 N N   . TRP A 1 61  ? -9.686  -9.736  0.527   1.00 19.45 ? 372 TRP A N   1 
ATOM   396 C CA  . TRP A 1 61  ? -9.647  -10.264 -0.843  1.00 18.53 ? 372 TRP A CA  1 
ATOM   397 C C   . TRP A 1 61  ? -10.952 -10.101 -1.600  1.00 19.16 ? 372 TRP A C   1 
ATOM   398 O O   . TRP A 1 61  ? -10.947 -9.932  -2.838  1.00 20.02 ? 372 TRP A O   1 
ATOM   399 C CB  . TRP A 1 61  ? -9.304  -11.760 -0.829  1.00 19.37 ? 372 TRP A CB  1 
ATOM   400 C CG  . TRP A 1 61  ? -8.003  -12.141 -0.197  1.00 16.83 ? 372 TRP A CG  1 
ATOM   401 C CD1 . TRP A 1 61  ? -7.822  -13.102 0.769   1.00 19.04 ? 372 TRP A CD1 1 
ATOM   402 C CD2 . TRP A 1 61  ? -6.686  -11.678 -0.551  1.00 15.69 ? 372 TRP A CD2 1 
ATOM   403 N NE1 . TRP A 1 61  ? -6.502  -13.239 1.053   1.00 19.19 ? 372 TRP A NE1 1 
ATOM   404 C CE2 . TRP A 1 61  ? -5.774  -12.364 0.285   1.00 17.80 ? 372 TRP A CE2 1 
ATOM   405 C CE3 . TRP A 1 61  ? -6.198  -10.690 -1.425  1.00 17.52 ? 372 TRP A CE3 1 
ATOM   406 C CZ2 . TRP A 1 61  ? -4.378  -12.147 0.244   1.00 18.27 ? 372 TRP A CZ2 1 
ATOM   407 C CZ3 . TRP A 1 61  ? -4.799  -10.464 -1.476  1.00 19.04 ? 372 TRP A CZ3 1 
ATOM   408 C CH2 . TRP A 1 61  ? -3.917  -11.176 -0.634  1.00 18.83 ? 372 TRP A CH2 1 
ATOM   409 N N   . GLY A 1 62  ? -12.068 -10.176 -0.870  1.00 18.46 ? 373 GLY A N   1 
ATOM   410 C CA  . GLY A 1 62  ? -13.389 -10.379 -1.477  1.00 20.02 ? 373 GLY A CA  1 
ATOM   411 C C   . GLY A 1 62  ? -13.381 -11.664 -2.321  1.00 21.45 ? 373 GLY A C   1 
ATOM   412 O O   . GLY A 1 62  ? -12.575 -12.556 -2.054  1.00 20.95 ? 373 GLY A O   1 
ATOM   413 N N   . PRO A 1 63  ? -14.250 -11.751 -3.357  1.00 21.76 ? 374 PRO A N   1 
ATOM   414 C CA  . PRO A 1 63  ? -14.389 -13.013 -4.091  1.00 21.47 ? 374 PRO A CA  1 
ATOM   415 C C   . PRO A 1 63  ? -13.063 -13.382 -4.752  1.00 21.93 ? 374 PRO A C   1 
ATOM   416 O O   . PRO A 1 63  ? -12.340 -12.504 -5.207  1.00 21.49 ? 374 PRO A O   1 
ATOM   417 C CB  . PRO A 1 63  ? -15.451 -12.695 -5.157  1.00 20.74 ? 374 PRO A CB  1 
ATOM   418 C CG  . PRO A 1 63  ? -16.171 -11.500 -4.640  1.00 20.98 ? 374 PRO A CG  1 
ATOM   419 C CD  . PRO A 1 63  ? -15.149 -10.710 -3.886  1.00 21.76 ? 374 PRO A CD  1 
ATOM   420 N N   . ALA A 1 64  ? -12.772 -14.673 -4.814  1.00 21.04 ? 375 ALA A N   1 
ATOM   421 C CA  . ALA A 1 64  ? -11.464 -15.165 -5.217  1.00 20.94 ? 375 ALA A CA  1 
ATOM   422 C C   . ALA A 1 64  ? -11.134 -14.861 -6.671  1.00 21.17 ? 375 ALA A C   1 
ATOM   423 O O   . ALA A 1 64  ? -9.966  -14.752 -7.037  1.00 21.45 ? 375 ALA A O   1 
ATOM   424 C CB  . ALA A 1 64  ? -11.352 -16.662 -4.927  1.00 20.68 ? 375 ALA A CB  1 
ATOM   425 N N   . GLY A 1 65  ? -12.172 -14.674 -7.493  1.00 20.96 ? 376 GLY A N   1 
ATOM   426 C CA  . GLY A 1 65  ? -12.010 -14.331 -8.898  1.00 21.17 ? 376 GLY A CA  1 
ATOM   427 C C   . GLY A 1 65  ? -11.726 -12.844 -9.171  1.00 22.16 ? 376 GLY A C   1 
ATOM   428 O O   . GLY A 1 65  ? -11.477 -12.470 -10.333 1.00 21.72 ? 376 GLY A O   1 
ATOM   429 N N   . SER A 1 66  ? -11.747 -12.025 -8.119  1.00 22.29 ? 377 SER A N   1 
ATOM   430 C CA  . SER A 1 66  ? -11.416 -10.583 -8.201  1.00 23.88 ? 377 SER A CA  1 
ATOM   431 C C   . SER A 1 66  ? -9.948  -10.440 -8.476  1.00 23.29 ? 377 SER A C   1 
ATOM   432 O O   . SER A 1 66  ? -9.147  -10.872 -7.648  1.00 25.32 ? 377 SER A O   1 
ATOM   433 C CB  . SER A 1 66  ? -11.656 -9.880  -6.852  1.00 24.28 ? 377 SER A CB  1 
ATOM   434 O OG  . SER A 1 66  ? -13.027 -9.660  -6.598  1.00 30.34 ? 377 SER A OG  1 
ATOM   435 N N   . ARG A 1 67  ? -9.567  -9.789  -9.563  1.00 21.73 ? 378 ARG A N   1 
ATOM   436 C CA  . ARG A 1 67  ? -8.131  -9.700  -9.871  1.00 21.99 ? 378 ARG A CA  1 
ATOM   437 C C   . ARG A 1 67  ? -7.501  -8.376  -9.464  1.00 21.17 ? 378 ARG A C   1 
ATOM   438 O O   . ARG A 1 67  ? -8.011  -7.307  -9.822  1.00 20.48 ? 378 ARG A O   1 
ATOM   439 C CB  . ARG A 1 67  ? -7.848  -9.989  -11.364 1.00 22.63 ? 378 ARG A CB  1 
ATOM   440 N N   . PRO A 1 68  ? -6.379  -8.451  -8.733  1.00 19.99 ? 379 PRO A N   1 
ATOM   441 C CA  . PRO A 1 68  ? -5.642  -7.237  -8.387  1.00 19.87 ? 379 PRO A CA  1 
ATOM   442 C C   . PRO A 1 68  ? -4.970  -6.608  -9.575  1.00 20.25 ? 379 PRO A C   1 
ATOM   443 O O   . PRO A 1 68  ? -4.702  -7.276  -10.593 1.00 19.44 ? 379 PRO A O   1 
ATOM   444 C CB  . PRO A 1 68  ? -4.585  -7.711  -7.377  1.00 19.71 ? 379 PRO A CB  1 
ATOM   445 C CG  . PRO A 1 68  ? -4.553  -9.142  -7.418  1.00 21.29 ? 379 PRO A CG  1 
ATOM   446 C CD  . PRO A 1 68  ? -5.796  -9.659  -8.131  1.00 20.64 ? 379 PRO A CD  1 
ATOM   447 N N   . GLU A 1 69  ? -4.723  -5.318  -9.446  1.00 18.38 ? 380 GLU A N   1 
ATOM   448 C CA  . GLU A 1 69  ? -4.056  -4.548  -10.489 1.00 20.73 ? 380 GLU A CA  1 
ATOM   449 C C   . GLU A 1 69  ? -2.538  -4.804  -10.424 1.00 19.90 ? 380 GLU A C   1 
ATOM   450 O O   . GLU A 1 69  ? -1.852  -4.865  -11.463 1.00 18.43 ? 380 GLU A O   1 
ATOM   451 C CB  . GLU A 1 69  ? -4.436  -3.040  -10.384 1.00 21.66 ? 380 GLU A CB  1 
ATOM   452 C CG  . GLU A 1 69  ? -4.020  -2.314  -9.073  1.00 28.52 ? 380 GLU A CG  1 
ATOM   453 C CD  . GLU A 1 69  ? -4.158  -0.746  -9.069  1.00 32.83 ? 380 GLU A CD  1 
ATOM   454 O OE1 . GLU A 1 69  ? -3.661  -0.100  -10.023 1.00 37.61 ? 380 GLU A OE1 1 
ATOM   455 O OE2 . GLU A 1 69  ? -4.708  -0.163  -8.078  1.00 34.98 ? 380 GLU A OE2 1 
ATOM   456 N N   . SER A 1 70  ? -2.020  -4.943  -9.202  1.00 18.38 ? 381 SER A N   1 
ATOM   457 C CA  . SER A 1 70  ? -0.575  -5.155  -8.947  1.00 17.76 ? 381 SER A CA  1 
ATOM   458 C C   . SER A 1 70  ? -0.325  -5.532  -7.495  1.00 16.53 ? 381 SER A C   1 
ATOM   459 O O   . SER A 1 70  ? -1.227  -5.491  -6.651  1.00 14.85 ? 381 SER A O   1 
ATOM   460 C CB  . SER A 1 70  ? 0.251   -3.912  -9.312  1.00 19.03 ? 381 SER A CB  1 
ATOM   461 O OG  . SER A 1 70  ? 0.039   -2.871  -8.377  1.00 19.18 ? 381 SER A OG  1 
ATOM   462 N N   . SER A 1 71  ? 0.924   -5.854  -7.200  1.00 16.74 ? 382 SER A N   1 
ATOM   463 C CA  . SER A 1 71  ? 1.325   -6.456  -5.937  1.00 17.52 ? 382 SER A CA  1 
ATOM   464 C C   . SER A 1 71  ? 2.795   -6.115  -5.765  1.00 16.88 ? 382 SER A C   1 
ATOM   465 O O   . SER A 1 71  ? 3.494   -6.062  -6.780  1.00 16.63 ? 382 SER A O   1 
ATOM   466 C CB  . SER A 1 71  ? 1.282   -8.007  -6.124  1.00 15.74 ? 382 SER A CB  1 
ATOM   467 O OG  . SER A 1 71  ? 1.448   -8.604  -4.883  1.00 26.69 ? 382 SER A OG  1 
ATOM   468 N N   . VAL A 1 72  ? 3.270   -5.977  -4.525  1.00 15.81 ? 383 VAL A N   1 
ATOM   469 C CA  . VAL A 1 72  ? 4.702   -5.870  -4.255  1.00 16.88 ? 383 VAL A CA  1 
ATOM   470 C C   . VAL A 1 72  ? 5.107   -6.719  -3.085  1.00 15.40 ? 383 VAL A C   1 
ATOM   471 O O   . VAL A 1 72  ? 4.346   -6.888  -2.113  1.00 16.34 ? 383 VAL A O   1 
ATOM   472 C CB  . VAL A 1 72  ? 5.172   -4.399  -3.963  1.00 16.15 ? 383 VAL A CB  1 
ATOM   473 C CG1 . VAL A 1 72  ? 4.956   -3.519  -5.149  1.00 20.18 ? 383 VAL A CG1 1 
ATOM   474 C CG2 . VAL A 1 72  ? 4.420   -3.843  -2.766  1.00 15.52 ? 383 VAL A CG2 1 
ATOM   475 N N   . ASP A 1 73  ? 6.331   -7.226  -3.171  1.00 14.78 ? 384 ASP A N   1 
ATOM   476 C CA  . ASP A 1 73  ? 6.967   -8.029  -2.114  1.00 16.70 ? 384 ASP A CA  1 
ATOM   477 C C   . ASP A 1 73  ? 7.486   -7.046  -1.071  1.00 15.68 ? 384 ASP A C   1 
ATOM   478 O O   . ASP A 1 73  ? 8.230   -6.142  -1.420  1.00 17.92 ? 384 ASP A O   1 
ATOM   479 C CB  . ASP A 1 73  ? 8.131   -8.780  -2.792  1.00 17.39 ? 384 ASP A CB  1 
ATOM   480 C CG  . ASP A 1 73  ? 8.906   -9.696  -1.856  1.00 21.43 ? 384 ASP A CG  1 
ATOM   481 O OD1 . ASP A 1 73  ? 8.735   -9.643  -0.615  1.00 20.84 ? 384 ASP A OD1 1 
ATOM   482 O OD2 . ASP A 1 73  ? 9.704   -10.501 -2.402  1.00 24.80 ? 384 ASP A OD2 1 
ATOM   483 N N   . LEU A 1 74  ? 7.098   -7.216  0.187   1.00 13.90 ? 385 LEU A N   1 
ATOM   484 C CA  . LEU A 1 74  ? 7.541   -6.265  1.267   1.00 14.89 ? 385 LEU A CA  1 
ATOM   485 C C   . LEU A 1 74  ? 8.857   -6.634  1.939   1.00 15.63 ? 385 LEU A C   1 
ATOM   486 O O   . LEU A 1 74  ? 9.328   -5.889  2.810   1.00 15.29 ? 385 LEU A O   1 
ATOM   487 C CB  . LEU A 1 74  ? 6.468   -6.135  2.345   1.00 14.40 ? 385 LEU A CB  1 
ATOM   488 C CG  . LEU A 1 74  ? 5.252   -5.382  1.813   1.00 15.96 ? 385 LEU A CG  1 
ATOM   489 C CD1 . LEU A 1 74  ? 4.074   -5.524  2.838   1.00 15.11 ? 385 LEU A CD1 1 
ATOM   490 C CD2 . LEU A 1 74  ? 5.566   -3.920  1.422   1.00 14.73 ? 385 LEU A CD2 1 
ATOM   491 N N   . ARG A 1 75  ? 9.441   -7.792  1.590   1.00 16.20 ? 386 ARG A N   1 
ATOM   492 C CA  . ARG A 1 75  ? 10.730  -8.186  2.222   1.00 17.78 ? 386 ARG A CA  1 
ATOM   493 C C   . ARG A 1 75  ? 11.790  -7.150  1.898   1.00 17.88 ? 386 ARG A C   1 
ATOM   494 O O   . ARG A 1 75  ? 12.052  -6.910  0.733   1.00 18.32 ? 386 ARG A O   1 
ATOM   495 C CB  . ARG A 1 75  ? 11.215  -9.594  1.770   1.00 18.68 ? 386 ARG A CB  1 
ATOM   496 C CG  . ARG A 1 75  ? 10.370  -10.714 2.322   1.00 21.99 ? 386 ARG A CG  1 
ATOM   497 C CD  . ARG A 1 75  ? 11.006  -12.138 2.106   1.00 25.95 ? 386 ARG A CD  1 
ATOM   498 N NE  . ARG A 1 75  ? 9.973   -13.161 2.279   1.00 29.29 ? 386 ARG A NE  1 
ATOM   499 C CZ  . ARG A 1 75  ? 8.910   -13.315 1.478   1.00 32.03 ? 386 ARG A CZ  1 
ATOM   500 N NH1 . ARG A 1 75  ? 8.728   -12.534 0.409   1.00 28.06 ? 386 ARG A NH1 1 
ATOM   501 N NH2 . ARG A 1 75  ? 8.016   -14.260 1.747   1.00 30.58 ? 386 ARG A NH2 1 
ATOM   502 N N   . GLY A 1 76  ? 12.383  -6.543  2.934   1.00 17.64 ? 387 GLY A N   1 
ATOM   503 C CA  . GLY A 1 76  ? 13.463  -5.540  2.783   1.00 19.01 ? 387 GLY A CA  1 
ATOM   504 C C   . GLY A 1 76  ? 12.953  -4.166  2.317   1.00 19.66 ? 387 GLY A C   1 
ATOM   505 O O   . GLY A 1 76  ? 13.740  -3.273  2.013   1.00 21.11 ? 387 GLY A O   1 
ATOM   506 N N   . ALA A 1 77  ? 11.641  -3.985  2.297   1.00 19.10 ? 388 ALA A N   1 
ATOM   507 C CA  . ALA A 1 77  ? 11.058  -2.690  1.963   1.00 17.77 ? 388 ALA A CA  1 
ATOM   508 C C   . ALA A 1 77  ? 11.318  -1.655  3.080   1.00 18.05 ? 388 ALA A C   1 
ATOM   509 O O   . ALA A 1 77  ? 11.598  -2.015  4.220   1.00 18.28 ? 388 ALA A O   1 
ATOM   510 C CB  . ALA A 1 77  ? 9.590   -2.834  1.681   1.00 18.41 ? 388 ALA A CB  1 
ATOM   511 N N   . ALA A 1 78  ? 11.311  -0.380  2.706   1.00 16.18 ? 389 ALA A N   1 
ATOM   512 C CA  . ALA A 1 78  ? 11.580  0.695   3.652   1.00 16.36 ? 389 ALA A CA  1 
ATOM   513 C C   . ALA A 1 78  ? 10.403  1.641   3.644   1.00 16.08 ? 389 ALA A C   1 
ATOM   514 O O   . ALA A 1 78  ? 9.819   1.898   2.583   1.00 13.18 ? 389 ALA A O   1 
ATOM   515 C CB  . ALA A 1 78  ? 12.868  1.420   3.264   1.00 17.33 ? 389 ALA A CB  1 
ATOM   516 N N   . LEU A 1 79  ? 10.067  2.157   4.833   1.00 16.43 ? 390 LEU A N   1 
ATOM   517 C CA  . LEU A 1 79  ? 8.934   3.079   5.001   1.00 18.86 ? 390 LEU A CA  1 
ATOM   518 C C   . LEU A 1 79  ? 9.430   4.421   5.539   1.00 20.44 ? 390 LEU A C   1 
ATOM   519 O O   . LEU A 1 79  ? 10.316  4.441   6.340   1.00 21.47 ? 390 LEU A O   1 
ATOM   520 C CB  . LEU A 1 79  ? 8.020   2.464   6.060   1.00 19.58 ? 390 LEU A CB  1 
ATOM   521 C CG  . LEU A 1 79  ? 6.532   2.343   5.867   1.00 24.01 ? 390 LEU A CG  1 
ATOM   522 C CD1 . LEU A 1 79  ? 6.368   1.414   4.672   1.00 25.67 ? 390 LEU A CD1 1 
ATOM   523 C CD2 . LEU A 1 79  ? 6.000   1.717   7.207   1.00 23.02 ? 390 LEU A CD2 1 
ATOM   524 N N   . ALA A 1 80  ? 8.830   5.526   5.124   1.00 20.04 ? 391 ALA A N   1 
ATOM   525 C CA  . ALA A 1 80  ? 9.232   6.860   5.545   1.00 21.79 ? 391 ALA A CA  1 
ATOM   526 C C   . ALA A 1 80  ? 8.043   7.759   5.339   1.00 23.08 ? 391 ALA A C   1 
ATOM   527 O O   . ALA A 1 80  ? 7.100   7.405   4.590   1.00 22.13 ? 391 ALA A O   1 
ATOM   528 C CB  . ALA A 1 80  ? 10.431  7.364   4.712   1.00 22.04 ? 391 ALA A CB  1 
ATOM   529 N N   . HIS A 1 81  ? 8.055   8.899   6.031   1.00 23.56 ? 392 HIS A N   1 
ATOM   530 C CA  . HIS A 1 81  ? 6.997   9.880   5.868   1.00 24.27 ? 392 HIS A CA  1 
ATOM   531 C C   . HIS A 1 81  ? 7.197   10.457  4.495   1.00 23.42 ? 392 HIS A C   1 
ATOM   532 O O   . HIS A 1 81  ? 8.325   10.519  3.990   1.00 23.43 ? 392 HIS A O   1 
ATOM   533 C CB  . HIS A 1 81  ? 7.035   10.968  6.958   1.00 26.38 ? 392 HIS A CB  1 
ATOM   534 C CG  . HIS A 1 81  ? 5.830   11.874  6.955   1.00 31.87 ? 392 HIS A CG  1 
ATOM   535 N ND1 . HIS A 1 81  ? 4.787   11.734  7.851   1.00 36.47 ? 392 HIS A ND1 1 
ATOM   536 C CD2 . HIS A 1 81  ? 5.498   12.923  6.160   1.00 34.31 ? 392 HIS A CD2 1 
ATOM   537 C CE1 . HIS A 1 81  ? 3.869   12.658  7.609   1.00 36.91 ? 392 HIS A CE1 1 
ATOM   538 N NE2 . HIS A 1 81  ? 4.275   13.391  6.587   1.00 36.43 ? 392 HIS A NE2 1 
ATOM   539 N N   . GLY A 1 82  ? 6.102   10.824  3.846   1.00 21.56 ? 393 GLY A N   1 
ATOM   540 C CA  . GLY A 1 82  ? 6.188   11.210  2.440   1.00 19.74 ? 393 GLY A CA  1 
ATOM   541 C C   . GLY A 1 82  ? 6.239   12.708  2.230   1.00 20.94 ? 393 GLY A C   1 
ATOM   542 O O   . GLY A 1 82  ? 6.003   13.185  1.108   1.00 18.64 ? 393 GLY A O   1 
ATOM   543 N N   . ARG A 1 83  ? 6.586   13.448  3.292   1.00 20.45 ? 394 ARG A N   1 
ATOM   544 C CA  . ARG A 1 83  ? 6.549   14.910  3.249   1.00 23.15 ? 394 ARG A CA  1 
ATOM   545 C C   . ARG A 1 83  ? 7.491   15.523  2.197   1.00 22.11 ? 394 ARG A C   1 
ATOM   546 O O   . ARG A 1 83  ? 7.206   16.588  1.675   1.00 22.17 ? 394 ARG A O   1 
ATOM   547 C CB  . ARG A 1 83  ? 6.787   15.524  4.651   1.00 22.96 ? 394 ARG A CB  1 
ATOM   548 C CG  . ARG A 1 83  ? 8.216   15.337  5.198   1.00 27.95 ? 394 ARG A CG  1 
ATOM   549 C CD  . ARG A 1 83  ? 8.482   16.126  6.532   1.00 33.32 ? 394 ARG A CD  1 
ATOM   550 N NE  . ARG A 1 83  ? 8.110   15.325  7.691   1.00 40.14 ? 394 ARG A NE  1 
ATOM   551 C CZ  . ARG A 1 83  ? 6.865   15.183  8.152   1.00 42.34 ? 394 ARG A CZ  1 
ATOM   552 N NH1 . ARG A 1 83  ? 5.842   15.797  7.563   1.00 44.23 ? 394 ARG A NH1 1 
ATOM   553 N NH2 . ARG A 1 83  ? 6.641   14.410  9.202   1.00 42.85 ? 394 ARG A NH2 1 
ATOM   554 N N   . HIS A 1 84  ? 8.588   14.857  1.856   1.00 22.87 ? 395 HIS A N   1 
ATOM   555 C CA  . HIS A 1 84  ? 9.502   15.412  0.807   1.00 22.98 ? 395 HIS A CA  1 
ATOM   556 C C   . HIS A 1 84  ? 8.976   15.282  -0.618  1.00 21.49 ? 395 HIS A C   1 
ATOM   557 O O   . HIS A 1 84  ? 9.455   15.931  -1.561  1.00 20.12 ? 395 HIS A O   1 
ATOM   558 C CB  . HIS A 1 84  ? 10.912  14.810  0.960   1.00 24.81 ? 395 HIS A CB  1 
ATOM   559 C CG  . HIS A 1 84  ? 11.491  15.050  2.314   1.00 30.12 ? 395 HIS A CG  1 
ATOM   560 N ND1 . HIS A 1 84  ? 11.923  16.297  2.727   1.00 35.35 ? 395 HIS A ND1 1 
ATOM   561 C CD2 . HIS A 1 84  ? 11.624  14.232  3.385   1.00 33.06 ? 395 HIS A CD2 1 
ATOM   562 C CE1 . HIS A 1 84  ? 12.342  16.220  3.978   1.00 35.72 ? 395 HIS A CE1 1 
ATOM   563 N NE2 . HIS A 1 84  ? 12.165  14.981  4.401   1.00 35.47 ? 395 HIS A NE2 1 
ATOM   564 N N   . LEU A 1 85  ? 7.935   14.476  -0.773  1.00 19.96 ? 396 LEU A N   1 
ATOM   565 C CA  . LEU A 1 85  ? 7.515   14.034  -2.081  1.00 19.26 ? 396 LEU A CA  1 
ATOM   566 C C   . LEU A 1 85  ? 6.116   14.491  -2.436  1.00 18.26 ? 396 LEU A C   1 
ATOM   567 O O   . LEU A 1 85  ? 5.730   14.386  -3.583  1.00 19.47 ? 396 LEU A O   1 
ATOM   568 C CB  . LEU A 1 85  ? 7.566   12.500  -2.133  1.00 19.31 ? 396 LEU A CB  1 
ATOM   569 C CG  . LEU A 1 85  ? 8.997   11.935  -2.070  1.00 20.93 ? 396 LEU A CG  1 
ATOM   570 C CD1 . LEU A 1 85  ? 8.957   10.411  -1.838  1.00 21.51 ? 396 LEU A CD1 1 
ATOM   571 C CD2 . LEU A 1 85  ? 9.768   12.254  -3.344  1.00 22.11 ? 396 LEU A CD2 1 
ATOM   572 N N   . SER A 1 86  ? 5.360   14.953  -1.438  1.00 16.67 ? 397 SER A N   1 
ATOM   573 C CA  . SER A 1 86  ? 3.978   15.381  -1.633  1.00 15.86 ? 397 SER A CA  1 
ATOM   574 C C   . SER A 1 86  ? 3.592   16.467  -0.619  1.00 16.28 ? 397 SER A C   1 
ATOM   575 O O   . SER A 1 86  ? 4.063   16.449  0.494   1.00 15.78 ? 397 SER A O   1 
ATOM   576 C CB  . SER A 1 86  ? 3.045   14.189  -1.462  1.00 16.75 ? 397 SER A CB  1 
ATOM   577 O OG  . SER A 1 86  ? 1.683   14.602  -1.535  1.00 14.98 ? 397 SER A OG  1 
ATOM   578 N N   . SER A 1 87  ? 2.729   17.401  -1.014  1.00 16.45 ? 398 SER A N   1 
ATOM   579 C CA  . SER A 1 87  ? 2.209   18.394  -0.053  1.00 17.19 ? 398 SER A CA  1 
ATOM   580 C C   . SER A 1 87  ? 0.994   17.875  0.710   1.00 16.66 ? 398 SER A C   1 
ATOM   581 O O   . SER A 1 87  ? 0.555   18.517  1.670   1.00 17.71 ? 398 SER A O   1 
ATOM   582 C CB  . SER A 1 87  ? 1.827   19.681  -0.792  1.00 17.61 ? 398 SER A CB  1 
ATOM   583 O OG  . SER A 1 87  ? 0.819   19.353  -1.730  1.00 18.83 ? 398 SER A OG  1 
ATOM   584 N N   . ARG A 1 88  ? 0.448   16.718  0.299   1.00 14.18 ? 399 ARG A N   1 
ATOM   585 C CA  . ARG A 1 88  ? -0.751  16.142  0.967   1.00 14.98 ? 399 ARG A CA  1 
ATOM   586 C C   . ARG A 1 88  ? -0.455  15.845  2.423   1.00 13.95 ? 399 ARG A C   1 
ATOM   587 O O   . ARG A 1 88  ? 0.664   15.421  2.767   1.00 14.09 ? 399 ARG A O   1 
ATOM   588 C CB  . ARG A 1 88  ? -1.230  14.849  0.255   1.00 12.65 ? 399 ARG A CB  1 
ATOM   589 C CG  . ARG A 1 88  ? -1.746  15.168  -1.149  1.00 15.67 ? 399 ARG A CG  1 
ATOM   590 C CD  . ARG A 1 88  ? -2.437  13.954  -1.785  1.00 18.05 ? 399 ARG A CD  1 
ATOM   591 N NE  . ARG A 1 88  ? -2.968  14.317  -3.087  1.00 18.84 ? 399 ARG A NE  1 
ATOM   592 C CZ  . ARG A 1 88  ? -3.949  13.670  -3.703  1.00 21.15 ? 399 ARG A CZ  1 
ATOM   593 N NH1 . ARG A 1 88  ? -4.549  12.660  -3.097  1.00 21.29 ? 399 ARG A NH1 1 
ATOM   594 N NH2 . ARG A 1 88  ? -4.339  14.059  -4.910  1.00 18.11 ? 399 ARG A NH2 1 
ATOM   595 N N   . ARG A 1 89  ? -1.448  16.033  3.289   1.00 14.18 ? 400 ARG A N   1 
ATOM   596 C CA  . ARG A 1 89  ? -1.133  16.091  4.732   1.00 16.80 ? 400 ARG A CA  1 
ATOM   597 C C   . ARG A 1 89  ? -0.556  14.789  5.294   1.00 17.31 ? 400 ARG A C   1 
ATOM   598 O O   . ARG A 1 89  ? 0.489   14.793  5.974   1.00 19.32 ? 400 ARG A O   1 
ATOM   599 C CB  . ARG A 1 89  ? -2.376  16.466  5.547   1.00 16.76 ? 400 ARG A CB  1 
ATOM   600 C CG  . ARG A 1 89  ? -2.050  16.829  7.034   1.00 19.52 ? 400 ARG A CG  1 
ATOM   601 C CD  . ARG A 1 89  ? -3.305  17.131  7.888   1.00 19.96 ? 400 ARG A CD  1 
ATOM   602 N NE  . ARG A 1 89  ? -2.866  17.636  9.216   1.00 21.70 ? 400 ARG A NE  1 
ATOM   603 C CZ  . ARG A 1 89  ? -2.440  16.840  10.204  1.00 24.85 ? 400 ARG A CZ  1 
ATOM   604 N NH1 . ARG A 1 89  ? -2.391  15.519  10.027  1.00 20.19 ? 400 ARG A NH1 1 
ATOM   605 N NH2 . ARG A 1 89  ? -2.040  17.361  11.353  1.00 25.36 ? 400 ARG A NH2 1 
ATOM   606 N N   . ASN A 1 90  ? -1.274  13.700  5.074   1.00 17.64 ? 401 ASN A N   1 
ATOM   607 C CA  . ASN A 1 90  ? -0.962  12.445  5.757   1.00 15.39 ? 401 ASN A CA  1 
ATOM   608 C C   . ASN A 1 90  ? -0.459  11.516  4.667   1.00 15.02 ? 401 ASN A C   1 
ATOM   609 O O   . ASN A 1 90  ? -1.256  10.949  3.945   1.00 16.17 ? 401 ASN A O   1 
ATOM   610 C CB  . ASN A 1 90  ? -2.253  11.865  6.377   1.00 16.10 ? 401 ASN A CB  1 
ATOM   611 C CG  . ASN A 1 90  ? -2.964  12.858  7.310   1.00 16.06 ? 401 ASN A CG  1 
ATOM   612 O OD1 . ASN A 1 90  ? -2.309  13.510  8.106   1.00 16.01 ? 401 ASN A OD1 1 
ATOM   613 N ND2 . ASN A 1 90  ? -4.289  12.991  7.182   1.00 15.28 ? 401 ASN A ND2 1 
ATOM   614 N N   . VAL A 1 91  ? 0.845   11.387  4.495   1.00 14.34 ? 402 VAL A N   1 
ATOM   615 C CA  . VAL A 1 91  ? 1.333   10.627  3.331   1.00 13.90 ? 402 VAL A CA  1 
ATOM   616 C C   . VAL A 1 91  ? 2.482   9.776   3.798   1.00 14.18 ? 402 VAL A C   1 
ATOM   617 O O   . VAL A 1 91  ? 3.316   10.245  4.611   1.00 14.26 ? 402 VAL A O   1 
ATOM   618 C CB  . VAL A 1 91  ? 1.763   11.579  2.151   1.00 14.82 ? 402 VAL A CB  1 
ATOM   619 C CG1 . VAL A 1 91  ? 2.642   12.740  2.688   1.00 16.83 ? 402 VAL A CG1 1 
ATOM   620 C CG2 . VAL A 1 91  ? 2.453   10.788  0.970   1.00 15.13 ? 402 VAL A CG2 1 
ATOM   621 N N   . LEU A 1 92  ? 2.529   8.541   3.285   1.00 13.08 ? 403 LEU A N   1 
ATOM   622 C CA  . LEU A 1 92  ? 3.605   7.618   3.550   1.00 13.82 ? 403 LEU A CA  1 
ATOM   623 C C   . LEU A 1 92  ? 4.269   7.218   2.246   1.00 13.56 ? 403 LEU A C   1 
ATOM   624 O O   . LEU A 1 92  ? 3.612   7.054   1.232   1.00 14.65 ? 403 LEU A O   1 
ATOM   625 C CB  . LEU A 1 92  ? 3.087   6.309   4.165   1.00 15.82 ? 403 LEU A CB  1 
ATOM   626 C CG  . LEU A 1 92  ? 2.011   6.081   5.202   1.00 20.37 ? 403 LEU A CG  1 
ATOM   627 C CD1 . LEU A 1 92  ? 1.857   4.585   5.378   1.00 22.81 ? 403 LEU A CD1 1 
ATOM   628 C CD2 . LEU A 1 92  ? 2.408   6.757   6.520   1.00 27.24 ? 403 LEU A CD2 1 
ATOM   629 N N   . HIS A 1 93  ? 5.569   7.028   2.314   1.00 11.78 ? 404 HIS A N   1 
ATOM   630 C CA  . HIS A 1 93  ? 6.386   6.610   1.166   1.00 12.52 ? 404 HIS A CA  1 
ATOM   631 C C   . HIS A 1 93  ? 6.857   5.210   1.449   1.00 13.14 ? 404 HIS A C   1 
ATOM   632 O O   . HIS A 1 93  ? 7.447   4.954   2.508   1.00 13.90 ? 404 HIS A O   1 
ATOM   633 C CB  . HIS A 1 93  ? 7.566   7.589   1.073   1.00 12.94 ? 404 HIS A CB  1 
ATOM   634 C CG  . HIS A 1 93  ? 8.626   7.218   0.070   1.00 16.26 ? 404 HIS A CG  1 
ATOM   635 N ND1 . HIS A 1 93  ? 8.351   6.769   -1.204  1.00 18.81 ? 404 HIS A ND1 1 
ATOM   636 C CD2 . HIS A 1 93  ? 9.971   7.355   0.133   1.00 18.63 ? 404 HIS A CD2 1 
ATOM   637 C CE1 . HIS A 1 93  ? 9.484   6.545   -1.849  1.00 14.07 ? 404 HIS A CE1 1 
ATOM   638 N NE2 . HIS A 1 93  ? 10.480  6.892   -1.059  1.00 23.64 ? 404 HIS A NE2 1 
ATOM   639 N N   . ILE A 1 94  ? 6.629   4.311   0.498   1.00 13.16 ? 405 ILE A N   1 
ATOM   640 C CA  . ILE A 1 94  ? 7.156   2.948   0.577   1.00 13.69 ? 405 ILE A CA  1 
ATOM   641 C C   . ILE A 1 94  ? 8.121   2.742   -0.575  1.00 13.92 ? 405 ILE A C   1 
ATOM   642 O O   . ILE A 1 94  ? 7.785   3.065   -1.727  1.00 13.81 ? 405 ILE A O   1 
ATOM   643 C CB  . ILE A 1 94  ? 6.036   1.897   0.450   1.00 14.37 ? 405 ILE A CB  1 
ATOM   644 C CG1 . ILE A 1 94  ? 4.943   2.174   1.486   1.00 18.24 ? 405 ILE A CG1 1 
ATOM   645 C CG2 . ILE A 1 94  ? 6.629   0.438   0.620   1.00 16.00 ? 405 ILE A CG2 1 
ATOM   646 C CD1 . ILE A 1 94  ? 3.922   1.047   1.675   1.00 27.43 ? 405 ILE A CD1 1 
ATOM   647 N N   . ARG A 1 95  ? 9.296   2.182   -0.302  1.00 13.76 ? 406 ARG A N   1 
ATOM   648 C CA  . ARG A 1 95  ? 10.182  1.740   -1.401  1.00 14.25 ? 406 ARG A CA  1 
ATOM   649 C C   . ARG A 1 95  ? 10.449  0.250   -1.263  1.00 15.22 ? 406 ARG A C   1 
ATOM   650 O O   . ARG A 1 95  ? 10.671  -0.237  -0.181  1.00 14.49 ? 406 ARG A O   1 
ATOM   651 C CB  . ARG A 1 95  ? 11.513  2.515   -1.463  1.00 16.18 ? 406 ARG A CB  1 
ATOM   652 C CG  . ARG A 1 95  ? 12.347  2.498   -0.202  1.00 19.48 ? 406 ARG A CG  1 
ATOM   653 C CD  . ARG A 1 95  ? 13.488  3.544   -0.294  1.00 22.08 ? 406 ARG A CD  1 
ATOM   654 N NE  . ARG A 1 95  ? 14.348  3.453   0.878   1.00 28.90 ? 406 ARG A NE  1 
ATOM   655 C CZ  . ARG A 1 95  ? 15.317  2.559   1.034   1.00 30.96 ? 406 ARG A CZ  1 
ATOM   656 N NH1 . ARG A 1 95  ? 15.565  1.659   0.079   1.00 32.81 ? 406 ARG A NH1 1 
ATOM   657 N NH2 . ARG A 1 95  ? 16.037  2.563   2.152   1.00 36.67 ? 406 ARG A NH2 1 
ATOM   658 N N   . THR A 1 96  ? 10.406  -0.481  -2.364  1.00 16.44 ? 407 THR A N   1 
ATOM   659 C CA  . THR A 1 96  ? 10.549  -1.929  -2.252  1.00 15.57 ? 407 THR A CA  1 
ATOM   660 C C   . THR A 1 96  ? 11.843  -2.329  -2.956  1.00 16.77 ? 407 THR A C   1 
ATOM   661 O O   . THR A 1 96  ? 12.381  -1.563  -3.742  1.00 16.81 ? 407 THR A O   1 
ATOM   662 C CB  . THR A 1 96  ? 9.310   -2.642  -2.893  1.00 16.65 ? 407 THR A CB  1 
ATOM   663 O OG1 . THR A 1 96  ? 9.244   -2.286  -4.290  1.00 15.69 ? 407 THR A OG1 1 
ATOM   664 C CG2 . THR A 1 96  ? 8.039   -2.176  -2.232  1.00 18.28 ? 407 THR A CG2 1 
ATOM   665 N N   . ILE A 1 97  ? 12.332  -3.541  -2.696  1.00 16.87 ? 408 ILE A N   1 
ATOM   666 C CA  . ILE A 1 97  ? 13.656  -3.982  -3.202  1.00 18.74 ? 408 ILE A CA  1 
ATOM   667 C C   . ILE A 1 97  ? 13.826  -3.946  -4.746  1.00 17.23 ? 408 ILE A C   1 
ATOM   668 O O   . ILE A 1 97  ? 14.875  -3.554  -5.247  1.00 16.70 ? 408 ILE A O   1 
ATOM   669 C CB  . ILE A 1 97  ? 14.020  -5.389  -2.531  1.00 20.37 ? 408 ILE A CB  1 
ATOM   670 C CG1 . ILE A 1 97  ? 14.242  -5.200  -1.033  1.00 22.27 ? 408 ILE A CG1 1 
ATOM   671 C CG2 . ILE A 1 97  ? 15.248  -6.032  -3.100  1.00 23.09 ? 408 ILE A CG2 1 
ATOM   672 C CD1 . ILE A 1 97  ? 15.482  -4.450  -0.660  1.00 27.51 ? 408 ILE A CD1 1 
ATOM   673 N N   . PRO A 1 98  ? 12.785  -4.299  -5.515  1.00 18.28 ? 409 PRO A N   1 
ATOM   674 C CA  . PRO A 1 98  ? 12.958  -4.176  -6.974  1.00 18.57 ? 409 PRO A CA  1 
ATOM   675 C C   . PRO A 1 98  ? 12.912  -2.738  -7.483  1.00 17.99 ? 409 PRO A C   1 
ATOM   676 O O   . PRO A 1 98  ? 12.884  -2.497  -8.702  1.00 18.11 ? 409 PRO A O   1 
ATOM   677 C CB  . PRO A 1 98  ? 11.789  -4.994  -7.531  1.00 19.39 ? 409 PRO A CB  1 
ATOM   678 C CG  . PRO A 1 98  ? 10.742  -4.877  -6.511  1.00 19.69 ? 409 PRO A CG  1 
ATOM   679 C CD  . PRO A 1 98  ? 11.470  -4.869  -5.176  1.00 17.33 ? 409 PRO A CD  1 
ATOM   680 N N   . GLY A 1 99  ? 12.893  -1.765  -6.563  1.00 17.63 ? 410 GLY A N   1 
ATOM   681 C CA  . GLY A 1 99  ? 12.889  -0.373  -7.000  1.00 17.74 ? 410 GLY A CA  1 
ATOM   682 C C   . GLY A 1 99  ? 11.528  0.244   -7.304  1.00 17.60 ? 410 GLY A C   1 
ATOM   683 O O   . GLY A 1 99  ? 11.473  1.310   -7.917  1.00 19.22 ? 410 GLY A O   1 
ATOM   684 N N   . HIS A 1 100 ? 10.440  -0.416  -6.892  1.00 16.44 ? 411 HIS A N   1 
ATOM   685 C CA  . HIS A 1 100 ? 9.106   0.156   -7.044  1.00 15.87 ? 411 HIS A CA  1 
ATOM   686 C C   . HIS A 1 100 ? 8.844   1.053   -5.840  1.00 15.10 ? 411 HIS A C   1 
ATOM   687 O O   . HIS A 1 100 ? 9.119   0.692   -4.695  1.00 15.59 ? 411 HIS A O   1 
ATOM   688 C CB  . HIS A 1 100 ? 7.998   -0.886  -7.150  1.00 15.29 ? 411 HIS A CB  1 
ATOM   689 C CG  . HIS A 1 100 ? 8.310   -1.994  -8.093  1.00 18.18 ? 411 HIS A CG  1 
ATOM   690 N ND1 . HIS A 1 100 ? 8.904   -1.781  -9.323  1.00 19.10 ? 411 HIS A ND1 1 
ATOM   691 C CD2 . HIS A 1 100 ? 8.093   -3.327  -7.998  1.00 22.80 ? 411 HIS A CD2 1 
ATOM   692 C CE1 . HIS A 1 100 ? 9.038   -2.941  -9.943  1.00 22.53 ? 411 HIS A CE1 1 
ATOM   693 N NE2 . HIS A 1 100 ? 8.564   -3.894  -9.156  1.00 22.88 ? 411 HIS A NE2 1 
ATOM   694 N N   . GLU A 1 101 ? 8.363   2.249   -6.092  1.00 13.28 ? 412 GLU A N   1 
ATOM   695 C CA  . GLU A 1 101 ? 8.128   3.180   -4.984  1.00 14.46 ? 412 GLU A CA  1 
ATOM   696 C C   . GLU A 1 101 ? 6.782   3.767   -5.127  1.00 14.37 ? 412 GLU A C   1 
ATOM   697 O O   . GLU A 1 101 ? 6.320   4.030   -6.256  1.00 13.66 ? 412 GLU A O   1 
ATOM   698 C CB  . GLU A 1 101 ? 9.178   4.321   -4.927  1.00 15.27 ? 412 GLU A CB  1 
ATOM   699 C CG  . GLU A 1 101 ? 10.592  3.843   -4.800  1.00 16.30 ? 412 GLU A CG  1 
ATOM   700 C CD  . GLU A 1 101 ? 11.595  4.962   -4.630  1.00 23.80 ? 412 GLU A CD  1 
ATOM   701 O OE1 . GLU A 1 101 ? 11.272  6.044   -4.069  1.00 23.63 ? 412 GLU A OE1 1 
ATOM   702 O OE2 . GLU A 1 101 ? 12.736  4.748   -5.070  1.00 26.41 ? 412 GLU A OE2 1 
ATOM   703 N N   . PHE A 1 102 ? 6.118   3.975   -3.988  1.00 13.83 ? 413 PHE A N   1 
ATOM   704 C CA  . PHE A 1 102 ? 4.801   4.570   -4.078  1.00 14.12 ? 413 PHE A CA  1 
ATOM   705 C C   . PHE A 1 102 ? 4.519   5.385   -2.849  1.00 13.61 ? 413 PHE A C   1 
ATOM   706 O O   . PHE A 1 102 ? 5.199   5.234   -1.800  1.00 12.54 ? 413 PHE A O   1 
ATOM   707 C CB  . PHE A 1 102 ? 3.689   3.545   -4.344  1.00 16.15 ? 413 PHE A CB  1 
ATOM   708 C CG  . PHE A 1 102 ? 3.742   2.389   -3.482  1.00 18.15 ? 413 PHE A CG  1 
ATOM   709 C CD1 . PHE A 1 102 ? 2.948   2.335   -2.346  1.00 20.24 ? 413 PHE A CD1 1 
ATOM   710 C CD2 . PHE A 1 102 ? 4.577   1.319   -3.791  1.00 19.85 ? 413 PHE A CD2 1 
ATOM   711 C CE1 . PHE A 1 102 ? 3.005   1.243   -1.508  1.00 22.90 ? 413 PHE A CE1 1 
ATOM   712 C CE2 . PHE A 1 102 ? 4.658   0.251   -2.952  1.00 23.27 ? 413 PHE A CE2 1 
ATOM   713 C CZ  . PHE A 1 102 ? 3.862   0.202   -1.807  1.00 19.13 ? 413 PHE A CZ  1 
ATOM   714 N N   . LEU A 1 103 ? 3.539   6.255   -3.000  1.00 11.31 ? 414 LEU A N   1 
ATOM   715 C CA  . LEU A 1 103 ? 2.971   6.996   -1.838  1.00 12.40 ? 414 LEU A CA  1 
ATOM   716 C C   . LEU A 1 103 ? 1.574   6.484   -1.501  1.00 11.19 ? 414 LEU A C   1 
ATOM   717 O O   . LEU A 1 103 ? 0.817   6.150   -2.428  1.00 11.34 ? 414 LEU A O   1 
ATOM   718 C CB  . LEU A 1 103 ? 2.848   8.466   -2.180  1.00 13.17 ? 414 LEU A CB  1 
ATOM   719 C CG  . LEU A 1 103 ? 4.167   9.131   -2.571  1.00 14.44 ? 414 LEU A CG  1 
ATOM   720 C CD1 . LEU A 1 103 ? 3.906   10.592  -2.843  1.00 14.84 ? 414 LEU A CD1 1 
ATOM   721 C CD2 . LEU A 1 103 ? 5.178   8.936   -1.422  1.00 12.49 ? 414 LEU A CD2 1 
ATOM   722 N N   . LEU A 1 104 ? 1.239   6.445   -0.200  1.00 11.19 ? 415 LEU A N   1 
ATOM   723 C CA  . LEU A 1 104 ? -0.087  6.115   0.248   1.00 11.51 ? 415 LEU A CA  1 
ATOM   724 C C   . LEU A 1 104 ? -0.579  7.319   1.056   1.00 11.83 ? 415 LEU A C   1 
ATOM   725 O O   . LEU A 1 104 ? 0.176   7.908   1.809   1.00 12.07 ? 415 LEU A O   1 
ATOM   726 C CB  . LEU A 1 104 ? -0.092  4.862   1.156   1.00 11.86 ? 415 LEU A CB  1 
ATOM   727 C CG  . LEU A 1 104 ? 0.322   3.531   0.490   1.00 11.99 ? 415 LEU A CG  1 
ATOM   728 C CD1 . LEU A 1 104 ? 0.333   2.399   1.584   1.00 10.32 ? 415 LEU A CD1 1 
ATOM   729 C CD2 . LEU A 1 104 ? -0.523  3.120   -0.713  1.00 12.23 ? 415 LEU A CD2 1 
ATOM   730 N N   . GLN A 1 105 ? -1.846  7.651   0.936   1.00 11.61 ? 416 GLN A N   1 
ATOM   731 C CA  . GLN A 1 105 ? -2.330  8.909   1.540   1.00 11.30 ? 416 GLN A CA  1 
ATOM   732 C C   . GLN A 1 105 ? -3.808  8.732   1.932   1.00 12.04 ? 416 GLN A C   1 
ATOM   733 O O   . GLN A 1 105 ? -4.556  8.048   1.240   1.00 10.42 ? 416 GLN A O   1 
ATOM   734 C CB  . GLN A 1 105 ? -2.154  10.050  0.525   1.00 12.68 ? 416 GLN A CB  1 
ATOM   735 C CG  . GLN A 1 105 ? -2.632  11.480  1.033   1.00 15.34 ? 416 GLN A CG  1 
ATOM   736 C CD  . GLN A 1 105 ? -4.075  11.750  0.732   1.00 17.76 ? 416 GLN A CD  1 
ATOM   737 O OE1 . GLN A 1 105 ? -4.588  11.334  -0.326  1.00 18.89 ? 416 GLN A OE1 1 
ATOM   738 N NE2 . GLN A 1 105 ? -4.742  12.543  1.611   1.00 19.70 ? 416 GLN A NE2 1 
ATOM   739 N N   . SER A 1 106 ? -4.225  9.383   3.022   1.00 11.42 ? 417 SER A N   1 
ATOM   740 C CA  . SER A 1 106 ? -5.617  9.412   3.381   1.00 12.78 ? 417 SER A CA  1 
ATOM   741 C C   . SER A 1 106 ? -5.971  10.753  4.013   1.00 13.44 ? 417 SER A C   1 
ATOM   742 O O   . SER A 1 106 ? -5.137  11.355  4.644   1.00 11.65 ? 417 SER A O   1 
ATOM   743 C CB  . SER A 1 106 ? -5.914  8.303   4.386   1.00 12.73 ? 417 SER A CB  1 
ATOM   744 O OG  . SER A 1 106 ? -7.273  8.380   4.758   1.00 17.60 ? 417 SER A OG  1 
ATOM   745 N N   . ASP A 1 107 ? -7.194  11.228  3.788   1.00 14.43 ? 418 ASP A N   1 
ATOM   746 C CA  . ASP A 1 107 ? -7.639  12.462  4.457   1.00 18.26 ? 418 ASP A CA  1 
ATOM   747 C C   . ASP A 1 107 ? -7.830  12.267  5.946   1.00 19.19 ? 418 ASP A C   1 
ATOM   748 O O   . ASP A 1 107 ? -7.906  13.232  6.718   1.00 20.86 ? 418 ASP A O   1 
ATOM   749 C CB  . ASP A 1 107 ? -8.932  12.955  3.831   1.00 18.63 ? 418 ASP A CB  1 
ATOM   750 C CG  . ASP A 1 107 ? -8.704  13.655  2.529   1.00 23.92 ? 418 ASP A CG  1 
ATOM   751 O OD1 . ASP A 1 107 ? -7.521  14.036  2.255   1.00 22.66 ? 418 ASP A OD1 1 
ATOM   752 O OD2 . ASP A 1 107 ? -9.712  13.819  1.786   1.00 24.53 ? 418 ASP A OD2 1 
ATOM   753 N N   . HIS A 1 108 ? -7.906  11.007  6.351   1.00 18.76 ? 419 HIS A N   1 
ATOM   754 C CA  . HIS A 1 108 ? -8.114  10.632  7.741   1.00 20.78 ? 419 HIS A CA  1 
ATOM   755 C C   . HIS A 1 108 ? -6.833  10.183  8.437   1.00 19.46 ? 419 HIS A C   1 
ATOM   756 O O   . HIS A 1 108 ? -6.326  9.063   8.213   1.00 16.72 ? 419 HIS A O   1 
ATOM   757 C CB  . HIS A 1 108 ? -9.159  9.537   7.766   1.00 21.26 ? 419 HIS A CB  1 
ATOM   758 C CG  . HIS A 1 108 ? -10.329 9.838   6.879   1.00 26.16 ? 419 HIS A CG  1 
ATOM   759 N ND1 . HIS A 1 108 ? -11.131 10.946  7.062   1.00 28.81 ? 419 HIS A ND1 1 
ATOM   760 C CD2 . HIS A 1 108 ? -10.826 9.187   5.799   1.00 29.22 ? 419 HIS A CD2 1 
ATOM   761 C CE1 . HIS A 1 108 ? -12.081 10.957  6.142   1.00 27.07 ? 419 HIS A CE1 1 
ATOM   762 N NE2 . HIS A 1 108 ? -11.918 9.902   5.361   1.00 29.29 ? 419 HIS A NE2 1 
ATOM   763 N N   . GLU A 1 109 ? -6.328  11.057  9.299   1.00 19.20 ? 420 GLU A N   1 
ATOM   764 C CA  . GLU A 1 109 ? -5.025  10.854  9.933   1.00 20.95 ? 420 GLU A CA  1 
ATOM   765 C C   . GLU A 1 109 ? -4.934  9.508   10.678  1.00 19.03 ? 420 GLU A C   1 
ATOM   766 O O   . GLU A 1 109 ? -3.945  8.751   10.548  1.00 18.47 ? 420 GLU A O   1 
ATOM   767 C CB  . GLU A 1 109 ? -4.695  12.031  10.899  1.00 21.81 ? 420 GLU A CB  1 
ATOM   768 C CG  . GLU A 1 109 ? -3.193  12.082  11.221  1.00 27.73 ? 420 GLU A CG  1 
ATOM   769 C CD  . GLU A 1 109 ? -2.796  13.127  12.271  1.00 34.69 ? 420 GLU A CD  1 
ATOM   770 O OE1 . GLU A 1 109 ? -3.695  13.666  12.970  1.00 38.69 ? 420 GLU A OE1 1 
ATOM   771 O OE2 . GLU A 1 109 ? -1.571  13.387  12.404  1.00 37.53 ? 420 GLU A OE2 1 
ATOM   772 N N   . THR A 1 110 ? -5.973  9.191   11.429  1.00 18.90 ? 421 THR A N   1 
ATOM   773 C CA  . THR A 1 110 ? -5.993  7.938   12.196  1.00 19.74 ? 421 THR A CA  1 
ATOM   774 C C   . THR A 1 110 ? -5.881  6.687   11.301  1.00 18.79 ? 421 THR A C   1 
ATOM   775 O O   . THR A 1 110 ? -5.254  5.664   11.683  1.00 17.56 ? 421 THR A O   1 
ATOM   776 C CB  . THR A 1 110 ? -7.256  7.877   13.094  1.00 20.56 ? 421 THR A CB  1 
ATOM   777 O OG1 . THR A 1 110 ? -7.127  8.904   14.093  1.00 25.41 ? 421 THR A OG1 1 
ATOM   778 C CG2 . THR A 1 110 ? -7.315  6.576   13.846  1.00 24.49 ? 421 THR A CG2 1 
ATOM   779 N N   . GLU A 1 111 ? -6.500  6.750   10.130  1.00 17.45 ? 422 GLU A N   1 
ATOM   780 C CA  . GLU A 1 111 ? -6.439  5.605   9.209   1.00 18.31 ? 422 GLU A CA  1 
ATOM   781 C C   . GLU A 1 111 ? -5.051  5.459   8.683   1.00 16.70 ? 422 GLU A C   1 
ATOM   782 O O   . GLU A 1 111 ? -4.478  4.381   8.739   1.00 16.09 ? 422 GLU A O   1 
ATOM   783 C CB  . GLU A 1 111 ? -7.434  5.738   8.034   1.00 19.34 ? 422 GLU A CB  1 
ATOM   784 C CG  . GLU A 1 111 ? -8.880  5.448   8.426   1.00 26.80 ? 422 GLU A CG  1 
ATOM   785 C CD  . GLU A 1 111 ? -9.070  4.044   8.969   1.00 33.60 ? 422 GLU A CD  1 
ATOM   786 O OE1 . GLU A 1 111 ? -8.440  3.095   8.435   1.00 37.93 ? 422 GLU A OE1 1 
ATOM   787 O OE2 . GLU A 1 111 ? -9.840  3.889   9.944   1.00 39.43 ? 422 GLU A OE2 1 
ATOM   788 N N   . LEU A 1 112 ? -4.468  6.556   8.198   1.00 16.00 ? 423 LEU A N   1 
ATOM   789 C CA  . LEU A 1 112 ? -3.092  6.473   7.674   1.00 15.36 ? 423 LEU A CA  1 
ATOM   790 C C   . LEU A 1 112 ? -2.093  6.054   8.751   1.00 15.23 ? 423 LEU A C   1 
ATOM   791 O O   . LEU A 1 112 ? -1.199  5.244   8.523   1.00 13.36 ? 423 LEU A O   1 
ATOM   792 C CB  . LEU A 1 112 ? -2.693  7.754   6.896   1.00 16.72 ? 423 LEU A CB  1 
ATOM   793 C CG  . LEU A 1 112 ? -1.451  7.455   6.037   1.00 18.93 ? 423 LEU A CG  1 
ATOM   794 C CD1 . LEU A 1 112 ? -1.787  6.545   4.883   1.00 13.59 ? 423 LEU A CD1 1 
ATOM   795 C CD2 . LEU A 1 112 ? -0.722  8.676   5.563   1.00 23.01 ? 423 LEU A CD2 1 
ATOM   796 N N   . ARG A 1 113 ? -2.263  6.582   9.960   1.00 13.66 ? 424 ARG A N   1 
ATOM   797 C CA  . ARG A 1 113 ? -1.454  6.161   11.101  1.00 13.57 ? 424 ARG A CA  1 
ATOM   798 C C   . ARG A 1 113 ? -1.474  4.652   11.314  1.00 12.38 ? 424 ARG A C   1 
ATOM   799 O O   . ARG A 1 113 ? -0.424  4.012   11.486  1.00 13.19 ? 424 ARG A O   1 
ATOM   800 C CB  . ARG A 1 113 ? -2.002  6.888   12.360  1.00 12.16 ? 424 ARG A CB  1 
ATOM   801 C CG  . ARG A 1 113 ? -1.119  6.663   13.656  1.00 16.02 ? 424 ARG A CG  1 
ATOM   802 C CD  . ARG A 1 113 ? -1.745  7.476   14.801  1.00 16.26 ? 424 ARG A CD  1 
ATOM   803 N NE  . ARG A 1 113 ? -1.650  8.915   14.477  1.00 19.56 ? 424 ARG A NE  1 
ATOM   804 C CZ  . ARG A 1 113 ? -2.549  9.847   14.790  1.00 21.54 ? 424 ARG A CZ  1 
ATOM   805 N NH1 . ARG A 1 113 ? -3.624  9.552   15.489  1.00 22.65 ? 424 ARG A NH1 1 
ATOM   806 N NH2 . ARG A 1 113 ? -2.356  11.102  14.401  1.00 23.58 ? 424 ARG A NH2 1 
ATOM   807 N N   . ALA A 1 114 ? -2.662  4.068   11.336  1.00 12.04 ? 425 ALA A N   1 
ATOM   808 C CA  . ALA A 1 114 ? -2.789  2.615   11.528  1.00 11.96 ? 425 ALA A CA  1 
ATOM   809 C C   . ALA A 1 114 ? -2.046  1.834   10.431  1.00 11.60 ? 425 ALA A C   1 
ATOM   810 O O   . ALA A 1 114 ? -1.406  0.813   10.688  1.00 12.87 ? 425 ALA A O   1 
ATOM   811 C CB  . ALA A 1 114 ? -4.317  2.205   11.585  1.00 12.66 ? 425 ALA A CB  1 
ATOM   812 N N   . TRP A 1 115 ? -2.103  2.336   9.213   1.00 11.76 ? 426 TRP A N   1 
ATOM   813 C CA  . TRP A 1 115 ? -1.455  1.694   8.055   1.00 12.09 ? 426 TRP A CA  1 
ATOM   814 C C   . TRP A 1 115 ? 0.063   1.754   8.194   1.00 11.77 ? 426 TRP A C   1 
ATOM   815 O O   . TRP A 1 115 ? 0.767   0.765   7.966   1.00 11.25 ? 426 TRP A O   1 
ATOM   816 C CB  . TRP A 1 115 ? -1.900  2.420   6.772   1.00 13.39 ? 426 TRP A CB  1 
ATOM   817 C CG  . TRP A 1 115 ? -3.147  1.820   6.177   1.00 13.83 ? 426 TRP A CG  1 
ATOM   818 C CD1 . TRP A 1 115 ? -4.402  2.330   6.228   1.00 15.91 ? 426 TRP A CD1 1 
ATOM   819 C CD2 . TRP A 1 115 ? -3.233  0.610   5.390   1.00 13.73 ? 426 TRP A CD2 1 
ATOM   820 N NE1 . TRP A 1 115 ? -5.280  1.509   5.554   1.00 14.26 ? 426 TRP A NE1 1 
ATOM   821 C CE2 . TRP A 1 115 ? -4.589  0.448   5.024   1.00 14.13 ? 426 TRP A CE2 1 
ATOM   822 C CE3 . TRP A 1 115 ? -2.301  -0.339  4.969   1.00 13.56 ? 426 TRP A CE3 1 
ATOM   823 C CZ2 . TRP A 1 115 ? -5.052  -0.645  4.238   1.00 13.89 ? 426 TRP A CZ2 1 
ATOM   824 C CZ3 . TRP A 1 115 ? -2.758  -1.451  4.186   1.00 15.33 ? 426 TRP A CZ3 1 
ATOM   825 C CH2 . TRP A 1 115 ? -4.115  -1.594  3.852   1.00 13.96 ? 426 TRP A CH2 1 
ATOM   826 N N   . HIS A 1 116 ? 0.563   2.897   8.626   1.00 11.71 ? 427 HIS A N   1 
ATOM   827 C CA  . HIS A 1 116 ? 1.988   3.068   8.852   1.00 11.97 ? 427 HIS A CA  1 
ATOM   828 C C   . HIS A 1 116 ? 2.449   2.038   9.891   1.00 12.45 ? 427 HIS A C   1 
ATOM   829 O O   . HIS A 1 116 ? 3.474   1.372   9.683   1.00 12.51 ? 427 HIS A O   1 
ATOM   830 C CB  . HIS A 1 116 ? 2.230   4.501   9.339   1.00 12.91 ? 427 HIS A CB  1 
ATOM   831 C CG  . HIS A 1 116 ? 3.674   4.909   9.388   1.00 13.76 ? 427 HIS A CG  1 
ATOM   832 N ND1 . HIS A 1 116 ? 4.692   4.052   9.747   1.00 18.86 ? 427 HIS A ND1 1 
ATOM   833 C CD2 . HIS A 1 116 ? 4.261   6.113   9.163   1.00 19.43 ? 427 HIS A CD2 1 
ATOM   834 C CE1 . HIS A 1 116 ? 5.847   4.699   9.715   1.00 20.06 ? 427 HIS A CE1 1 
ATOM   835 N NE2 . HIS A 1 116 ? 5.613   5.952   9.370   1.00 21.67 ? 427 HIS A NE2 1 
ATOM   836 N N   . ARG A 1 117 ? 1.709   1.907   11.003  1.00 12.05 ? 428 ARG A N   1 
ATOM   837 C CA  . ARG A 1 117 ? 2.141   0.972   12.089  1.00 12.57 ? 428 ARG A CA  1 
ATOM   838 C C   . ARG A 1 117 ? 2.088   -0.479  11.627  1.00 13.58 ? 428 ARG A C   1 
ATOM   839 O O   . ARG A 1 117 ? 2.985   -1.282  11.912  1.00 14.51 ? 428 ARG A O   1 
ATOM   840 C CB  . ARG A 1 117 ? 1.249   1.149   13.349  1.00 13.52 ? 428 ARG A CB  1 
ATOM   841 C CG  . ARG A 1 117 ? 1.448   2.497   13.999  1.00 15.41 ? 428 ARG A CG  1 
ATOM   842 C CD  . ARG A 1 117 ? 1.100   2.394   15.516  1.00 20.46 ? 428 ARG A CD  1 
ATOM   843 N NE  . ARG A 1 117 ? 1.945   3.384   16.128  1.00 28.96 ? 428 ARG A NE  1 
ATOM   844 C CZ  . ARG A 1 117 ? 3.120   3.177   16.703  1.00 20.14 ? 428 ARG A CZ  1 
ATOM   845 N NH1 . ARG A 1 117 ? 3.656   1.960   16.942  1.00 19.71 ? 428 ARG A NH1 1 
ATOM   846 N NH2 . ARG A 1 117 ? 3.720   4.240   17.112  1.00 26.27 ? 428 ARG A NH2 1 
ATOM   847 N N   . ALA A 1 118 ? 1.025   -0.815  10.901  1.00 13.73 ? 429 ALA A N   1 
ATOM   848 C CA  . ALA A 1 118 ? 0.846   -2.155  10.368  1.00 12.66 ? 429 ALA A CA  1 
ATOM   849 C C   . ALA A 1 118 ? 1.884   -2.552  9.343   1.00 13.72 ? 429 ALA A C   1 
ATOM   850 O O   . ALA A 1 118 ? 2.341   -3.698  9.331   1.00 12.79 ? 429 ALA A O   1 
ATOM   851 C CB  . ALA A 1 118 ? -0.537  -2.296  9.775   1.00 14.01 ? 429 ALA A CB  1 
ATOM   852 N N   . LEU A 1 119 ? 2.211   -1.628  8.428   1.00 13.48 ? 430 LEU A N   1 
ATOM   853 C CA  . LEU A 1 119 ? 3.200   -1.902  7.407   1.00 13.85 ? 430 LEU A CA  1 
ATOM   854 C C   . LEU A 1 119 ? 4.542   -2.134  8.063   1.00 13.53 ? 430 LEU A C   1 
ATOM   855 O O   . LEU A 1 119 ? 5.295   -2.997  7.649   1.00 13.73 ? 430 LEU A O   1 
ATOM   856 C CB  . LEU A 1 119 ? 3.360   -0.687  6.449   1.00 12.43 ? 430 LEU A CB  1 
ATOM   857 C CG  . LEU A 1 119 ? 2.271   -0.673  5.356   1.00 15.52 ? 430 LEU A CG  1 
ATOM   858 C CD1 . LEU A 1 119 ? 2.077   0.742   4.794   1.00 16.28 ? 430 LEU A CD1 1 
ATOM   859 C CD2 . LEU A 1 119 ? 2.586   -1.694  4.245   1.00 18.13 ? 430 LEU A CD2 1 
ATOM   860 N N   . ARG A 1 120 ? 4.872   -1.307  9.050   1.00 12.27 ? 431 ARG A N   1 
ATOM   861 C CA  . ARG A 1 120 ? 6.178   -1.421  9.711   1.00 13.57 ? 431 ARG A CA  1 
ATOM   862 C C   . ARG A 1 120 ? 6.246   -2.767  10.390  1.00 13.74 ? 431 ARG A C   1 
ATOM   863 O O   . ARG A 1 120 ? 7.268   -3.448  10.301  1.00 13.31 ? 431 ARG A O   1 
ATOM   864 C CB  . ARG A 1 120 ? 6.387   -0.299  10.749  1.00 14.49 ? 431 ARG A CB  1 
ATOM   865 C CG  . ARG A 1 120 ? 7.673   -0.410  11.574  1.00 16.16 ? 431 ARG A CG  1 
ATOM   866 C CD  . ARG A 1 120 ? 7.525   0.409   12.920  1.00 19.44 ? 431 ARG A CD  1 
ATOM   867 N NE  . ARG A 1 120 ? 7.549   1.812   12.646  1.00 24.56 ? 431 ARG A NE  1 
ATOM   868 C CZ  . ARG A 1 120 ? 6.657   2.720   13.036  1.00 19.43 ? 431 ARG A CZ  1 
ATOM   869 N NH1 . ARG A 1 120 ? 5.581   2.439   13.808  1.00 18.49 ? 431 ARG A NH1 1 
ATOM   870 N NH2 . ARG A 1 120 ? 6.886   3.950   12.643  1.00 22.65 ? 431 ARG A NH2 1 
ATOM   871 N N   . THR A 1 121 ? 5.165   -3.162  11.055  1.00 15.33 ? 432 THR A N   1 
ATOM   872 C CA  . THR A 1 121 ? 5.139   -4.473  11.740  1.00 17.06 ? 432 THR A CA  1 
ATOM   873 C C   . THR A 1 121 ? 5.349   -5.627  10.791  1.00 16.43 ? 432 THR A C   1 
ATOM   874 O O   . THR A 1 121 ? 6.163   -6.523  11.070  1.00 15.68 ? 432 THR A O   1 
ATOM   875 C CB  . THR A 1 121 ? 3.806   -4.659  12.509  1.00 19.17 ? 432 THR A CB  1 
ATOM   876 O OG1 . THR A 1 121 ? 3.806   -3.734  13.594  1.00 21.74 ? 432 THR A OG1 1 
ATOM   877 C CG2 . THR A 1 121 ? 3.657   -6.061  13.049  1.00 21.27 ? 432 THR A CG2 1 
ATOM   878 N N   . VAL A 1 122 ? 4.648   -5.595  9.654   1.00 14.21 ? 433 VAL A N   1 
ATOM   879 C CA  . VAL A 1 122 ? 4.836   -6.658  8.631   1.00 15.03 ? 433 VAL A CA  1 
ATOM   880 C C   . VAL A 1 122 ? 6.287   -6.682  8.133   1.00 14.52 ? 433 VAL A C   1 
ATOM   881 O O   . VAL A 1 122 ? 6.920   -7.743  8.039   1.00 15.81 ? 433 VAL A O   1 
ATOM   882 C CB  . VAL A 1 122 ? 3.810   -6.508  7.474   1.00 12.46 ? 433 VAL A CB  1 
ATOM   883 C CG1 . VAL A 1 122 ? 4.206   -7.364  6.227   1.00 14.40 ? 433 VAL A CG1 1 
ATOM   884 C CG2 . VAL A 1 122 ? 2.456   -6.923  7.952   1.00 15.11 ? 433 VAL A CG2 1 
ATOM   885 N N   . ILE A 1 123 ? 6.800   -5.507  7.784   1.00 15.14 ? 434 ILE A N   1 
ATOM   886 C CA  . ILE A 1 123 ? 8.155   -5.412  7.263   1.00 14.66 ? 434 ILE A CA  1 
ATOM   887 C C   . ILE A 1 123 ? 9.208   -5.923  8.252   1.00 15.58 ? 434 ILE A C   1 
ATOM   888 O O   . ILE A 1 123 ? 10.109  -6.645  7.858   1.00 17.11 ? 434 ILE A O   1 
ATOM   889 C CB  . ILE A 1 123 ? 8.482   -3.997  6.792   1.00 14.40 ? 434 ILE A CB  1 
ATOM   890 C CG1 . ILE A 1 123 ? 7.603   -3.667  5.582   1.00 12.34 ? 434 ILE A CG1 1 
ATOM   891 C CG2 . ILE A 1 123 ? 9.990   -3.886  6.488   1.00 16.02 ? 434 ILE A CG2 1 
ATOM   892 C CD1 . ILE A 1 123 ? 7.546   -2.143  5.168   1.00 16.50 ? 434 ILE A CD1 1 
ATOM   893 N N   . GLU A 1 124 ? 9.117   -5.505  9.512   1.00 15.69 ? 435 GLU A N   1 
ATOM   894 C CA  . GLU A 1 124 ? 10.043  -5.966  10.562  1.00 17.20 ? 435 GLU A CA  1 
ATOM   895 C C   . GLU A 1 124 ? 10.043  -7.471  10.725  1.00 18.83 ? 435 GLU A C   1 
ATOM   896 O O   . GLU A 1 124 ? 11.099  -8.077  10.960  1.00 20.01 ? 435 GLU A O   1 
ATOM   897 C CB  . GLU A 1 124 ? 9.679   -5.309  11.896  1.00 16.43 ? 435 GLU A CB  1 
ATOM   898 C CG  . GLU A 1 124 ? 10.138  -3.863  11.938  1.00 15.86 ? 435 GLU A CG  1 
ATOM   899 C CD  . GLU A 1 124 ? 9.743   -3.090  13.205  1.00 21.89 ? 435 GLU A CD  1 
ATOM   900 O OE1 . GLU A 1 124 ? 8.961   -3.603  14.055  1.00 25.56 ? 435 GLU A OE1 1 
ATOM   901 O OE2 . GLU A 1 124 ? 10.220  -1.941  13.302  1.00 24.09 ? 435 GLU A OE2 1 
ATOM   902 N N   . ARG A 1 125 ? 8.864   -8.067  10.684  1.00 20.78 ? 436 ARG A N   1 
ATOM   903 C CA  . ARG A 1 125 ? 8.751   -9.525  10.827  1.00 23.64 ? 436 ARG A CA  1 
ATOM   904 C C   . ARG A 1 125 ? 9.403   -10.284 9.660   1.00 24.87 ? 436 ARG A C   1 
ATOM   905 O O   . ARG A 1 125 ? 9.614   -11.486 9.750   1.00 26.06 ? 436 ARG A O   1 
ATOM   906 C CB  . ARG A 1 125 ? 7.285   -9.952  10.953  1.00 23.76 ? 436 ARG A CB  1 
ATOM   907 C CG  . ARG A 1 125 ? 6.585   -9.499  12.234  1.00 26.90 ? 436 ARG A CG  1 
ATOM   908 C CD  . ARG A 1 125 ? 5.452   -10.430 12.619  1.00 35.04 ? 436 ARG A CD  1 
ATOM   909 N NE  . ARG A 1 125 ? 4.184   -10.114 11.977  1.00 39.59 ? 436 ARG A NE  1 
ATOM   910 C CZ  . ARG A 1 125 ? 3.137   -9.571  12.600  1.00 40.92 ? 436 ARG A CZ  1 
ATOM   911 N NH1 . ARG A 1 125 ? 3.203   -9.252  13.891  1.00 42.32 ? 436 ARG A NH1 1 
ATOM   912 N NH2 . ARG A 1 125 ? 2.025   -9.329  11.918  1.00 41.78 ? 436 ARG A NH2 1 
ATOM   913 N N   . LEU A 1 126 ? 9.668   -9.601  8.549   1.00 25.51 ? 437 LEU A N   1 
ATOM   914 C CA  . LEU A 1 126 ? 10.246  -10.261 7.372   1.00 26.44 ? 437 LEU A CA  1 
ATOM   915 C C   . LEU A 1 126 ? 11.761  -10.273 7.417   1.00 28.43 ? 437 LEU A C   1 
ATOM   916 O O   . LEU A 1 126 ? 12.393  -11.073 6.734   1.00 29.66 ? 437 LEU A O   1 
ATOM   917 C CB  . LEU A 1 126 ? 9.720   -9.655  6.053   1.00 25.51 ? 437 LEU A CB  1 
ATOM   918 C CG  . LEU A 1 126 ? 8.254   -9.984  5.730   1.00 21.11 ? 437 LEU A CG  1 
ATOM   919 C CD1 . LEU A 1 126 ? 7.740   -9.146  4.541   1.00 20.90 ? 437 LEU A CD1 1 
ATOM   920 C CD2 . LEU A 1 126 ? 8.087   -11.467 5.418   1.00 22.77 ? 437 LEU A CD2 1 
ATOM   921 N N   . VAL A 1 127 ? 12.337  -9.401  8.243   1.00 30.60 ? 438 VAL A N   1 
ATOM   922 C CA  . VAL A 1 127 ? 13.786  -9.366  8.476   1.00 33.00 ? 438 VAL A CA  1 
ATOM   923 C C   . VAL A 1 127 ? 14.257  -10.671 9.120   1.00 33.93 ? 438 VAL A C   1 
ATOM   924 O O   . VAL A 1 127 ? 15.222  -11.289 8.646   1.00 36.37 ? 438 VAL A O   1 
ATOM   925 C CB  . VAL A 1 127 ? 14.200  -8.192  9.398   1.00 32.96 ? 438 VAL A CB  1 
ATOM   926 C CG1 . VAL A 1 127 ? 15.680  -8.292  9.776   1.00 34.47 ? 438 VAL A CG1 1 
ATOM   927 C CG2 . VAL A 1 127 ? 13.906  -6.849  8.739   1.00 33.47 ? 438 VAL A CG2 1 
HETATM 928 P P   . PO4 B 2 .   ? 0.630   16.216  -4.558  1.00 31.77 ? 101 PO4 A P   1 
HETATM 929 O O1  . PO4 B 2 .   ? -0.879  16.266  -4.415  1.00 30.36 ? 101 PO4 A O1  1 
HETATM 930 O O2  . PO4 B 2 .   ? 1.195   14.877  -4.078  1.00 23.37 ? 101 PO4 A O2  1 
HETATM 931 O O3  . PO4 B 2 .   ? 1.031   16.479  -6.008  1.00 35.51 ? 101 PO4 A O3  1 
HETATM 932 O O4  . PO4 B 2 .   ? 1.252   17.266  -3.676  1.00 31.14 ? 101 PO4 A O4  1 
HETATM 933 O O   . HOH C 3 .   ? 10.675  -4.988  -0.904  1.00 14.26 ? 1   HOH A O   1 
HETATM 934 O O   . HOH C 3 .   ? 12.061  -6.798  5.713   1.00 17.89 ? 2   HOH A O   1 
HETATM 935 O O   . HOH C 3 .   ? 0.155   6.183   -9.944  1.00 19.58 ? 3   HOH A O   1 
HETATM 936 O O   . HOH C 3 .   ? 8.157   19.335  1.792   1.00 18.62 ? 4   HOH A O   1 
HETATM 937 O O   . HOH C 3 .   ? -3.936  13.915  3.656   1.00 21.12 ? 5   HOH A O   1 
HETATM 938 O O   . HOH C 3 .   ? -3.913  17.014  2.274   1.00 18.95 ? 6   HOH A O   1 
HETATM 939 O O   . HOH C 3 .   ? 6.131   -6.319  -7.967  1.00 33.19 ? 7   HOH A O   1 
HETATM 940 O O   . HOH C 3 .   ? 10.834  4.697   2.091   1.00 21.19 ? 8   HOH A O   1 
HETATM 941 O O   . HOH C 3 .   ? 14.162  -1.548  -14.093 1.00 24.97 ? 9   HOH A O   1 
HETATM 942 O O   . HOH C 3 .   ? 5.281   -10.197 8.181   1.00 22.16 ? 10  HOH A O   1 
HETATM 943 O O   . HOH C 3 .   ? 11.440  -0.690  11.786  1.00 39.01 ? 11  HOH A O   1 
HETATM 944 O O   . HOH C 3 .   ? -8.227  -4.560  -9.800  1.00 23.11 ? 12  HOH A O   1 
HETATM 945 O O   . HOH C 3 .   ? -2.154  -0.771  12.896  1.00 20.92 ? 13  HOH A O   1 
HETATM 946 O O   . HOH C 3 .   ? -8.334  -4.396  8.151   1.00 26.30 ? 14  HOH A O   1 
HETATM 947 O O   . HOH C 3 .   ? 4.521   -0.420  14.092  1.00 22.58 ? 15  HOH A O   1 
HETATM 948 O O   . HOH C 3 .   ? -8.060  2.221   5.428   1.00 45.91 ? 16  HOH A O   1 
HETATM 949 O O   . HOH C 3 .   ? 0.634   -12.619 0.310   1.00 27.11 ? 17  HOH A O   1 
HETATM 950 O O   . HOH C 3 .   ? -9.026  -11.299 -5.054  1.00 24.26 ? 18  HOH A O   1 
HETATM 951 O O   . HOH C 3 .   ? 11.452  1.131   7.035   1.00 26.08 ? 19  HOH A O   1 
HETATM 952 O O   . HOH C 3 .   ? -3.207  5.167   -8.425  1.00 39.66 ? 20  HOH A O   1 
HETATM 953 O O   . HOH C 3 .   ? 13.467  3.279   -7.130  1.00 23.82 ? 21  HOH A O   1 
HETATM 954 O O   . HOH C 3 .   ? -5.985  14.913  8.614   1.00 27.69 ? 22  HOH A O   1 
HETATM 955 O O   . HOH C 3 .   ? -4.651  5.163   14.220  1.00 20.78 ? 23  HOH A O   1 
HETATM 956 O O   . HOH C 3 .   ? 9.255   12.081  1.747   1.00 28.23 ? 24  HOH A O   1 
HETATM 957 O O   . HOH C 3 .   ? -5.182  -14.812 3.003   1.00 31.59 ? 25  HOH A O   1 
HETATM 958 O O   . HOH C 3 .   ? 12.670  8.277   -3.537  1.00 42.90 ? 26  HOH A O   1 
HETATM 959 O O   . HOH C 3 .   ? 8.698   4.156   9.972   1.00 36.44 ? 27  HOH A O   1 
HETATM 960 O O   . HOH C 3 .   ? 16.282  -3.346  2.111   1.00 45.08 ? 28  HOH A O   1 
HETATM 961 O O   . HOH C 3 .   ? -17.709 -2.890  -0.508  1.00 47.56 ? 29  HOH A O   1 
HETATM 962 O O   . HOH C 3 .   ? -4.632  -1.744  11.980  1.00 29.89 ? 30  HOH A O   1 
HETATM 963 O O   . HOH C 3 .   ? -8.429  -0.434  7.504   1.00 26.04 ? 31  HOH A O   1 
HETATM 964 O O   . HOH C 3 .   ? -10.815 12.394  9.476   1.00 38.01 ? 32  HOH A O   1 
HETATM 965 O O   . HOH C 3 .   ? 2.351   7.215   -11.634 1.00 26.50 ? 33  HOH A O   1 
HETATM 966 O O   . HOH C 3 .   ? 3.465   18.990  -4.006  1.00 23.32 ? 34  HOH A O   1 
HETATM 967 O O   . HOH C 3 .   ? 2.410   -6.611  -9.866  1.00 23.66 ? 35  HOH A O   1 
HETATM 968 O O   . HOH C 3 .   ? 9.690   3.832   12.122  1.00 34.13 ? 36  HOH A O   1 
HETATM 969 O O   . HOH C 3 .   ? -2.129  13.210  -9.634  1.00 27.70 ? 37  HOH A O   1 
HETATM 970 O O   . HOH C 3 .   ? 7.442   14.205  -5.976  1.00 36.64 ? 38  HOH A O   1 
HETATM 971 O O   . HOH C 3 .   ? 13.402  5.344   2.188   1.00 57.45 ? 39  HOH A O   1 
HETATM 972 O O   . HOH C 3 .   ? 3.178   -10.395 9.745   1.00 35.06 ? 40  HOH A O   1 
HETATM 973 O O   . HOH C 3 .   ? -9.154  -6.832  6.262   1.00 43.52 ? 41  HOH A O   1 
HETATM 974 O O   . HOH C 3 .   ? 13.286  12.638  4.465   1.00 43.71 ? 42  HOH A O   1 
HETATM 975 O O   . HOH C 3 .   ? 9.754   8.931   8.584   1.00 38.36 ? 43  HOH A O   1 
HETATM 976 O O   . HOH C 3 .   ? 13.261  -3.792  5.626   1.00 33.38 ? 44  HOH A O   1 
HETATM 977 O O   . HOH C 3 .   ? 7.253   11.450  -9.091  1.00 43.76 ? 45  HOH A O   1 
HETATM 978 O O   . HOH C 3 .   ? -1.889  18.934  -1.110  1.00 28.65 ? 46  HOH A O   1 
HETATM 979 O O   . HOH C 3 .   ? -4.151  -4.373  11.235  1.00 46.74 ? 47  HOH A O   1 
HETATM 980 O O   . HOH C 3 .   ? 10.545  -0.339  8.526   1.00 48.16 ? 48  HOH A O   1 
# 
loop_
_pdbx_poly_seq_scheme.asym_id 
_pdbx_poly_seq_scheme.entity_id 
_pdbx_poly_seq_scheme.seq_id 
_pdbx_poly_seq_scheme.mon_id 
_pdbx_poly_seq_scheme.ndb_seq_num 
_pdbx_poly_seq_scheme.pdb_seq_num 
_pdbx_poly_seq_scheme.auth_seq_num 
_pdbx_poly_seq_scheme.pdb_mon_id 
_pdbx_poly_seq_scheme.auth_mon_id 
_pdbx_poly_seq_scheme.pdb_strand_id 
_pdbx_poly_seq_scheme.pdb_ins_code 
_pdbx_poly_seq_scheme.hetero 
A 1 1   GLY 1   312 ?   ?   ?   A . n 
A 1 2   SER 2   313 ?   ?   ?   A . n 
A 1 3   ARG 3   314 ?   ?   ?   A . n 
A 1 4   ARG 4   315 ?   ?   ?   A . n 
A 1 5   ALA 5   316 ?   ?   ?   A . n 
A 1 6   SER 6   317 ?   ?   ?   A . n 
A 1 7   VAL 7   318 ?   ?   ?   A . n 
A 1 8   GLY 8   319 ?   ?   ?   A . n 
A 1 9   SER 9   320 320 SER SER A . n 
A 1 10  HIS 10  321 321 HIS HIS A . n 
A 1 11  GLU 11  322 322 GLU GLU A . n 
A 1 12  VAL 12  323 323 VAL VAL A . n 
A 1 13  GLU 13  324 324 GLU GLU A . n 
A 1 14  LYS 14  325 325 LYS LYS A . n 
A 1 15  SER 15  326 326 SER SER A . n 
A 1 16  GLY 16  327 327 GLY GLY A . n 
A 1 17  LEU 17  328 328 LEU LEU A . n 
A 1 18  LEU 18  329 329 LEU LEU A . n 
A 1 19  ASN 19  330 330 ASN ASN A . n 
A 1 20  MET 20  331 331 MET MET A . n 
A 1 21  THR 21  332 332 THR THR A . n 
A 1 22  LYS 22  333 333 LYS LYS A . n 
A 1 23  ILE 23  334 334 ILE ILE A . n 
A 1 24  ALA 24  335 335 ALA ALA A . n 
A 1 25  GLN 25  336 336 GLN GLN A . n 
A 1 26  GLY 26  337 337 GLY GLY A . n 
A 1 27  GLY 27  338 338 GLY GLY A . n 
A 1 28  ARG 28  339 339 ARG ARG A . n 
A 1 29  LYS 29  340 340 LYS LYS A . n 
A 1 30  LEU 30  341 341 LEU LEU A . n 
A 1 31  ARG 31  342 342 ARG ARG A . n 
A 1 32  LYS 32  343 343 LYS LYS A . n 
A 1 33  ASN 33  344 344 ASN ASN A . n 
A 1 34  TRP 34  345 345 TRP TRP A . n 
A 1 35  GLY 35  346 346 GLY GLY A . n 
A 1 36  PRO 36  347 347 PRO PRO A . n 
A 1 37  SER 37  348 348 SER SER A . n 
A 1 38  TRP 38  349 349 TRP TRP A . n 
A 1 39  VAL 39  350 350 VAL VAL A . n 
A 1 40  VAL 40  351 351 VAL VAL A . n 
A 1 41  LEU 41  352 352 LEU LEU A . n 
A 1 42  THR 42  353 353 THR THR A . n 
A 1 43  GLY 43  354 354 GLY GLY A . n 
A 1 44  ASN 44  355 355 ASN ASN A . n 
A 1 45  SER 45  356 356 SER SER A . n 
A 1 46  LEU 46  357 357 LEU LEU A . n 
A 1 47  VAL 47  358 358 VAL VAL A . n 
A 1 48  PHE 48  359 359 PHE PHE A . n 
A 1 49  TYR 49  360 360 TYR TYR A . n 
A 1 50  ARG 50  361 361 ARG ARG A . n 
A 1 51  GLU 51  362 362 GLU GLU A . n 
A 1 52  PRO 52  363 363 PRO PRO A . n 
A 1 53  PRO 53  364 364 PRO PRO A . n 
A 1 54  PRO 54  365 365 PRO PRO A . n 
A 1 55  THR 55  366 366 THR THR A . n 
A 1 56  ALA 56  367 367 ALA ALA A . n 
A 1 57  PRO 57  368 368 PRO PRO A . n 
A 1 58  SER 58  369 369 SER SER A . n 
A 1 59  SER 59  370 370 SER SER A . n 
A 1 60  GLY 60  371 371 GLY GLY A . n 
A 1 61  TRP 61  372 372 TRP TRP A . n 
A 1 62  GLY 62  373 373 GLY GLY A . n 
A 1 63  PRO 63  374 374 PRO PRO A . n 
A 1 64  ALA 64  375 375 ALA ALA A . n 
A 1 65  GLY 65  376 376 GLY GLY A . n 
A 1 66  SER 66  377 377 SER SER A . n 
A 1 67  ARG 67  378 378 ARG ARG A . n 
A 1 68  PRO 68  379 379 PRO PRO A . n 
A 1 69  GLU 69  380 380 GLU GLU A . n 
A 1 70  SER 70  381 381 SER SER A . n 
A 1 71  SER 71  382 382 SER SER A . n 
A 1 72  VAL 72  383 383 VAL VAL A . n 
A 1 73  ASP 73  384 384 ASP ASP A . n 
A 1 74  LEU 74  385 385 LEU LEU A . n 
A 1 75  ARG 75  386 386 ARG ARG A . n 
A 1 76  GLY 76  387 387 GLY GLY A . n 
A 1 77  ALA 77  388 388 ALA ALA A . n 
A 1 78  ALA 78  389 389 ALA ALA A . n 
A 1 79  LEU 79  390 390 LEU LEU A . n 
A 1 80  ALA 80  391 391 ALA ALA A . n 
A 1 81  HIS 81  392 392 HIS HIS A . n 
A 1 82  GLY 82  393 393 GLY GLY A . n 
A 1 83  ARG 83  394 394 ARG ARG A . n 
A 1 84  HIS 84  395 395 HIS HIS A . n 
A 1 85  LEU 85  396 396 LEU LEU A . n 
A 1 86  SER 86  397 397 SER SER A . n 
A 1 87  SER 87  398 398 SER SER A . n 
A 1 88  ARG 88  399 399 ARG ARG A . n 
A 1 89  ARG 89  400 400 ARG ARG A . n 
A 1 90  ASN 90  401 401 ASN ASN A . n 
A 1 91  VAL 91  402 402 VAL VAL A . n 
A 1 92  LEU 92  403 403 LEU LEU A . n 
A 1 93  HIS 93  404 404 HIS HIS A . n 
A 1 94  ILE 94  405 405 ILE ILE A . n 
A 1 95  ARG 95  406 406 ARG ARG A . n 
A 1 96  THR 96  407 407 THR THR A . n 
A 1 97  ILE 97  408 408 ILE ILE A . n 
A 1 98  PRO 98  409 409 PRO PRO A . n 
A 1 99  GLY 99  410 410 GLY GLY A . n 
A 1 100 HIS 100 411 411 HIS HIS A . n 
A 1 101 GLU 101 412 412 GLU GLU A . n 
A 1 102 PHE 102 413 413 PHE PHE A . n 
A 1 103 LEU 103 414 414 LEU LEU A . n 
A 1 104 LEU 104 415 415 LEU LEU A . n 
A 1 105 GLN 105 416 416 GLN GLN A . n 
A 1 106 SER 106 417 417 SER SER A . n 
A 1 107 ASP 107 418 418 ASP ASP A . n 
A 1 108 HIS 108 419 419 HIS HIS A . n 
A 1 109 GLU 109 420 420 GLU GLU A . n 
A 1 110 THR 110 421 421 THR THR A . n 
A 1 111 GLU 111 422 422 GLU GLU A . n 
A 1 112 LEU 112 423 423 LEU LEU A . n 
A 1 113 ARG 113 424 424 ARG ARG A . n 
A 1 114 ALA 114 425 425 ALA ALA A . n 
A 1 115 TRP 115 426 426 TRP TRP A . n 
A 1 116 HIS 116 427 427 HIS HIS A . n 
A 1 117 ARG 117 428 428 ARG ARG A . n 
A 1 118 ALA 118 429 429 ALA ALA A . n 
A 1 119 LEU 119 430 430 LEU LEU A . n 
A 1 120 ARG 120 431 431 ARG ARG A . n 
A 1 121 THR 121 432 432 THR THR A . n 
A 1 122 VAL 122 433 433 VAL VAL A . n 
A 1 123 ILE 123 434 434 ILE ILE A . n 
A 1 124 GLU 124 435 435 GLU GLU A . n 
A 1 125 ARG 125 436 436 ARG ARG A . n 
A 1 126 LEU 126 437 437 LEU LEU A . n 
A 1 127 VAL 127 438 438 VAL VAL A . n 
A 1 128 ARG 128 439 ?   ?   ?   A . n 
A 1 129 TRP 129 440 ?   ?   ?   A . n 
# 
loop_
_pdbx_nonpoly_scheme.asym_id 
_pdbx_nonpoly_scheme.entity_id 
_pdbx_nonpoly_scheme.mon_id 
_pdbx_nonpoly_scheme.ndb_seq_num 
_pdbx_nonpoly_scheme.pdb_seq_num 
_pdbx_nonpoly_scheme.auth_seq_num 
_pdbx_nonpoly_scheme.pdb_mon_id 
_pdbx_nonpoly_scheme.auth_mon_id 
_pdbx_nonpoly_scheme.pdb_strand_id 
_pdbx_nonpoly_scheme.pdb_ins_code 
B 2 PO4 1  101 101 PO4 PO4 A . 
C 3 HOH 1  1   1   HOH HOH A . 
C 3 HOH 2  2   2   HOH HOH A . 
C 3 HOH 3  3   3   HOH HOH A . 
C 3 HOH 4  4   4   HOH HOH A . 
C 3 HOH 5  5   5   HOH HOH A . 
C 3 HOH 6  6   6   HOH HOH A . 
C 3 HOH 7  7   7   HOH HOH A . 
C 3 HOH 8  8   8   HOH HOH A . 
C 3 HOH 9  9   9   HOH HOH A . 
C 3 HOH 10 10  10  HOH HOH A . 
C 3 HOH 11 11  11  HOH HOH A . 
C 3 HOH 12 12  12  HOH HOH A . 
C 3 HOH 13 13  13  HOH HOH A . 
C 3 HOH 14 14  14  HOH HOH A . 
C 3 HOH 15 15  15  HOH HOH A . 
C 3 HOH 16 16  16  HOH HOH A . 
C 3 HOH 17 17  17  HOH HOH A . 
C 3 HOH 18 18  18  HOH HOH A . 
C 3 HOH 19 19  19  HOH HOH A . 
C 3 HOH 20 20  20  HOH HOH A . 
C 3 HOH 21 21  21  HOH HOH A . 
C 3 HOH 22 22  22  HOH HOH A . 
C 3 HOH 23 23  23  HOH HOH A . 
C 3 HOH 24 24  24  HOH HOH A . 
C 3 HOH 25 25  25  HOH HOH A . 
C 3 HOH 26 26  26  HOH HOH A . 
C 3 HOH 27 27  27  HOH HOH A . 
C 3 HOH 28 28  28  HOH HOH A . 
C 3 HOH 29 29  29  HOH HOH A . 
C 3 HOH 30 30  30  HOH HOH A . 
C 3 HOH 31 31  31  HOH HOH A . 
C 3 HOH 32 32  32  HOH HOH A . 
C 3 HOH 33 33  33  HOH HOH A . 
C 3 HOH 34 34  34  HOH HOH A . 
C 3 HOH 35 35  35  HOH HOH A . 
C 3 HOH 36 36  36  HOH HOH A . 
C 3 HOH 37 37  37  HOH HOH A . 
C 3 HOH 38 38  38  HOH HOH A . 
C 3 HOH 39 39  39  HOH HOH A . 
C 3 HOH 40 40  40  HOH HOH A . 
C 3 HOH 41 41  41  HOH HOH A . 
C 3 HOH 42 42  42  HOH HOH A . 
C 3 HOH 43 43  43  HOH HOH A . 
C 3 HOH 44 44  44  HOH HOH A . 
C 3 HOH 45 45  45  HOH HOH A . 
C 3 HOH 46 46  46  HOH HOH A . 
C 3 HOH 47 47  47  HOH HOH A . 
C 3 HOH 48 48  48  HOH HOH A . 
# 
_pdbx_struct_assembly.id                   1 
_pdbx_struct_assembly.details              author_defined_assembly 
_pdbx_struct_assembly.method_details       ? 
_pdbx_struct_assembly.oligomeric_details   monomeric 
_pdbx_struct_assembly.oligomeric_count     1 
# 
_pdbx_struct_assembly_gen.assembly_id       1 
_pdbx_struct_assembly_gen.oper_expression   1 
_pdbx_struct_assembly_gen.asym_id_list      A,B,C 
# 
_pdbx_struct_oper_list.id                   1 
_pdbx_struct_oper_list.type                 'identity operation' 
_pdbx_struct_oper_list.name                 1_555 
_pdbx_struct_oper_list.symmetry_operation   x,y,z 
_pdbx_struct_oper_list.matrix[1][1]         1.0000000000 
_pdbx_struct_oper_list.matrix[1][2]         0.0000000000 
_pdbx_struct_oper_list.matrix[1][3]         0.0000000000 
_pdbx_struct_oper_list.vector[1]            0.0000000000 
_pdbx_struct_oper_list.matrix[2][1]         0.0000000000 
_pdbx_struct_oper_list.matrix[2][2]         1.0000000000 
_pdbx_struct_oper_list.matrix[2][3]         0.0000000000 
_pdbx_struct_oper_list.vector[2]            0.0000000000 
_pdbx_struct_oper_list.matrix[3][1]         0.0000000000 
_pdbx_struct_oper_list.matrix[3][2]         0.0000000000 
_pdbx_struct_oper_list.matrix[3][3]         1.0000000000 
_pdbx_struct_oper_list.vector[3]            0.0000000000 
# 
loop_
_pdbx_audit_revision_history.ordinal 
_pdbx_audit_revision_history.data_content_type 
_pdbx_audit_revision_history.major_revision 
_pdbx_audit_revision_history.minor_revision 
_pdbx_audit_revision_history.revision_date 
1 'Structure model' 1 0 2007-03-27 
2 'Structure model' 1 1 2008-05-01 
3 'Structure model' 1 2 2011-07-13 
4 'Structure model' 1 3 2017-10-18 
5 'Structure model' 1 4 2023-08-30 
# 
_pdbx_audit_revision_details.ordinal             1 
_pdbx_audit_revision_details.revision_ordinal    1 
_pdbx_audit_revision_details.data_content_type   'Structure model' 
_pdbx_audit_revision_details.provider            repository 
_pdbx_audit_revision_details.type                'Initial release' 
_pdbx_audit_revision_details.description         ? 
_pdbx_audit_revision_details.details             ? 
# 
loop_
_pdbx_audit_revision_group.ordinal 
_pdbx_audit_revision_group.revision_ordinal 
_pdbx_audit_revision_group.data_content_type 
_pdbx_audit_revision_group.group 
1 2 'Structure model' 'Version format compliance' 
2 3 'Structure model' 'Version format compliance' 
3 4 'Structure model' 'Refinement description'    
4 5 'Structure model' 'Data collection'           
5 5 'Structure model' 'Database references'       
6 5 'Structure model' 'Derived calculations'      
7 5 'Structure model' 'Refinement description'    
# 
loop_
_pdbx_audit_revision_category.ordinal 
_pdbx_audit_revision_category.revision_ordinal 
_pdbx_audit_revision_category.data_content_type 
_pdbx_audit_revision_category.category 
1 4 'Structure model' software                      
2 5 'Structure model' chem_comp_atom                
3 5 'Structure model' chem_comp_bond                
4 5 'Structure model' database_2                    
5 5 'Structure model' pdbx_initial_refinement_model 
6 5 'Structure model' struct_ref_seq_dif            
7 5 'Structure model' struct_site                   
# 
loop_
_pdbx_audit_revision_item.ordinal 
_pdbx_audit_revision_item.revision_ordinal 
_pdbx_audit_revision_item.data_content_type 
_pdbx_audit_revision_item.item 
1  4 'Structure model' '_software.classification'            
2  4 'Structure model' '_software.contact_author'            
3  4 'Structure model' '_software.contact_author_email'      
4  4 'Structure model' '_software.date'                      
5  4 'Structure model' '_software.language'                  
6  4 'Structure model' '_software.location'                  
7  4 'Structure model' '_software.name'                      
8  4 'Structure model' '_software.type'                      
9  4 'Structure model' '_software.version'                   
10 5 'Structure model' '_database_2.pdbx_DOI'                
11 5 'Structure model' '_database_2.pdbx_database_accession' 
12 5 'Structure model' '_struct_ref_seq_dif.details'         
13 5 'Structure model' '_struct_site.pdbx_auth_asym_id'      
14 5 'Structure model' '_struct_site.pdbx_auth_comp_id'      
15 5 'Structure model' '_struct_site.pdbx_auth_seq_id'       
# 
loop_
_software.name 
_software.version 
_software.date 
_software.type 
_software.contact_author 
_software.contact_author_email 
_software.classification 
_software.location 
_software.language 
_software.citation_id 
_software.pdbx_ordinal 
DENZO       .        ?                package 'Zbyszek Otwinowski' zbyszek@mix.swmed.edu       'data reduction'  
http://www.lnls.br/infra/linhasluz/denzo-hkl.htm ?          ? 1 
SCALEPACK   .        ?                package 'Zbyszek Otwinowski' zbyszek@mix.swmed.edu       'data scaling'    
http://www.lnls.br/infra/linhasluz/denzo-hkl.htm ?          ? 2 
PHASER      .        ?                other   'R. J. Read'         cimr-phaser@lists.cam.ac.uk phasing           
http://www-structmed.cimr.cam.ac.uk/phaser/      ?          ? 3 
REFMAC      5.2.0019 ?                program 'Murshudov, G.N.'    ccp4@dl.ac.uk               refinement        
http://www.ccp4.ac.uk/main.html                  Fortran_77 ? 4 
PDB_EXTRACT 2.000    'April. 3, 2006' package PDB                  sw-help@rcsb.rutgers.edu    'data extraction' 
http://pdb.rutgers.edu/software/                 C++        ? 5 
HKL-2000    .        ?                ?       ?                    ?                           'data collection' ? ?          ? 6 
HKL-2000    .        ?                ?       ?                    ?                           'data reduction'  ? ?          ? 7 
# 
_pdbx_validate_symm_contact.id                1 
_pdbx_validate_symm_contact.PDB_model_num     1 
_pdbx_validate_symm_contact.auth_atom_id_1    O 
_pdbx_validate_symm_contact.auth_asym_id_1    A 
_pdbx_validate_symm_contact.auth_comp_id_1    ARG 
_pdbx_validate_symm_contact.auth_seq_id_1     399 
_pdbx_validate_symm_contact.PDB_ins_code_1    ? 
_pdbx_validate_symm_contact.label_alt_id_1    ? 
_pdbx_validate_symm_contact.site_symmetry_1   1_555 
_pdbx_validate_symm_contact.auth_atom_id_2    NH2 
_pdbx_validate_symm_contact.auth_asym_id_2    A 
_pdbx_validate_symm_contact.auth_comp_id_2    ARG 
_pdbx_validate_symm_contact.auth_seq_id_2     428 
_pdbx_validate_symm_contact.PDB_ins_code_2    ? 
_pdbx_validate_symm_contact.label_alt_id_2    ? 
_pdbx_validate_symm_contact.site_symmetry_2   3_545 
_pdbx_validate_symm_contact.dist              2.01 
# 
loop_
_pdbx_validate_rmsd_angle.id 
_pdbx_validate_rmsd_angle.PDB_model_num 
_pdbx_validate_rmsd_angle.auth_atom_id_1 
_pdbx_validate_rmsd_angle.auth_asym_id_1 
_pdbx_validate_rmsd_angle.auth_comp_id_1 
_pdbx_validate_rmsd_angle.auth_seq_id_1 
_pdbx_validate_rmsd_angle.PDB_ins_code_1 
_pdbx_validate_rmsd_angle.label_alt_id_1 
_pdbx_validate_rmsd_angle.auth_atom_id_2 
_pdbx_validate_rmsd_angle.auth_asym_id_2 
_pdbx_validate_rmsd_angle.auth_comp_id_2 
_pdbx_validate_rmsd_angle.auth_seq_id_2 
_pdbx_validate_rmsd_angle.PDB_ins_code_2 
_pdbx_validate_rmsd_angle.label_alt_id_2 
_pdbx_validate_rmsd_angle.auth_atom_id_3 
_pdbx_validate_rmsd_angle.auth_asym_id_3 
_pdbx_validate_rmsd_angle.auth_comp_id_3 
_pdbx_validate_rmsd_angle.auth_seq_id_3 
_pdbx_validate_rmsd_angle.PDB_ins_code_3 
_pdbx_validate_rmsd_angle.label_alt_id_3 
_pdbx_validate_rmsd_angle.angle_value 
_pdbx_validate_rmsd_angle.angle_target_value 
_pdbx_validate_rmsd_angle.angle_deviation 
_pdbx_validate_rmsd_angle.angle_standard_deviation 
_pdbx_validate_rmsd_angle.linker_flag 
1 1 CA A LEU 403 ? ? CB A LEU 403 ? ? CG  A LEU 403 ? ? 130.00 115.30 14.70 2.30 N 
2 1 NE A ARG 428 ? ? CZ A ARG 428 ? ? NH1 A ARG 428 ? ? 124.70 120.30 4.40  0.50 N 
3 1 NE A ARG 428 ? ? CZ A ARG 428 ? ? NH2 A ARG 428 ? ? 115.02 120.30 -5.28 0.50 N 
4 1 NE A ARG 431 ? ? CZ A ARG 431 ? ? NH1 A ARG 431 ? ? 123.97 120.30 3.67  0.50 N 
5 1 NE A ARG 431 ? ? CZ A ARG 431 ? ? NH2 A ARG 431 ? ? 115.80 120.30 -4.50 0.50 N 
# 
loop_
_pdbx_unobs_or_zero_occ_atoms.id 
_pdbx_unobs_or_zero_occ_atoms.PDB_model_num 
_pdbx_unobs_or_zero_occ_atoms.polymer_flag 
_pdbx_unobs_or_zero_occ_atoms.occupancy_flag 
_pdbx_unobs_or_zero_occ_atoms.auth_asym_id 
_pdbx_unobs_or_zero_occ_atoms.auth_comp_id 
_pdbx_unobs_or_zero_occ_atoms.auth_seq_id 
_pdbx_unobs_or_zero_occ_atoms.PDB_ins_code 
_pdbx_unobs_or_zero_occ_atoms.auth_atom_id 
_pdbx_unobs_or_zero_occ_atoms.label_alt_id 
_pdbx_unobs_or_zero_occ_atoms.label_asym_id 
_pdbx_unobs_or_zero_occ_atoms.label_comp_id 
_pdbx_unobs_or_zero_occ_atoms.label_seq_id 
_pdbx_unobs_or_zero_occ_atoms.label_atom_id 
1  1 Y 1 A ARG 361 ? CG  ? A ARG 50 CG  
2  1 Y 1 A ARG 361 ? CD  ? A ARG 50 CD  
3  1 Y 1 A ARG 361 ? NE  ? A ARG 50 NE  
4  1 Y 1 A ARG 361 ? CZ  ? A ARG 50 CZ  
5  1 Y 1 A ARG 361 ? NH1 ? A ARG 50 NH1 
6  1 Y 1 A ARG 361 ? NH2 ? A ARG 50 NH2 
7  1 Y 1 A ARG 378 ? CG  ? A ARG 67 CG  
8  1 Y 1 A ARG 378 ? CD  ? A ARG 67 CD  
9  1 Y 1 A ARG 378 ? NE  ? A ARG 67 NE  
10 1 Y 1 A ARG 378 ? CZ  ? A ARG 67 CZ  
11 1 Y 1 A ARG 378 ? NH1 ? A ARG 67 NH1 
12 1 Y 1 A ARG 378 ? NH2 ? A ARG 67 NH2 
# 
loop_
_pdbx_unobs_or_zero_occ_residues.id 
_pdbx_unobs_or_zero_occ_residues.PDB_model_num 
_pdbx_unobs_or_zero_occ_residues.polymer_flag 
_pdbx_unobs_or_zero_occ_residues.occupancy_flag 
_pdbx_unobs_or_zero_occ_residues.auth_asym_id 
_pdbx_unobs_or_zero_occ_residues.auth_comp_id 
_pdbx_unobs_or_zero_occ_residues.auth_seq_id 
_pdbx_unobs_or_zero_occ_residues.PDB_ins_code 
_pdbx_unobs_or_zero_occ_residues.label_asym_id 
_pdbx_unobs_or_zero_occ_residues.label_comp_id 
_pdbx_unobs_or_zero_occ_residues.label_seq_id 
1  1 Y 1 A GLY 312 ? A GLY 1   
2  1 Y 1 A SER 313 ? A SER 2   
3  1 Y 1 A ARG 314 ? A ARG 3   
4  1 Y 1 A ARG 315 ? A ARG 4   
5  1 Y 1 A ALA 316 ? A ALA 5   
6  1 Y 1 A SER 317 ? A SER 6   
7  1 Y 1 A VAL 318 ? A VAL 7   
8  1 Y 1 A GLY 319 ? A GLY 8   
9  1 Y 1 A ARG 439 ? A ARG 128 
10 1 Y 1 A TRP 440 ? A TRP 129 
# 
loop_
_chem_comp_atom.comp_id 
_chem_comp_atom.atom_id 
_chem_comp_atom.type_symbol 
_chem_comp_atom.pdbx_aromatic_flag 
_chem_comp_atom.pdbx_stereo_config 
_chem_comp_atom.pdbx_ordinal 
ALA N    N N N 1   
ALA CA   C N S 2   
ALA C    C N N 3   
ALA O    O N N 4   
ALA CB   C N N 5   
ALA OXT  O N N 6   
ALA H    H N N 7   
ALA H2   H N N 8   
ALA HA   H N N 9   
ALA HB1  H N N 10  
ALA HB2  H N N 11  
ALA HB3  H N N 12  
ALA HXT  H N N 13  
ARG N    N N N 14  
ARG CA   C N S 15  
ARG C    C N N 16  
ARG O    O N N 17  
ARG CB   C N N 18  
ARG CG   C N N 19  
ARG CD   C N N 20  
ARG NE   N N N 21  
ARG CZ   C N N 22  
ARG NH1  N N N 23  
ARG NH2  N N N 24  
ARG OXT  O N N 25  
ARG H    H N N 26  
ARG H2   H N N 27  
ARG HA   H N N 28  
ARG HB2  H N N 29  
ARG HB3  H N N 30  
ARG HG2  H N N 31  
ARG HG3  H N N 32  
ARG HD2  H N N 33  
ARG HD3  H N N 34  
ARG HE   H N N 35  
ARG HH11 H N N 36  
ARG HH12 H N N 37  
ARG HH21 H N N 38  
ARG HH22 H N N 39  
ARG HXT  H N N 40  
ASN N    N N N 41  
ASN CA   C N S 42  
ASN C    C N N 43  
ASN O    O N N 44  
ASN CB   C N N 45  
ASN CG   C N N 46  
ASN OD1  O N N 47  
ASN ND2  N N N 48  
ASN OXT  O N N 49  
ASN H    H N N 50  
ASN H2   H N N 51  
ASN HA   H N N 52  
ASN HB2  H N N 53  
ASN HB3  H N N 54  
ASN HD21 H N N 55  
ASN HD22 H N N 56  
ASN HXT  H N N 57  
ASP N    N N N 58  
ASP CA   C N S 59  
ASP C    C N N 60  
ASP O    O N N 61  
ASP CB   C N N 62  
ASP CG   C N N 63  
ASP OD1  O N N 64  
ASP OD2  O N N 65  
ASP OXT  O N N 66  
ASP H    H N N 67  
ASP H2   H N N 68  
ASP HA   H N N 69  
ASP HB2  H N N 70  
ASP HB3  H N N 71  
ASP HD2  H N N 72  
ASP HXT  H N N 73  
GLN N    N N N 74  
GLN CA   C N S 75  
GLN C    C N N 76  
GLN O    O N N 77  
GLN CB   C N N 78  
GLN CG   C N N 79  
GLN CD   C N N 80  
GLN OE1  O N N 81  
GLN NE2  N N N 82  
GLN OXT  O N N 83  
GLN H    H N N 84  
GLN H2   H N N 85  
GLN HA   H N N 86  
GLN HB2  H N N 87  
GLN HB3  H N N 88  
GLN HG2  H N N 89  
GLN HG3  H N N 90  
GLN HE21 H N N 91  
GLN HE22 H N N 92  
GLN HXT  H N N 93  
GLU N    N N N 94  
GLU CA   C N S 95  
GLU C    C N N 96  
GLU O    O N N 97  
GLU CB   C N N 98  
GLU CG   C N N 99  
GLU CD   C N N 100 
GLU OE1  O N N 101 
GLU OE2  O N N 102 
GLU OXT  O N N 103 
GLU H    H N N 104 
GLU H2   H N N 105 
GLU HA   H N N 106 
GLU HB2  H N N 107 
GLU HB3  H N N 108 
GLU HG2  H N N 109 
GLU HG3  H N N 110 
GLU HE2  H N N 111 
GLU HXT  H N N 112 
GLY N    N N N 113 
GLY CA   C N N 114 
GLY C    C N N 115 
GLY O    O N N 116 
GLY OXT  O N N 117 
GLY H    H N N 118 
GLY H2   H N N 119 
GLY HA2  H N N 120 
GLY HA3  H N N 121 
GLY HXT  H N N 122 
HIS N    N N N 123 
HIS CA   C N S 124 
HIS C    C N N 125 
HIS O    O N N 126 
HIS CB   C N N 127 
HIS CG   C Y N 128 
HIS ND1  N Y N 129 
HIS CD2  C Y N 130 
HIS CE1  C Y N 131 
HIS NE2  N Y N 132 
HIS OXT  O N N 133 
HIS H    H N N 134 
HIS H2   H N N 135 
HIS HA   H N N 136 
HIS HB2  H N N 137 
HIS HB3  H N N 138 
HIS HD1  H N N 139 
HIS HD2  H N N 140 
HIS HE1  H N N 141 
HIS HE2  H N N 142 
HIS HXT  H N N 143 
HOH O    O N N 144 
HOH H1   H N N 145 
HOH H2   H N N 146 
ILE N    N N N 147 
ILE CA   C N S 148 
ILE C    C N N 149 
ILE O    O N N 150 
ILE CB   C N S 151 
ILE CG1  C N N 152 
ILE CG2  C N N 153 
ILE CD1  C N N 154 
ILE OXT  O N N 155 
ILE H    H N N 156 
ILE H2   H N N 157 
ILE HA   H N N 158 
ILE HB   H N N 159 
ILE HG12 H N N 160 
ILE HG13 H N N 161 
ILE HG21 H N N 162 
ILE HG22 H N N 163 
ILE HG23 H N N 164 
ILE HD11 H N N 165 
ILE HD12 H N N 166 
ILE HD13 H N N 167 
ILE HXT  H N N 168 
LEU N    N N N 169 
LEU CA   C N S 170 
LEU C    C N N 171 
LEU O    O N N 172 
LEU CB   C N N 173 
LEU CG   C N N 174 
LEU CD1  C N N 175 
LEU CD2  C N N 176 
LEU OXT  O N N 177 
LEU H    H N N 178 
LEU H2   H N N 179 
LEU HA   H N N 180 
LEU HB2  H N N 181 
LEU HB3  H N N 182 
LEU HG   H N N 183 
LEU HD11 H N N 184 
LEU HD12 H N N 185 
LEU HD13 H N N 186 
LEU HD21 H N N 187 
LEU HD22 H N N 188 
LEU HD23 H N N 189 
LEU HXT  H N N 190 
LYS N    N N N 191 
LYS CA   C N S 192 
LYS C    C N N 193 
LYS O    O N N 194 
LYS CB   C N N 195 
LYS CG   C N N 196 
LYS CD   C N N 197 
LYS CE   C N N 198 
LYS NZ   N N N 199 
LYS OXT  O N N 200 
LYS H    H N N 201 
LYS H2   H N N 202 
LYS HA   H N N 203 
LYS HB2  H N N 204 
LYS HB3  H N N 205 
LYS HG2  H N N 206 
LYS HG3  H N N 207 
LYS HD2  H N N 208 
LYS HD3  H N N 209 
LYS HE2  H N N 210 
LYS HE3  H N N 211 
LYS HZ1  H N N 212 
LYS HZ2  H N N 213 
LYS HZ3  H N N 214 
LYS HXT  H N N 215 
MET N    N N N 216 
MET CA   C N S 217 
MET C    C N N 218 
MET O    O N N 219 
MET CB   C N N 220 
MET CG   C N N 221 
MET SD   S N N 222 
MET CE   C N N 223 
MET OXT  O N N 224 
MET H    H N N 225 
MET H2   H N N 226 
MET HA   H N N 227 
MET HB2  H N N 228 
MET HB3  H N N 229 
MET HG2  H N N 230 
MET HG3  H N N 231 
MET HE1  H N N 232 
MET HE2  H N N 233 
MET HE3  H N N 234 
MET HXT  H N N 235 
PHE N    N N N 236 
PHE CA   C N S 237 
PHE C    C N N 238 
PHE O    O N N 239 
PHE CB   C N N 240 
PHE CG   C Y N 241 
PHE CD1  C Y N 242 
PHE CD2  C Y N 243 
PHE CE1  C Y N 244 
PHE CE2  C Y N 245 
PHE CZ   C Y N 246 
PHE OXT  O N N 247 
PHE H    H N N 248 
PHE H2   H N N 249 
PHE HA   H N N 250 
PHE HB2  H N N 251 
PHE HB3  H N N 252 
PHE HD1  H N N 253 
PHE HD2  H N N 254 
PHE HE1  H N N 255 
PHE HE2  H N N 256 
PHE HZ   H N N 257 
PHE HXT  H N N 258 
PO4 P    P N N 259 
PO4 O1   O N N 260 
PO4 O2   O N N 261 
PO4 O3   O N N 262 
PO4 O4   O N N 263 
PRO N    N N N 264 
PRO CA   C N S 265 
PRO C    C N N 266 
PRO O    O N N 267 
PRO CB   C N N 268 
PRO CG   C N N 269 
PRO CD   C N N 270 
PRO OXT  O N N 271 
PRO H    H N N 272 
PRO HA   H N N 273 
PRO HB2  H N N 274 
PRO HB3  H N N 275 
PRO HG2  H N N 276 
PRO HG3  H N N 277 
PRO HD2  H N N 278 
PRO HD3  H N N 279 
PRO HXT  H N N 280 
SER N    N N N 281 
SER CA   C N S 282 
SER C    C N N 283 
SER O    O N N 284 
SER CB   C N N 285 
SER OG   O N N 286 
SER OXT  O N N 287 
SER H    H N N 288 
SER H2   H N N 289 
SER HA   H N N 290 
SER HB2  H N N 291 
SER HB3  H N N 292 
SER HG   H N N 293 
SER HXT  H N N 294 
THR N    N N N 295 
THR CA   C N S 296 
THR C    C N N 297 
THR O    O N N 298 
THR CB   C N R 299 
THR OG1  O N N 300 
THR CG2  C N N 301 
THR OXT  O N N 302 
THR H    H N N 303 
THR H2   H N N 304 
THR HA   H N N 305 
THR HB   H N N 306 
THR HG1  H N N 307 
THR HG21 H N N 308 
THR HG22 H N N 309 
THR HG23 H N N 310 
THR HXT  H N N 311 
TRP N    N N N 312 
TRP CA   C N S 313 
TRP C    C N N 314 
TRP O    O N N 315 
TRP CB   C N N 316 
TRP CG   C Y N 317 
TRP CD1  C Y N 318 
TRP CD2  C Y N 319 
TRP NE1  N Y N 320 
TRP CE2  C Y N 321 
TRP CE3  C Y N 322 
TRP CZ2  C Y N 323 
TRP CZ3  C Y N 324 
TRP CH2  C Y N 325 
TRP OXT  O N N 326 
TRP H    H N N 327 
TRP H2   H N N 328 
TRP HA   H N N 329 
TRP HB2  H N N 330 
TRP HB3  H N N 331 
TRP HD1  H N N 332 
TRP HE1  H N N 333 
TRP HE3  H N N 334 
TRP HZ2  H N N 335 
TRP HZ3  H N N 336 
TRP HH2  H N N 337 
TRP HXT  H N N 338 
TYR N    N N N 339 
TYR CA   C N S 340 
TYR C    C N N 341 
TYR O    O N N 342 
TYR CB   C N N 343 
TYR CG   C Y N 344 
TYR CD1  C Y N 345 
TYR CD2  C Y N 346 
TYR CE1  C Y N 347 
TYR CE2  C Y N 348 
TYR CZ   C Y N 349 
TYR OH   O N N 350 
TYR OXT  O N N 351 
TYR H    H N N 352 
TYR H2   H N N 353 
TYR HA   H N N 354 
TYR HB2  H N N 355 
TYR HB3  H N N 356 
TYR HD1  H N N 357 
TYR HD2  H N N 358 
TYR HE1  H N N 359 
TYR HE2  H N N 360 
TYR HH   H N N 361 
TYR HXT  H N N 362 
VAL N    N N N 363 
VAL CA   C N S 364 
VAL C    C N N 365 
VAL O    O N N 366 
VAL CB   C N N 367 
VAL CG1  C N N 368 
VAL CG2  C N N 369 
VAL OXT  O N N 370 
VAL H    H N N 371 
VAL H2   H N N 372 
VAL HA   H N N 373 
VAL HB   H N N 374 
VAL HG11 H N N 375 
VAL HG12 H N N 376 
VAL HG13 H N N 377 
VAL HG21 H N N 378 
VAL HG22 H N N 379 
VAL HG23 H N N 380 
VAL HXT  H N N 381 
# 
loop_
_chem_comp_bond.comp_id 
_chem_comp_bond.atom_id_1 
_chem_comp_bond.atom_id_2 
_chem_comp_bond.value_order 
_chem_comp_bond.pdbx_aromatic_flag 
_chem_comp_bond.pdbx_stereo_config 
_chem_comp_bond.pdbx_ordinal 
ALA N   CA   sing N N 1   
ALA N   H    sing N N 2   
ALA N   H2   sing N N 3   
ALA CA  C    sing N N 4   
ALA CA  CB   sing N N 5   
ALA CA  HA   sing N N 6   
ALA C   O    doub N N 7   
ALA C   OXT  sing N N 8   
ALA CB  HB1  sing N N 9   
ALA CB  HB2  sing N N 10  
ALA CB  HB3  sing N N 11  
ALA OXT HXT  sing N N 12  
ARG N   CA   sing N N 13  
ARG N   H    sing N N 14  
ARG N   H2   sing N N 15  
ARG CA  C    sing N N 16  
ARG CA  CB   sing N N 17  
ARG CA  HA   sing N N 18  
ARG C   O    doub N N 19  
ARG C   OXT  sing N N 20  
ARG CB  CG   sing N N 21  
ARG CB  HB2  sing N N 22  
ARG CB  HB3  sing N N 23  
ARG CG  CD   sing N N 24  
ARG CG  HG2  sing N N 25  
ARG CG  HG3  sing N N 26  
ARG CD  NE   sing N N 27  
ARG CD  HD2  sing N N 28  
ARG CD  HD3  sing N N 29  
ARG NE  CZ   sing N N 30  
ARG NE  HE   sing N N 31  
ARG CZ  NH1  sing N N 32  
ARG CZ  NH2  doub N N 33  
ARG NH1 HH11 sing N N 34  
ARG NH1 HH12 sing N N 35  
ARG NH2 HH21 sing N N 36  
ARG NH2 HH22 sing N N 37  
ARG OXT HXT  sing N N 38  
ASN N   CA   sing N N 39  
ASN N   H    sing N N 40  
ASN N   H2   sing N N 41  
ASN CA  C    sing N N 42  
ASN CA  CB   sing N N 43  
ASN CA  HA   sing N N 44  
ASN C   O    doub N N 45  
ASN C   OXT  sing N N 46  
ASN CB  CG   sing N N 47  
ASN CB  HB2  sing N N 48  
ASN CB  HB3  sing N N 49  
ASN CG  OD1  doub N N 50  
ASN CG  ND2  sing N N 51  
ASN ND2 HD21 sing N N 52  
ASN ND2 HD22 sing N N 53  
ASN OXT HXT  sing N N 54  
ASP N   CA   sing N N 55  
ASP N   H    sing N N 56  
ASP N   H2   sing N N 57  
ASP CA  C    sing N N 58  
ASP CA  CB   sing N N 59  
ASP CA  HA   sing N N 60  
ASP C   O    doub N N 61  
ASP C   OXT  sing N N 62  
ASP CB  CG   sing N N 63  
ASP CB  HB2  sing N N 64  
ASP CB  HB3  sing N N 65  
ASP CG  OD1  doub N N 66  
ASP CG  OD2  sing N N 67  
ASP OD2 HD2  sing N N 68  
ASP OXT HXT  sing N N 69  
GLN N   CA   sing N N 70  
GLN N   H    sing N N 71  
GLN N   H2   sing N N 72  
GLN CA  C    sing N N 73  
GLN CA  CB   sing N N 74  
GLN CA  HA   sing N N 75  
GLN C   O    doub N N 76  
GLN C   OXT  sing N N 77  
GLN CB  CG   sing N N 78  
GLN CB  HB2  sing N N 79  
GLN CB  HB3  sing N N 80  
GLN CG  CD   sing N N 81  
GLN CG  HG2  sing N N 82  
GLN CG  HG3  sing N N 83  
GLN CD  OE1  doub N N 84  
GLN CD  NE2  sing N N 85  
GLN NE2 HE21 sing N N 86  
GLN NE2 HE22 sing N N 87  
GLN OXT HXT  sing N N 88  
GLU N   CA   sing N N 89  
GLU N   H    sing N N 90  
GLU N   H2   sing N N 91  
GLU CA  C    sing N N 92  
GLU CA  CB   sing N N 93  
GLU CA  HA   sing N N 94  
GLU C   O    doub N N 95  
GLU C   OXT  sing N N 96  
GLU CB  CG   sing N N 97  
GLU CB  HB2  sing N N 98  
GLU CB  HB3  sing N N 99  
GLU CG  CD   sing N N 100 
GLU CG  HG2  sing N N 101 
GLU CG  HG3  sing N N 102 
GLU CD  OE1  doub N N 103 
GLU CD  OE2  sing N N 104 
GLU OE2 HE2  sing N N 105 
GLU OXT HXT  sing N N 106 
GLY N   CA   sing N N 107 
GLY N   H    sing N N 108 
GLY N   H2   sing N N 109 
GLY CA  C    sing N N 110 
GLY CA  HA2  sing N N 111 
GLY CA  HA3  sing N N 112 
GLY C   O    doub N N 113 
GLY C   OXT  sing N N 114 
GLY OXT HXT  sing N N 115 
HIS N   CA   sing N N 116 
HIS N   H    sing N N 117 
HIS N   H2   sing N N 118 
HIS CA  C    sing N N 119 
HIS CA  CB   sing N N 120 
HIS CA  HA   sing N N 121 
HIS C   O    doub N N 122 
HIS C   OXT  sing N N 123 
HIS CB  CG   sing N N 124 
HIS CB  HB2  sing N N 125 
HIS CB  HB3  sing N N 126 
HIS CG  ND1  sing Y N 127 
HIS CG  CD2  doub Y N 128 
HIS ND1 CE1  doub Y N 129 
HIS ND1 HD1  sing N N 130 
HIS CD2 NE2  sing Y N 131 
HIS CD2 HD2  sing N N 132 
HIS CE1 NE2  sing Y N 133 
HIS CE1 HE1  sing N N 134 
HIS NE2 HE2  sing N N 135 
HIS OXT HXT  sing N N 136 
HOH O   H1   sing N N 137 
HOH O   H2   sing N N 138 
ILE N   CA   sing N N 139 
ILE N   H    sing N N 140 
ILE N   H2   sing N N 141 
ILE CA  C    sing N N 142 
ILE CA  CB   sing N N 143 
ILE CA  HA   sing N N 144 
ILE C   O    doub N N 145 
ILE C   OXT  sing N N 146 
ILE CB  CG1  sing N N 147 
ILE CB  CG2  sing N N 148 
ILE CB  HB   sing N N 149 
ILE CG1 CD1  sing N N 150 
ILE CG1 HG12 sing N N 151 
ILE CG1 HG13 sing N N 152 
ILE CG2 HG21 sing N N 153 
ILE CG2 HG22 sing N N 154 
ILE CG2 HG23 sing N N 155 
ILE CD1 HD11 sing N N 156 
ILE CD1 HD12 sing N N 157 
ILE CD1 HD13 sing N N 158 
ILE OXT HXT  sing N N 159 
LEU N   CA   sing N N 160 
LEU N   H    sing N N 161 
LEU N   H2   sing N N 162 
LEU CA  C    sing N N 163 
LEU CA  CB   sing N N 164 
LEU CA  HA   sing N N 165 
LEU C   O    doub N N 166 
LEU C   OXT  sing N N 167 
LEU CB  CG   sing N N 168 
LEU CB  HB2  sing N N 169 
LEU CB  HB3  sing N N 170 
LEU CG  CD1  sing N N 171 
LEU CG  CD2  sing N N 172 
LEU CG  HG   sing N N 173 
LEU CD1 HD11 sing N N 174 
LEU CD1 HD12 sing N N 175 
LEU CD1 HD13 sing N N 176 
LEU CD2 HD21 sing N N 177 
LEU CD2 HD22 sing N N 178 
LEU CD2 HD23 sing N N 179 
LEU OXT HXT  sing N N 180 
LYS N   CA   sing N N 181 
LYS N   H    sing N N 182 
LYS N   H2   sing N N 183 
LYS CA  C    sing N N 184 
LYS CA  CB   sing N N 185 
LYS CA  HA   sing N N 186 
LYS C   O    doub N N 187 
LYS C   OXT  sing N N 188 
LYS CB  CG   sing N N 189 
LYS CB  HB2  sing N N 190 
LYS CB  HB3  sing N N 191 
LYS CG  CD   sing N N 192 
LYS CG  HG2  sing N N 193 
LYS CG  HG3  sing N N 194 
LYS CD  CE   sing N N 195 
LYS CD  HD2  sing N N 196 
LYS CD  HD3  sing N N 197 
LYS CE  NZ   sing N N 198 
LYS CE  HE2  sing N N 199 
LYS CE  HE3  sing N N 200 
LYS NZ  HZ1  sing N N 201 
LYS NZ  HZ2  sing N N 202 
LYS NZ  HZ3  sing N N 203 
LYS OXT HXT  sing N N 204 
MET N   CA   sing N N 205 
MET N   H    sing N N 206 
MET N   H2   sing N N 207 
MET CA  C    sing N N 208 
MET CA  CB   sing N N 209 
MET CA  HA   sing N N 210 
MET C   O    doub N N 211 
MET C   OXT  sing N N 212 
MET CB  CG   sing N N 213 
MET CB  HB2  sing N N 214 
MET CB  HB3  sing N N 215 
MET CG  SD   sing N N 216 
MET CG  HG2  sing N N 217 
MET CG  HG3  sing N N 218 
MET SD  CE   sing N N 219 
MET CE  HE1  sing N N 220 
MET CE  HE2  sing N N 221 
MET CE  HE3  sing N N 222 
MET OXT HXT  sing N N 223 
PHE N   CA   sing N N 224 
PHE N   H    sing N N 225 
PHE N   H2   sing N N 226 
PHE CA  C    sing N N 227 
PHE CA  CB   sing N N 228 
PHE CA  HA   sing N N 229 
PHE C   O    doub N N 230 
PHE C   OXT  sing N N 231 
PHE CB  CG   sing N N 232 
PHE CB  HB2  sing N N 233 
PHE CB  HB3  sing N N 234 
PHE CG  CD1  doub Y N 235 
PHE CG  CD2  sing Y N 236 
PHE CD1 CE1  sing Y N 237 
PHE CD1 HD1  sing N N 238 
PHE CD2 CE2  doub Y N 239 
PHE CD2 HD2  sing N N 240 
PHE CE1 CZ   doub Y N 241 
PHE CE1 HE1  sing N N 242 
PHE CE2 CZ   sing Y N 243 
PHE CE2 HE2  sing N N 244 
PHE CZ  HZ   sing N N 245 
PHE OXT HXT  sing N N 246 
PO4 P   O1   doub N N 247 
PO4 P   O2   sing N N 248 
PO4 P   O3   sing N N 249 
PO4 P   O4   sing N N 250 
PRO N   CA   sing N N 251 
PRO N   CD   sing N N 252 
PRO N   H    sing N N 253 
PRO CA  C    sing N N 254 
PRO CA  CB   sing N N 255 
PRO CA  HA   sing N N 256 
PRO C   O    doub N N 257 
PRO C   OXT  sing N N 258 
PRO CB  CG   sing N N 259 
PRO CB  HB2  sing N N 260 
PRO CB  HB3  sing N N 261 
PRO CG  CD   sing N N 262 
PRO CG  HG2  sing N N 263 
PRO CG  HG3  sing N N 264 
PRO CD  HD2  sing N N 265 
PRO CD  HD3  sing N N 266 
PRO OXT HXT  sing N N 267 
SER N   CA   sing N N 268 
SER N   H    sing N N 269 
SER N   H2   sing N N 270 
SER CA  C    sing N N 271 
SER CA  CB   sing N N 272 
SER CA  HA   sing N N 273 
SER C   O    doub N N 274 
SER C   OXT  sing N N 275 
SER CB  OG   sing N N 276 
SER CB  HB2  sing N N 277 
SER CB  HB3  sing N N 278 
SER OG  HG   sing N N 279 
SER OXT HXT  sing N N 280 
THR N   CA   sing N N 281 
THR N   H    sing N N 282 
THR N   H2   sing N N 283 
THR CA  C    sing N N 284 
THR CA  CB   sing N N 285 
THR CA  HA   sing N N 286 
THR C   O    doub N N 287 
THR C   OXT  sing N N 288 
THR CB  OG1  sing N N 289 
THR CB  CG2  sing N N 290 
THR CB  HB   sing N N 291 
THR OG1 HG1  sing N N 292 
THR CG2 HG21 sing N N 293 
THR CG2 HG22 sing N N 294 
THR CG2 HG23 sing N N 295 
THR OXT HXT  sing N N 296 
TRP N   CA   sing N N 297 
TRP N   H    sing N N 298 
TRP N   H2   sing N N 299 
TRP CA  C    sing N N 300 
TRP CA  CB   sing N N 301 
TRP CA  HA   sing N N 302 
TRP C   O    doub N N 303 
TRP C   OXT  sing N N 304 
TRP CB  CG   sing N N 305 
TRP CB  HB2  sing N N 306 
TRP CB  HB3  sing N N 307 
TRP CG  CD1  doub Y N 308 
TRP CG  CD2  sing Y N 309 
TRP CD1 NE1  sing Y N 310 
TRP CD1 HD1  sing N N 311 
TRP CD2 CE2  doub Y N 312 
TRP CD2 CE3  sing Y N 313 
TRP NE1 CE2  sing Y N 314 
TRP NE1 HE1  sing N N 315 
TRP CE2 CZ2  sing Y N 316 
TRP CE3 CZ3  doub Y N 317 
TRP CE3 HE3  sing N N 318 
TRP CZ2 CH2  doub Y N 319 
TRP CZ2 HZ2  sing N N 320 
TRP CZ3 CH2  sing Y N 321 
TRP CZ3 HZ3  sing N N 322 
TRP CH2 HH2  sing N N 323 
TRP OXT HXT  sing N N 324 
TYR N   CA   sing N N 325 
TYR N   H    sing N N 326 
TYR N   H2   sing N N 327 
TYR CA  C    sing N N 328 
TYR CA  CB   sing N N 329 
TYR CA  HA   sing N N 330 
TYR C   O    doub N N 331 
TYR C   OXT  sing N N 332 
TYR CB  CG   sing N N 333 
TYR CB  HB2  sing N N 334 
TYR CB  HB3  sing N N 335 
TYR CG  CD1  doub Y N 336 
TYR CG  CD2  sing Y N 337 
TYR CD1 CE1  sing Y N 338 
TYR CD1 HD1  sing N N 339 
TYR CD2 CE2  doub Y N 340 
TYR CD2 HD2  sing N N 341 
TYR CE1 CZ   doub Y N 342 
TYR CE1 HE1  sing N N 343 
TYR CE2 CZ   sing Y N 344 
TYR CE2 HE2  sing N N 345 
TYR CZ  OH   sing N N 346 
TYR OH  HH   sing N N 347 
TYR OXT HXT  sing N N 348 
VAL N   CA   sing N N 349 
VAL N   H    sing N N 350 
VAL N   H2   sing N N 351 
VAL CA  C    sing N N 352 
VAL CA  CB   sing N N 353 
VAL CA  HA   sing N N 354 
VAL C   O    doub N N 355 
VAL C   OXT  sing N N 356 
VAL CB  CG1  sing N N 357 
VAL CB  CG2  sing N N 358 
VAL CB  HB   sing N N 359 
VAL CG1 HG11 sing N N 360 
VAL CG1 HG12 sing N N 361 
VAL CG1 HG13 sing N N 362 
VAL CG2 HG21 sing N N 363 
VAL CG2 HG22 sing N N 364 
VAL CG2 HG23 sing N N 365 
VAL OXT HXT  sing N N 366 
# 
loop_
_pdbx_entity_nonpoly.entity_id 
_pdbx_entity_nonpoly.name 
_pdbx_entity_nonpoly.comp_id 
2 'PHOSPHATE ION' PO4 
3 water           HOH 
# 
_pdbx_initial_refinement_model.id               1 
_pdbx_initial_refinement_model.entity_id_list   ? 
_pdbx_initial_refinement_model.type             'experimental model' 
_pdbx_initial_refinement_model.source_name      PDB 
_pdbx_initial_refinement_model.accession_code   1DRO 
_pdbx_initial_refinement_model.details          'pdb entry 1DRO' 
# 
